data_1WFE
#
_entry.id   1WFE
#
loop_
_entity.id
_entity.type
_entity.pdbx_description
1 polymer 'RIKEN cDNA 2310008M20 protein'
2 non-polymer 'ZINC ION'
#
_entity_poly.entity_id   1
_entity_poly.type   'polypeptide(L)'
_entity_poly.pdbx_seq_one_letter_code
;GSSGSSGCSEVNVVKERPKTDEHKSYSCSFKGCTDVELVAVICPYCEKNFCLRHRHQSDHDCEKLEVAKPRMAATQKLVR
SGPSSG
;
_entity_poly.pdbx_strand_id   A
#
loop_
_chem_comp.id
_chem_comp.type
_chem_comp.name
_chem_comp.formula
ZN non-polymer 'ZINC ION' 'Zn 2'
#
# COMPACT_ATOMS: atom_id res chain seq x y z
N GLY A 1 -22.61 -9.50 61.04
CA GLY A 1 -23.41 -8.71 60.13
C GLY A 1 -24.62 -9.44 59.61
N SER A 2 -25.56 -8.71 59.01
CA SER A 2 -26.77 -9.31 58.48
C SER A 2 -27.34 -8.47 57.34
N SER A 3 -27.17 -8.94 56.12
CA SER A 3 -27.66 -8.22 54.95
C SER A 3 -27.87 -9.17 53.78
N GLY A 4 -28.41 -8.63 52.68
CA GLY A 4 -28.65 -9.45 51.51
C GLY A 4 -29.20 -8.65 50.34
N SER A 5 -28.80 -9.02 49.13
CA SER A 5 -29.26 -8.32 47.93
C SER A 5 -29.48 -9.30 46.78
N SER A 6 -30.28 -8.89 45.81
CA SER A 6 -30.59 -9.73 44.66
C SER A 6 -30.34 -8.98 43.35
N GLY A 7 -30.11 -9.73 42.28
CA GLY A 7 -29.86 -9.12 40.99
C GLY A 7 -28.62 -9.68 40.32
N CYS A 8 -28.82 -10.54 39.33
CA CYS A 8 -27.72 -11.15 38.61
C CYS A 8 -28.21 -11.86 37.35
N SER A 9 -27.44 -11.75 36.26
CA SER A 9 -27.80 -12.37 35.00
C SER A 9 -26.56 -12.86 34.27
N GLU A 10 -26.73 -13.94 33.50
CA GLU A 10 -25.62 -14.51 32.74
C GLU A 10 -25.21 -13.60 31.59
N VAL A 11 -24.16 -13.99 30.87
CA VAL A 11 -23.67 -13.21 29.75
C VAL A 11 -22.55 -13.94 29.02
N ASN A 12 -22.68 -14.06 27.70
CA ASN A 12 -21.68 -14.73 26.90
C ASN A 12 -21.32 -13.91 25.66
N VAL A 13 -20.19 -13.22 25.73
CA VAL A 13 -19.74 -12.38 24.62
C VAL A 13 -18.27 -12.62 24.32
N VAL A 14 -17.97 -12.97 23.07
CA VAL A 14 -16.60 -13.23 22.65
C VAL A 14 -15.71 -12.02 22.91
N LYS A 15 -14.60 -12.23 23.60
CA LYS A 15 -13.66 -11.15 23.90
C LYS A 15 -13.65 -10.11 22.79
N GLU A 16 -13.44 -8.84 23.16
CA GLU A 16 -13.40 -7.76 22.19
C GLU A 16 -12.04 -7.68 21.51
N ARG A 17 -12.04 -7.28 20.24
CA ARG A 17 -10.80 -7.16 19.48
C ARG A 17 -10.05 -5.90 19.86
N PRO A 18 -8.74 -5.88 19.60
CA PRO A 18 -7.87 -4.74 19.90
C PRO A 18 -8.15 -3.55 18.99
N LYS A 19 -9.15 -2.75 19.35
CA LYS A 19 -9.52 -1.59 18.56
C LYS A 19 -8.28 -0.93 17.96
N THR A 20 -8.39 -0.49 16.71
CA THR A 20 -7.29 0.15 16.02
C THR A 20 -7.58 1.63 15.76
N ASP A 21 -6.73 2.50 16.28
CA ASP A 21 -6.90 3.93 16.11
C ASP A 21 -7.17 4.27 14.65
N GLU A 22 -6.27 3.86 13.77
CA GLU A 22 -6.43 4.12 12.34
C GLU A 22 -7.64 3.38 11.77
N HIS A 23 -8.17 3.90 10.67
CA HIS A 23 -9.33 3.30 10.03
C HIS A 23 -8.94 2.62 8.71
N LYS A 24 -8.15 3.33 7.91
CA LYS A 24 -7.71 2.80 6.63
C LYS A 24 -6.53 3.60 6.08
N SER A 25 -5.40 2.93 5.89
CA SER A 25 -4.20 3.59 5.38
C SER A 25 -3.63 2.83 4.19
N TYR A 26 -3.33 3.56 3.12
CA TYR A 26 -2.78 2.96 1.91
C TYR A 26 -1.29 3.25 1.78
N SER A 27 -0.52 2.23 1.41
CA SER A 27 0.93 2.37 1.26
C SER A 27 1.27 2.90 -0.13
N CYS A 28 2.32 3.70 -0.20
CA CYS A 28 2.77 4.28 -1.47
C CYS A 28 3.34 3.20 -2.38
N SER A 29 3.04 3.32 -3.68
CA SER A 29 3.52 2.35 -4.66
C SER A 29 4.75 2.89 -5.40
N PHE A 30 5.53 3.71 -4.69
CA PHE A 30 6.74 4.28 -5.28
C PHE A 30 7.99 3.56 -4.78
N LYS A 31 8.95 3.38 -5.68
CA LYS A 31 10.19 2.69 -5.33
C LYS A 31 11.06 3.58 -4.43
N GLY A 32 10.92 3.39 -3.12
CA GLY A 32 11.70 4.18 -2.17
C GLY A 32 10.83 5.07 -1.31
N CYS A 33 9.67 4.57 -0.92
CA CYS A 33 8.74 5.34 -0.09
C CYS A 33 7.94 4.42 0.82
N THR A 34 7.84 4.80 2.09
CA THR A 34 7.10 4.01 3.07
C THR A 34 6.09 4.86 3.81
N ASP A 35 5.46 5.79 3.10
CA ASP A 35 4.47 6.67 3.69
C ASP A 35 3.05 6.25 3.30
N VAL A 36 2.11 6.43 4.22
CA VAL A 36 0.71 6.07 3.96
C VAL A 36 -0.22 7.23 4.26
N GLU A 37 -1.48 7.08 3.88
CA GLU A 37 -2.48 8.13 4.11
C GLU A 37 -3.87 7.52 4.28
N LEU A 38 -4.76 8.28 4.90
CA LEU A 38 -6.13 7.82 5.14
C LEU A 38 -6.80 7.44 3.82
N VAL A 39 -6.67 8.31 2.82
CA VAL A 39 -7.26 8.06 1.52
C VAL A 39 -6.31 7.28 0.61
N ALA A 40 -6.82 6.83 -0.53
CA ALA A 40 -6.01 6.07 -1.48
C ALA A 40 -5.91 6.80 -2.81
N VAL A 41 -4.83 7.56 -2.98
CA VAL A 41 -4.60 8.30 -4.22
C VAL A 41 -4.19 7.38 -5.35
N ILE A 42 -5.13 7.08 -6.23
CA ILE A 42 -4.87 6.21 -7.38
C ILE A 42 -4.55 7.01 -8.62
N CYS A 43 -3.63 6.51 -9.44
CA CYS A 43 -3.23 7.18 -10.66
C CYS A 43 -4.06 6.67 -11.85
N PRO A 44 -4.71 7.60 -12.56
CA PRO A 44 -5.54 7.28 -13.72
C PRO A 44 -4.72 6.81 -14.91
N TYR A 45 -3.41 6.65 -14.69
CA TYR A 45 -2.50 6.21 -15.75
C TYR A 45 -2.00 4.80 -15.48
N CYS A 46 -1.26 4.65 -14.37
CA CYS A 46 -0.71 3.36 -14.00
C CYS A 46 -1.68 2.59 -13.09
N GLU A 47 -2.74 3.27 -12.67
CA GLU A 47 -3.73 2.66 -11.80
C GLU A 47 -3.09 2.11 -10.54
N LYS A 48 -2.28 2.94 -9.87
CA LYS A 48 -1.61 2.53 -8.66
C LYS A 48 -1.83 3.55 -7.54
N ASN A 49 -1.71 3.10 -6.30
CA ASN A 49 -1.90 3.97 -5.15
C ASN A 49 -0.58 4.60 -4.71
N PHE A 50 -0.61 5.91 -4.48
CA PHE A 50 0.59 6.64 -4.06
C PHE A 50 0.25 7.65 -2.97
N CYS A 51 1.29 8.27 -2.42
CA CYS A 51 1.11 9.26 -1.35
C CYS A 51 1.02 10.67 -1.94
N LEU A 52 0.32 11.55 -1.23
CA LEU A 52 0.16 12.92 -1.68
C LEU A 52 1.48 13.49 -2.19
N ARG A 53 2.56 13.16 -1.50
CA ARG A 53 3.89 13.64 -1.89
C ARG A 53 4.30 13.08 -3.24
N HIS A 54 3.86 11.85 -3.53
CA HIS A 54 4.18 11.21 -4.80
C HIS A 54 2.91 10.87 -5.57
N ARG A 55 1.92 11.74 -5.47
CA ARG A 55 0.65 11.53 -6.16
C ARG A 55 0.78 11.82 -7.65
N HIS A 56 1.59 12.81 -7.98
CA HIS A 56 1.82 13.18 -9.38
C HIS A 56 2.38 12.01 -10.17
N GLN A 57 2.25 12.07 -11.49
CA GLN A 57 2.76 11.02 -12.37
C GLN A 57 4.27 10.91 -12.28
N SER A 58 4.96 11.86 -12.91
CA SER A 58 6.42 11.88 -12.91
C SER A 58 6.96 11.72 -11.49
N ASP A 59 6.28 12.33 -10.53
CA ASP A 59 6.69 12.27 -9.13
C ASP A 59 6.99 10.84 -8.72
N HIS A 60 6.04 9.94 -9.00
CA HIS A 60 6.19 8.54 -8.65
C HIS A 60 6.77 7.75 -9.83
N ASP A 61 7.38 8.46 -10.77
CA ASP A 61 7.98 7.83 -11.93
C ASP A 61 6.95 6.98 -12.69
N CYS A 62 5.82 7.59 -13.01
CA CYS A 62 4.75 6.89 -13.71
C CYS A 62 5.31 6.07 -14.87
N GLU A 63 5.01 4.78 -14.86
CA GLU A 63 5.49 3.88 -15.92
C GLU A 63 4.84 4.22 -17.26
N LYS A 64 3.62 4.74 -17.21
CA LYS A 64 2.90 5.11 -18.41
C LYS A 64 3.58 6.27 -19.13
N LEU A 65 3.98 7.27 -18.35
CA LEU A 65 4.64 8.45 -18.90
C LEU A 65 5.57 8.07 -20.04
N GLU A 66 5.81 9.00 -20.96
CA GLU A 66 6.68 8.76 -22.10
C GLU A 66 8.11 9.20 -21.80
N VAL A 67 8.61 8.78 -20.64
CA VAL A 67 9.97 9.13 -20.22
C VAL A 67 10.67 7.96 -19.55
N ALA A 68 11.62 7.36 -20.26
CA ALA A 68 12.37 6.23 -19.73
C ALA A 68 13.33 6.66 -18.64
N LYS A 69 14.00 5.68 -18.03
CA LYS A 69 14.96 5.97 -16.96
C LYS A 69 16.24 6.59 -17.53
N PRO A 70 16.78 7.57 -16.80
CA PRO A 70 18.01 8.27 -17.22
C PRO A 70 19.24 7.38 -17.11
N ARG A 71 19.04 6.14 -16.67
CA ARG A 71 20.13 5.18 -16.52
C ARG A 71 19.77 3.84 -17.16
N MET A 72 20.77 3.19 -17.74
CA MET A 72 20.57 1.90 -18.39
C MET A 72 21.10 0.76 -17.52
N ALA A 73 20.89 -0.46 -17.96
CA ALA A 73 21.35 -1.64 -17.23
C ALA A 73 22.88 -1.71 -17.20
N ALA A 74 23.42 -2.28 -16.13
CA ALA A 74 24.86 -2.41 -15.99
C ALA A 74 25.41 -3.52 -16.88
N THR A 75 25.98 -3.13 -18.02
CA THR A 75 26.54 -4.09 -18.97
C THR A 75 28.03 -3.84 -19.18
N GLN A 76 28.85 -4.36 -18.27
CA GLN A 76 30.30 -4.20 -18.36
C GLN A 76 31.00 -5.47 -17.90
N LYS A 77 32.02 -5.88 -18.65
CA LYS A 77 32.79 -7.08 -18.33
C LYS A 77 33.55 -6.89 -17.02
N LEU A 78 33.04 -7.49 -15.95
CA LEU A 78 33.66 -7.40 -14.64
C LEU A 78 35.19 -7.46 -14.77
N VAL A 79 35.86 -6.54 -14.08
CA VAL A 79 37.32 -6.49 -14.11
C VAL A 79 37.91 -6.97 -12.80
N ARG A 80 39.10 -7.59 -12.86
CA ARG A 80 39.76 -8.09 -11.67
C ARG A 80 38.92 -9.17 -11.00
N SER A 81 38.34 -10.06 -11.81
CA SER A 81 37.51 -11.13 -11.28
C SER A 81 38.01 -12.49 -11.80
N GLY A 82 38.54 -13.30 -10.89
CA GLY A 82 39.04 -14.61 -11.27
C GLY A 82 40.29 -15.00 -10.50
N PRO A 83 40.69 -16.27 -10.61
CA PRO A 83 41.86 -16.80 -9.93
C PRO A 83 43.16 -16.24 -10.51
N SER A 84 43.95 -15.59 -9.65
CA SER A 84 45.22 -15.00 -10.07
C SER A 84 46.38 -15.92 -9.72
N SER A 85 47.11 -16.36 -10.75
CA SER A 85 48.25 -17.24 -10.55
C SER A 85 49.46 -16.47 -10.03
N GLY A 86 50.41 -17.19 -9.45
CA GLY A 86 51.60 -16.56 -8.93
C GLY A 86 52.71 -17.55 -8.63
ZN ZN B . 5.34 8.18 -1.75
ZN ZN C . 1.03 6.88 -12.61
N GLY A 1 39.21 -32.42 21.35
CA GLY A 1 38.65 -31.16 21.78
C GLY A 1 38.53 -30.15 20.66
N SER A 2 37.31 -29.70 20.40
CA SER A 2 37.06 -28.73 19.33
C SER A 2 35.69 -28.08 19.50
N SER A 3 35.66 -26.75 19.40
CA SER A 3 34.42 -26.00 19.55
C SER A 3 33.84 -25.64 18.19
N GLY A 4 32.64 -25.09 18.20
CA GLY A 4 31.99 -24.69 16.96
C GLY A 4 31.97 -23.19 16.76
N SER A 5 30.78 -22.64 16.51
CA SER A 5 30.62 -21.21 16.29
C SER A 5 29.18 -20.77 16.55
N SER A 6 29.00 -19.47 16.75
CA SER A 6 27.68 -18.92 17.00
C SER A 6 27.48 -17.59 16.29
N GLY A 7 26.25 -17.10 16.26
CA GLY A 7 25.95 -15.83 15.62
C GLY A 7 24.47 -15.56 15.53
N CYS A 8 24.11 -14.28 15.62
CA CYS A 8 22.70 -13.88 15.55
C CYS A 8 22.49 -12.79 14.51
N SER A 9 21.39 -12.87 13.79
CA SER A 9 21.08 -11.88 12.75
C SER A 9 19.65 -12.05 12.25
N GLU A 10 18.90 -10.96 12.23
CA GLU A 10 17.51 -10.98 11.78
C GLU A 10 17.43 -10.78 10.27
N VAL A 11 16.21 -10.78 9.75
CA VAL A 11 15.99 -10.59 8.31
C VAL A 11 14.60 -10.05 8.04
N ASN A 12 14.51 -9.11 7.10
CA ASN A 12 13.23 -8.52 6.74
C ASN A 12 12.13 -9.57 6.67
N VAL A 13 11.16 -9.47 7.57
CA VAL A 13 10.05 -10.42 7.62
C VAL A 13 8.92 -9.90 8.50
N VAL A 14 7.75 -9.73 7.90
CA VAL A 14 6.59 -9.24 8.64
C VAL A 14 6.48 -9.90 10.01
N LYS A 15 6.50 -9.08 11.06
CA LYS A 15 6.41 -9.59 12.42
C LYS A 15 4.98 -9.52 12.93
N GLU A 16 4.50 -10.63 13.48
CA GLU A 16 3.14 -10.70 14.01
C GLU A 16 2.80 -9.45 14.81
N ARG A 17 2.09 -8.52 14.16
CA ARG A 17 1.71 -7.27 14.81
C ARG A 17 0.19 -7.17 14.94
N PRO A 18 -0.28 -6.84 16.15
CA PRO A 18 -1.70 -6.70 16.44
C PRO A 18 -2.32 -5.48 15.74
N LYS A 19 -2.93 -5.72 14.58
CA LYS A 19 -3.56 -4.65 13.82
C LYS A 19 -4.78 -4.10 14.55
N THR A 20 -5.11 -2.84 14.30
CA THR A 20 -6.26 -2.21 14.94
C THR A 20 -7.00 -1.31 13.96
N ASP A 21 -8.22 -1.70 13.60
CA ASP A 21 -9.03 -0.93 12.67
C ASP A 21 -9.44 0.41 13.29
N GLU A 22 -8.79 1.48 12.83
CA GLU A 22 -9.08 2.82 13.34
C GLU A 22 -9.27 3.80 12.20
N HIS A 23 -8.21 3.99 11.42
CA HIS A 23 -8.25 4.92 10.28
C HIS A 23 -7.61 4.29 9.05
N LYS A 24 -8.44 3.99 8.06
CA LYS A 24 -7.96 3.37 6.81
C LYS A 24 -6.66 4.03 6.36
N SER A 25 -5.73 3.22 5.88
CA SER A 25 -4.44 3.71 5.41
C SER A 25 -3.90 2.85 4.28
N TYR A 26 -3.37 3.49 3.25
CA TYR A 26 -2.82 2.79 2.10
C TYR A 26 -1.34 3.09 1.92
N SER A 27 -0.56 2.06 1.60
CA SER A 27 0.87 2.22 1.42
C SER A 27 1.19 2.65 -0.02
N CYS A 28 2.00 3.69 -0.15
CA CYS A 28 2.38 4.20 -1.46
C CYS A 28 2.72 3.06 -2.41
N SER A 29 2.81 3.37 -3.70
CA SER A 29 3.11 2.37 -4.71
C SER A 29 4.51 2.59 -5.28
N PHE A 30 4.95 3.85 -5.29
CA PHE A 30 6.27 4.19 -5.81
C PHE A 30 7.32 3.21 -5.31
N LYS A 31 8.19 2.77 -6.21
CA LYS A 31 9.25 1.83 -5.86
C LYS A 31 10.32 2.51 -5.00
N GLY A 32 10.07 2.57 -3.70
CA GLY A 32 11.01 3.19 -2.79
C GLY A 32 10.35 4.15 -1.83
N CYS A 33 9.07 3.89 -1.52
CA CYS A 33 8.33 4.74 -0.61
C CYS A 33 7.56 3.90 0.41
N THR A 34 7.70 4.23 1.68
CA THR A 34 7.03 3.51 2.76
C THR A 34 6.10 4.43 3.54
N ASP A 35 5.51 5.40 2.85
CA ASP A 35 4.60 6.34 3.48
C ASP A 35 3.15 5.94 3.27
N VAL A 36 2.30 6.22 4.25
CA VAL A 36 0.89 5.89 4.17
C VAL A 36 0.02 7.14 4.24
N GLU A 37 -1.23 7.01 3.81
CA GLU A 37 -2.15 8.13 3.81
C GLU A 37 -3.58 7.66 4.11
N LEU A 38 -4.34 8.49 4.81
CA LEU A 38 -5.72 8.16 5.16
C LEU A 38 -6.48 7.66 3.94
N VAL A 39 -6.37 8.39 2.84
CA VAL A 39 -7.05 8.02 1.60
C VAL A 39 -6.11 7.26 0.66
N ALA A 40 -6.63 6.85 -0.48
CA ALA A 40 -5.85 6.12 -1.46
C ALA A 40 -5.78 6.87 -2.79
N VAL A 41 -4.69 7.60 -3.00
CA VAL A 41 -4.50 8.37 -4.22
C VAL A 41 -4.14 7.46 -5.38
N ILE A 42 -5.13 7.08 -6.17
CA ILE A 42 -4.90 6.21 -7.32
C ILE A 42 -4.58 7.02 -8.56
N CYS A 43 -3.65 6.50 -9.37
CA CYS A 43 -3.25 7.18 -10.60
C CYS A 43 -4.04 6.66 -11.80
N PRO A 44 -4.67 7.58 -12.53
CA PRO A 44 -5.47 7.23 -13.72
C PRO A 44 -4.60 6.76 -14.88
N TYR A 45 -3.31 6.61 -14.63
CA TYR A 45 -2.38 6.16 -15.65
C TYR A 45 -1.86 4.76 -15.36
N CYS A 46 -1.20 4.61 -14.21
CA CYS A 46 -0.66 3.32 -13.81
C CYS A 46 -1.65 2.57 -12.91
N GLU A 47 -2.70 3.27 -12.49
CA GLU A 47 -3.71 2.67 -11.63
C GLU A 47 -3.09 2.13 -10.35
N LYS A 48 -2.19 2.91 -9.76
CA LYS A 48 -1.52 2.50 -8.52
C LYS A 48 -1.76 3.53 -7.41
N ASN A 49 -1.70 3.06 -6.17
CA ASN A 49 -1.91 3.94 -5.02
C ASN A 49 -0.60 4.57 -4.58
N PHE A 50 -0.62 5.91 -4.44
CA PHE A 50 0.57 6.64 -4.03
C PHE A 50 0.24 7.64 -2.92
N CYS A 51 1.26 8.25 -2.36
CA CYS A 51 1.09 9.23 -1.30
C CYS A 51 1.01 10.64 -1.86
N LEU A 52 0.26 11.51 -1.19
CA LEU A 52 0.10 12.89 -1.62
C LEU A 52 1.41 13.43 -2.19
N ARG A 53 2.51 13.09 -1.55
CA ARG A 53 3.83 13.54 -2.00
C ARG A 53 4.14 13.00 -3.39
N HIS A 54 3.83 11.73 -3.61
CA HIS A 54 4.07 11.10 -4.90
C HIS A 54 2.76 10.86 -5.65
N ARG A 55 1.84 11.80 -5.52
CA ARG A 55 0.53 11.70 -6.18
C ARG A 55 0.67 11.99 -7.68
N HIS A 56 1.49 13.00 -8.01
CA HIS A 56 1.69 13.38 -9.40
C HIS A 56 2.35 12.24 -10.18
N GLN A 57 2.23 12.30 -11.51
CA GLN A 57 2.81 11.28 -12.36
C GLN A 57 4.33 11.28 -12.26
N SER A 58 4.96 12.33 -12.78
CA SER A 58 6.41 12.44 -12.74
C SER A 58 6.94 12.16 -11.34
N ASP A 59 6.25 12.66 -10.33
CA ASP A 59 6.65 12.47 -8.94
C ASP A 59 6.98 11.00 -8.67
N HIS A 60 6.05 10.13 -9.03
CA HIS A 60 6.24 8.69 -8.83
C HIS A 60 6.79 8.03 -10.09
N ASP A 61 7.49 8.81 -10.90
CA ASP A 61 8.06 8.31 -12.14
C ASP A 61 7.10 7.36 -12.85
N CYS A 62 5.88 7.85 -13.09
CA CYS A 62 4.86 7.05 -13.76
C CYS A 62 5.45 6.29 -14.95
N GLU A 63 5.44 4.96 -14.87
CA GLU A 63 5.97 4.13 -15.94
C GLU A 63 5.20 4.35 -17.24
N LYS A 64 3.92 4.69 -17.11
CA LYS A 64 3.07 4.93 -18.27
C LYS A 64 3.65 6.04 -19.15
N LEU A 65 4.10 7.12 -18.51
CA LEU A 65 4.68 8.25 -19.23
C LEU A 65 5.54 7.77 -20.39
N GLU A 66 5.76 8.65 -21.35
CA GLU A 66 6.58 8.32 -22.52
C GLU A 66 8.06 8.58 -22.24
N VAL A 67 8.53 8.11 -21.09
CA VAL A 67 9.92 8.28 -20.71
C VAL A 67 10.48 7.02 -20.09
N ALA A 68 11.68 6.62 -20.53
CA ALA A 68 12.32 5.43 -20.03
C ALA A 68 13.81 5.40 -20.39
N LYS A 69 14.61 4.71 -19.58
CA LYS A 69 16.04 4.62 -19.82
C LYS A 69 16.34 3.60 -20.91
N PRO A 70 17.32 3.91 -21.78
CA PRO A 70 17.72 3.04 -22.87
C PRO A 70 18.43 1.78 -22.38
N ARG A 71 18.52 1.64 -21.07
CA ARG A 71 19.18 0.48 -20.47
C ARG A 71 18.23 -0.26 -19.53
N MET A 72 18.07 -1.56 -19.77
CA MET A 72 17.19 -2.38 -18.95
C MET A 72 17.70 -3.81 -18.86
N ALA A 73 17.91 -4.27 -17.63
CA ALA A 73 18.41 -5.63 -17.40
C ALA A 73 17.27 -6.64 -17.41
N ALA A 74 16.17 -6.30 -16.76
CA ALA A 74 15.01 -7.18 -16.70
C ALA A 74 13.87 -6.64 -17.56
N THR A 75 13.77 -7.15 -18.78
CA THR A 75 12.73 -6.72 -19.71
C THR A 75 11.35 -7.16 -19.22
N GLN A 76 10.43 -6.20 -19.14
CA GLN A 76 9.07 -6.49 -18.69
C GLN A 76 8.13 -5.32 -19.01
N LYS A 77 7.21 -5.56 -19.94
CA LYS A 77 6.26 -4.53 -20.34
C LYS A 77 4.88 -5.15 -20.60
N LEU A 78 3.84 -4.48 -20.13
CA LEU A 78 2.47 -4.96 -20.31
C LEU A 78 1.48 -3.79 -20.24
N VAL A 79 0.27 -4.04 -20.73
CA VAL A 79 -0.77 -3.02 -20.72
C VAL A 79 -2.16 -3.65 -20.88
N ARG A 80 -3.11 -3.16 -20.10
CA ARG A 80 -4.48 -3.67 -20.15
C ARG A 80 -5.47 -2.54 -20.35
N SER A 81 -5.13 -1.36 -19.87
CA SER A 81 -5.99 -0.18 -19.99
C SER A 81 -6.17 0.21 -21.44
N GLY A 82 -7.42 0.40 -21.86
CA GLY A 82 -7.70 0.78 -23.23
C GLY A 82 -8.86 1.75 -23.33
N PRO A 83 -9.49 1.80 -24.52
CA PRO A 83 -10.62 2.69 -24.77
C PRO A 83 -11.88 2.26 -24.02
N SER A 84 -12.01 2.74 -22.78
CA SER A 84 -13.17 2.41 -21.96
C SER A 84 -13.84 3.67 -21.42
N SER A 85 -14.90 4.09 -22.10
CA SER A 85 -15.63 5.29 -21.70
C SER A 85 -16.52 5.00 -20.49
N GLY A 86 -16.13 5.52 -19.33
CA GLY A 86 -16.90 5.31 -18.13
C GLY A 86 -16.63 6.35 -17.06
ZN ZN B . 5.12 7.94 -1.90
ZN ZN C . 1.05 6.89 -12.47
N GLY A 1 25.02 -11.87 53.72
CA GLY A 1 24.32 -11.60 52.48
C GLY A 1 22.94 -11.00 52.71
N SER A 2 22.18 -10.83 51.63
CA SER A 2 20.85 -10.25 51.71
C SER A 2 19.95 -10.82 50.61
N SER A 3 18.68 -11.01 50.94
CA SER A 3 17.72 -11.54 49.98
C SER A 3 16.29 -11.24 50.42
N GLY A 4 15.42 -10.99 49.45
CA GLY A 4 14.03 -10.70 49.75
C GLY A 4 13.12 -10.85 48.54
N SER A 5 11.86 -11.18 48.80
CA SER A 5 10.89 -11.37 47.72
C SER A 5 9.48 -11.51 48.28
N SER A 6 8.48 -11.36 47.41
CA SER A 6 7.09 -11.46 47.82
C SER A 6 6.29 -12.27 46.80
N GLY A 7 5.10 -12.69 47.20
CA GLY A 7 4.25 -13.46 46.31
C GLY A 7 2.93 -12.77 46.01
N CYS A 8 2.91 -11.99 44.93
CA CYS A 8 1.71 -11.27 44.53
C CYS A 8 0.87 -12.09 43.56
N SER A 9 -0.43 -11.86 43.57
CA SER A 9 -1.34 -12.58 42.70
C SER A 9 -1.68 -11.76 41.46
N GLU A 10 -1.63 -12.40 40.30
CA GLU A 10 -1.93 -11.73 39.03
C GLU A 10 -3.10 -12.42 38.32
N VAL A 11 -3.47 -11.87 37.17
CA VAL A 11 -4.58 -12.42 36.39
C VAL A 11 -4.73 -11.69 35.06
N ASN A 12 -4.97 -12.45 33.99
CA ASN A 12 -5.14 -11.87 32.67
C ASN A 12 -6.58 -12.02 32.19
N VAL A 13 -7.08 -10.97 31.53
CA VAL A 13 -8.45 -10.99 31.01
C VAL A 13 -8.48 -10.74 29.52
N VAL A 14 -9.21 -11.57 28.79
CA VAL A 14 -9.33 -11.43 27.34
C VAL A 14 -10.24 -10.27 26.97
N LYS A 15 -9.65 -9.10 26.72
CA LYS A 15 -10.42 -7.93 26.35
C LYS A 15 -10.22 -7.59 24.87
N GLU A 16 -11.32 -7.31 24.17
CA GLU A 16 -11.25 -6.96 22.76
C GLU A 16 -10.24 -5.84 22.51
N ARG A 17 -9.55 -5.91 21.39
CA ARG A 17 -8.55 -4.90 21.03
C ARG A 17 -9.16 -3.51 21.08
N PRO A 18 -8.31 -2.50 21.32
CA PRO A 18 -8.74 -1.10 21.39
C PRO A 18 -9.17 -0.55 20.04
N LYS A 19 -10.28 0.19 20.02
CA LYS A 19 -10.79 0.77 18.78
C LYS A 19 -9.66 1.18 17.86
N THR A 20 -9.92 1.15 16.56
CA THR A 20 -8.92 1.52 15.57
C THR A 20 -9.41 2.67 14.70
N ASP A 21 -8.57 3.69 14.54
CA ASP A 21 -8.92 4.85 13.74
C ASP A 21 -9.76 4.44 12.52
N GLU A 22 -11.00 4.90 12.50
CA GLU A 22 -11.92 4.58 11.40
C GLU A 22 -11.21 4.73 10.05
N HIS A 23 -10.50 5.84 9.89
CA HIS A 23 -9.79 6.10 8.64
C HIS A 23 -8.60 5.13 8.48
N LYS A 24 -8.53 4.49 7.32
CA LYS A 24 -7.46 3.55 7.03
C LYS A 24 -6.31 4.23 6.30
N SER A 25 -5.12 3.66 6.42
CA SER A 25 -3.93 4.22 5.77
C SER A 25 -3.46 3.31 4.64
N TYR A 26 -3.32 3.88 3.45
CA TYR A 26 -2.89 3.12 2.28
C TYR A 26 -1.38 3.32 2.04
N SER A 27 -0.71 2.24 1.68
CA SER A 27 0.72 2.29 1.42
C SER A 27 1.01 2.82 0.02
N CYS A 28 2.11 3.55 -0.11
CA CYS A 28 2.49 4.12 -1.40
C CYS A 28 3.05 3.04 -2.33
N SER A 29 2.73 3.16 -3.62
CA SER A 29 3.19 2.19 -4.61
C SER A 29 4.58 2.55 -5.13
N PHE A 30 5.34 3.27 -4.30
CA PHE A 30 6.69 3.68 -4.67
C PHE A 30 7.72 2.68 -4.15
N LYS A 31 8.94 2.77 -4.68
CA LYS A 31 10.02 1.88 -4.27
C LYS A 31 10.93 2.55 -3.25
N GLY A 32 10.64 2.33 -1.97
CA GLY A 32 11.44 2.92 -0.91
C GLY A 32 10.91 4.26 -0.46
N CYS A 33 9.58 4.38 -0.40
CA CYS A 33 8.95 5.63 0.02
C CYS A 33 8.33 5.49 1.42
N THR A 34 8.06 4.25 1.81
CA THR A 34 7.48 3.98 3.12
C THR A 34 6.57 5.13 3.57
N ASP A 35 5.61 5.48 2.71
CA ASP A 35 4.68 6.56 3.02
C ASP A 35 3.24 6.06 2.96
N VAL A 36 2.38 6.65 3.78
CA VAL A 36 0.97 6.28 3.81
C VAL A 36 0.07 7.50 3.90
N GLU A 37 -1.22 7.30 3.69
CA GLU A 37 -2.19 8.39 3.75
C GLU A 37 -3.59 7.86 4.09
N LEU A 38 -4.41 8.72 4.68
CA LEU A 38 -5.77 8.35 5.05
C LEU A 38 -6.55 7.86 3.83
N VAL A 39 -6.35 8.53 2.70
CA VAL A 39 -7.03 8.16 1.46
C VAL A 39 -6.11 7.38 0.53
N ALA A 40 -6.68 6.78 -0.50
CA ALA A 40 -5.91 6.01 -1.46
C ALA A 40 -5.80 6.74 -2.80
N VAL A 41 -4.72 7.51 -2.96
CA VAL A 41 -4.49 8.26 -4.18
C VAL A 41 -4.11 7.33 -5.33
N ILE A 42 -5.09 6.97 -6.15
CA ILE A 42 -4.85 6.09 -7.29
C ILE A 42 -4.53 6.90 -8.55
N CYS A 43 -3.55 6.44 -9.31
CA CYS A 43 -3.15 7.12 -10.54
C CYS A 43 -3.97 6.63 -11.72
N PRO A 44 -4.64 7.57 -12.41
CA PRO A 44 -5.47 7.25 -13.57
C PRO A 44 -4.65 6.81 -14.78
N TYR A 45 -3.35 6.65 -14.57
CA TYR A 45 -2.45 6.24 -15.64
C TYR A 45 -1.93 4.83 -15.40
N CYS A 46 -1.24 4.63 -14.27
CA CYS A 46 -0.69 3.34 -13.92
C CYS A 46 -1.64 2.57 -13.01
N GLU A 47 -2.72 3.23 -12.59
CA GLU A 47 -3.71 2.62 -11.71
C GLU A 47 -3.04 2.08 -10.45
N LYS A 48 -2.19 2.89 -9.84
CA LYS A 48 -1.49 2.51 -8.62
C LYS A 48 -1.73 3.51 -7.51
N ASN A 49 -1.66 3.05 -6.27
CA ASN A 49 -1.87 3.91 -5.11
C ASN A 49 -0.56 4.54 -4.65
N PHE A 50 -0.58 5.86 -4.47
CA PHE A 50 0.61 6.59 -4.03
C PHE A 50 0.26 7.58 -2.94
N CYS A 51 1.28 8.23 -2.39
CA CYS A 51 1.09 9.22 -1.32
C CYS A 51 0.96 10.62 -1.90
N LEU A 52 0.22 11.48 -1.20
CA LEU A 52 0.01 12.85 -1.65
C LEU A 52 1.29 13.42 -2.25
N ARG A 53 2.43 13.11 -1.64
CA ARG A 53 3.72 13.58 -2.12
C ARG A 53 4.04 13.00 -3.50
N HIS A 54 3.72 11.73 -3.68
CA HIS A 54 3.97 11.06 -4.96
C HIS A 54 2.67 10.83 -5.71
N ARG A 55 1.72 11.74 -5.53
CA ARG A 55 0.42 11.64 -6.19
C ARG A 55 0.56 11.91 -7.68
N HIS A 56 1.45 12.83 -8.04
CA HIS A 56 1.68 13.19 -9.43
C HIS A 56 2.30 12.02 -10.20
N GLN A 57 2.29 12.13 -11.52
CA GLN A 57 2.86 11.08 -12.37
C GLN A 57 4.39 11.09 -12.30
N SER A 58 4.99 12.11 -12.91
CA SER A 58 6.45 12.24 -12.92
C SER A 58 7.03 12.03 -11.52
N ASP A 59 6.33 12.55 -10.52
CA ASP A 59 6.78 12.42 -9.14
C ASP A 59 7.16 10.98 -8.82
N HIS A 60 6.26 10.05 -9.12
CA HIS A 60 6.51 8.64 -8.87
C HIS A 60 7.06 7.95 -10.13
N ASP A 61 7.64 8.75 -11.02
CA ASP A 61 8.20 8.22 -12.25
C ASP A 61 7.19 7.34 -12.98
N CYS A 62 5.99 7.86 -13.18
CA CYS A 62 4.93 7.13 -13.86
C CYS A 62 5.47 6.45 -15.12
N GLU A 63 5.33 5.13 -15.18
CA GLU A 63 5.80 4.37 -16.33
C GLU A 63 5.02 4.74 -17.59
N LYS A 64 3.71 4.85 -17.44
CA LYS A 64 2.84 5.19 -18.57
C LYS A 64 3.40 6.38 -19.34
N LEU A 65 3.98 7.34 -18.61
CA LEU A 65 4.56 8.52 -19.24
C LEU A 65 5.48 8.14 -20.39
N GLU A 66 6.04 9.15 -21.05
CA GLU A 66 6.93 8.92 -22.18
C GLU A 66 8.35 8.63 -21.69
N VAL A 67 8.45 7.80 -20.65
CA VAL A 67 9.74 7.44 -20.09
C VAL A 67 9.83 5.94 -19.83
N ALA A 68 10.66 5.26 -20.63
CA ALA A 68 10.83 3.82 -20.49
C ALA A 68 12.27 3.41 -20.78
N LYS A 69 12.97 2.97 -19.74
CA LYS A 69 14.36 2.54 -19.87
C LYS A 69 14.57 1.15 -19.29
N PRO A 70 15.24 0.28 -20.06
CA PRO A 70 15.51 -1.09 -19.63
C PRO A 70 16.54 -1.15 -18.50
N ARG A 71 17.03 0.01 -18.08
CA ARG A 71 18.01 0.10 -17.01
C ARG A 71 17.33 0.04 -15.64
N MET A 72 17.00 -1.16 -15.19
CA MET A 72 16.34 -1.35 -13.91
C MET A 72 16.19 -2.83 -13.58
N ALA A 73 16.13 -3.15 -12.29
CA ALA A 73 15.99 -4.53 -11.86
C ALA A 73 14.53 -4.86 -11.58
N ALA A 74 13.91 -5.60 -12.50
CA ALA A 74 12.52 -5.99 -12.36
C ALA A 74 12.40 -7.35 -11.69
N THR A 75 12.15 -7.34 -10.38
CA THR A 75 12.02 -8.59 -9.62
C THR A 75 10.62 -8.72 -9.03
N GLN A 76 10.10 -9.93 -9.03
CA GLN A 76 8.77 -10.20 -8.49
C GLN A 76 8.60 -9.56 -7.12
N LYS A 77 7.40 -9.05 -6.84
CA LYS A 77 7.11 -8.43 -5.56
C LYS A 77 5.61 -8.26 -5.36
N LEU A 78 5.22 -7.84 -4.16
CA LEU A 78 3.81 -7.64 -3.85
C LEU A 78 3.60 -6.33 -3.09
N VAL A 79 2.44 -5.72 -3.28
CA VAL A 79 2.11 -4.46 -2.63
C VAL A 79 0.89 -4.61 -1.74
N ARG A 80 1.06 -4.35 -0.45
CA ARG A 80 -0.04 -4.46 0.50
C ARG A 80 0.39 -3.99 1.89
N SER A 81 -0.40 -3.10 2.49
CA SER A 81 -0.09 -2.57 3.81
C SER A 81 -0.15 -3.68 4.86
N GLY A 82 0.27 -3.34 6.08
CA GLY A 82 0.25 -4.31 7.16
C GLY A 82 0.37 -3.67 8.53
N PRO A 83 1.56 -3.80 9.14
CA PRO A 83 1.83 -3.23 10.46
C PRO A 83 1.90 -1.71 10.44
N SER A 84 0.74 -1.06 10.51
CA SER A 84 0.67 0.39 10.49
C SER A 84 0.99 0.97 11.86
N SER A 85 1.77 2.05 11.89
CA SER A 85 2.15 2.69 13.13
C SER A 85 1.17 3.79 13.50
N GLY A 86 1.01 4.77 12.60
CA GLY A 86 0.09 5.87 12.85
C GLY A 86 0.09 6.87 11.73
ZN ZN B . 5.13 7.97 -1.95
ZN ZN C . 1.12 6.86 -12.49
N GLY A 1 13.89 -16.71 -33.13
CA GLY A 1 12.58 -17.00 -33.67
C GLY A 1 11.54 -17.20 -32.59
N SER A 2 10.38 -16.58 -32.76
CA SER A 2 9.29 -16.69 -31.79
C SER A 2 7.94 -16.61 -32.48
N SER A 3 6.90 -17.09 -31.79
CA SER A 3 5.55 -17.07 -32.34
C SER A 3 4.58 -16.40 -31.37
N GLY A 4 4.38 -15.10 -31.56
CA GLY A 4 3.48 -14.36 -30.69
C GLY A 4 3.92 -12.93 -30.50
N SER A 5 2.95 -12.04 -30.24
CA SER A 5 3.24 -10.63 -30.04
C SER A 5 2.55 -10.10 -28.78
N SER A 6 3.11 -9.05 -28.20
CA SER A 6 2.55 -8.45 -27.00
C SER A 6 1.06 -8.15 -27.18
N GLY A 7 0.34 -8.07 -26.07
CA GLY A 7 -1.08 -7.80 -26.12
C GLY A 7 -1.52 -6.79 -25.06
N CYS A 8 -2.15 -7.29 -24.01
CA CYS A 8 -2.63 -6.43 -22.93
C CYS A 8 -1.53 -6.20 -21.89
N SER A 9 -1.79 -5.30 -20.95
CA SER A 9 -0.81 -4.98 -19.91
C SER A 9 -1.38 -5.30 -18.53
N GLU A 10 -0.50 -5.71 -17.62
CA GLU A 10 -0.91 -6.04 -16.26
C GLU A 10 -1.62 -4.87 -15.60
N VAL A 11 -2.52 -5.18 -14.66
CA VAL A 11 -3.27 -4.15 -13.95
C VAL A 11 -3.74 -4.66 -12.59
N ASN A 12 -3.19 -4.09 -11.54
CA ASN A 12 -3.56 -4.49 -10.18
C ASN A 12 -5.05 -4.27 -9.93
N VAL A 13 -5.76 -5.35 -9.65
CA VAL A 13 -7.19 -5.27 -9.39
C VAL A 13 -7.47 -4.74 -7.99
N VAL A 14 -8.58 -4.02 -7.83
CA VAL A 14 -8.95 -3.46 -6.55
C VAL A 14 -9.43 -4.55 -5.60
N LYS A 15 -8.94 -4.50 -4.36
CA LYS A 15 -9.31 -5.48 -3.35
C LYS A 15 -9.65 -4.80 -2.03
N GLU A 16 -10.51 -5.44 -1.24
CA GLU A 16 -10.92 -4.89 0.05
C GLU A 16 -10.87 -5.96 1.13
N ARG A 17 -10.09 -5.70 2.18
CA ARG A 17 -9.94 -6.64 3.28
C ARG A 17 -10.73 -6.17 4.50
N PRO A 18 -11.40 -7.12 5.17
CA PRO A 18 -12.20 -6.83 6.36
C PRO A 18 -11.34 -6.45 7.56
N LYS A 19 -11.99 -6.26 8.71
CA LYS A 19 -11.28 -5.90 9.94
C LYS A 19 -10.50 -4.60 9.75
N THR A 20 -11.16 -3.59 9.20
CA THR A 20 -10.53 -2.30 8.96
C THR A 20 -10.84 -1.32 10.09
N ASP A 21 -10.04 -0.27 10.20
CA ASP A 21 -10.23 0.74 11.23
C ASP A 21 -10.56 2.09 10.62
N GLU A 22 -11.46 2.82 11.26
CA GLU A 22 -11.87 4.13 10.77
C GLU A 22 -10.70 4.86 10.12
N HIS A 23 -9.53 4.79 10.75
CA HIS A 23 -8.34 5.43 10.23
C HIS A 23 -7.69 4.59 9.15
N LYS A 24 -8.23 4.67 7.93
CA LYS A 24 -7.70 3.91 6.81
C LYS A 24 -6.30 4.40 6.42
N SER A 25 -5.53 3.52 5.79
CA SER A 25 -4.17 3.85 5.38
C SER A 25 -3.73 2.98 4.20
N TYR A 26 -3.20 3.62 3.18
CA TYR A 26 -2.74 2.90 1.98
C TYR A 26 -1.24 3.11 1.77
N SER A 27 -0.52 2.01 1.60
CA SER A 27 0.93 2.07 1.39
C SER A 27 1.25 2.50 -0.04
N CYS A 28 2.11 3.50 -0.17
CA CYS A 28 2.51 4.01 -1.48
C CYS A 28 2.90 2.86 -2.40
N SER A 29 3.04 3.16 -3.69
CA SER A 29 3.41 2.17 -4.68
C SER A 29 4.76 2.50 -5.31
N PHE A 30 5.11 3.79 -5.31
CA PHE A 30 6.37 4.24 -5.88
C PHE A 30 7.52 3.32 -5.46
N LYS A 31 8.38 3.01 -6.42
CA LYS A 31 9.52 2.14 -6.15
C LYS A 31 10.54 2.84 -5.25
N GLY A 32 10.28 2.81 -3.95
CA GLY A 32 11.17 3.44 -2.99
C GLY A 32 10.43 4.33 -2.01
N CYS A 33 9.21 3.94 -1.65
CA CYS A 33 8.41 4.71 -0.72
C CYS A 33 7.62 3.78 0.22
N THR A 34 7.58 4.13 1.49
CA THR A 34 6.87 3.32 2.49
C THR A 34 5.98 4.21 3.36
N ASP A 35 5.44 5.27 2.77
CA ASP A 35 4.57 6.18 3.50
C ASP A 35 3.10 5.89 3.21
N VAL A 36 2.26 6.03 4.23
CA VAL A 36 0.84 5.78 4.09
C VAL A 36 0.03 7.06 4.29
N GLU A 37 -1.21 7.06 3.79
CA GLU A 37 -2.08 8.22 3.91
C GLU A 37 -3.51 7.80 4.20
N LEU A 38 -4.26 8.67 4.87
CA LEU A 38 -5.65 8.38 5.23
C LEU A 38 -6.43 7.92 4.00
N VAL A 39 -6.24 8.62 2.88
CA VAL A 39 -6.93 8.28 1.64
C VAL A 39 -5.99 7.55 0.68
N ALA A 40 -6.54 7.12 -0.45
CA ALA A 40 -5.75 6.41 -1.45
C ALA A 40 -5.73 7.16 -2.78
N VAL A 41 -4.57 7.72 -3.11
CA VAL A 41 -4.42 8.48 -4.34
C VAL A 41 -4.07 7.56 -5.51
N ILE A 42 -5.10 7.15 -6.25
CA ILE A 42 -4.90 6.27 -7.40
C ILE A 42 -4.54 7.06 -8.65
N CYS A 43 -3.67 6.48 -9.47
CA CYS A 43 -3.24 7.13 -10.71
C CYS A 43 -4.02 6.60 -11.91
N PRO A 44 -4.62 7.52 -12.67
CA PRO A 44 -5.41 7.16 -13.86
C PRO A 44 -4.54 6.65 -15.00
N TYR A 45 -3.25 6.49 -14.72
CA TYR A 45 -2.31 6.00 -15.72
C TYR A 45 -1.82 4.60 -15.38
N CYS A 46 -1.13 4.48 -14.25
CA CYS A 46 -0.61 3.19 -13.79
C CYS A 46 -1.62 2.48 -12.91
N GLU A 47 -2.70 3.17 -12.58
CA GLU A 47 -3.74 2.60 -11.73
C GLU A 47 -3.15 2.09 -10.42
N LYS A 48 -2.32 2.91 -9.80
CA LYS A 48 -1.69 2.55 -8.53
C LYS A 48 -1.92 3.63 -7.47
N ASN A 49 -1.96 3.21 -6.21
CA ASN A 49 -2.17 4.15 -5.11
C ASN A 49 -0.84 4.69 -4.59
N PHE A 50 -0.75 6.01 -4.49
CA PHE A 50 0.47 6.66 -4.01
C PHE A 50 0.15 7.67 -2.92
N CYS A 51 1.20 8.20 -2.29
CA CYS A 51 1.04 9.17 -1.22
C CYS A 51 0.95 10.59 -1.78
N LEU A 52 0.17 11.43 -1.12
CA LEU A 52 0.01 12.81 -1.55
C LEU A 52 1.31 13.36 -2.13
N ARG A 53 2.42 13.04 -1.47
CA ARG A 53 3.72 13.51 -1.92
C ARG A 53 4.04 12.97 -3.31
N HIS A 54 3.77 11.69 -3.53
CA HIS A 54 4.04 11.05 -4.82
C HIS A 54 2.73 10.80 -5.57
N ARG A 55 1.77 11.70 -5.39
CA ARG A 55 0.48 11.58 -6.06
C ARG A 55 0.60 11.87 -7.55
N HIS A 56 1.31 12.95 -7.87
CA HIS A 56 1.51 13.35 -9.26
C HIS A 56 2.14 12.22 -10.07
N GLN A 57 2.09 12.34 -11.39
CA GLN A 57 2.66 11.32 -12.27
C GLN A 57 4.18 11.31 -12.17
N SER A 58 4.83 12.30 -12.76
CA SER A 58 6.28 12.40 -12.74
C SER A 58 6.82 12.14 -11.34
N ASP A 59 6.13 12.67 -10.33
CA ASP A 59 6.54 12.50 -8.95
C ASP A 59 6.88 11.04 -8.66
N HIS A 60 5.97 10.14 -9.00
CA HIS A 60 6.17 8.71 -8.78
C HIS A 60 6.74 8.05 -10.03
N ASP A 61 7.45 8.83 -10.84
CA ASP A 61 8.06 8.31 -12.07
C ASP A 61 7.09 7.36 -12.79
N CYS A 62 5.88 7.84 -13.04
CA CYS A 62 4.87 7.03 -13.72
C CYS A 62 5.48 6.30 -14.92
N GLU A 63 5.42 4.97 -14.87
CA GLU A 63 5.97 4.15 -15.95
C GLU A 63 5.23 4.42 -17.26
N LYS A 64 3.92 4.64 -17.17
CA LYS A 64 3.09 4.91 -18.34
C LYS A 64 3.66 6.07 -19.14
N LEU A 65 4.09 7.11 -18.43
CA LEU A 65 4.65 8.30 -19.09
C LEU A 65 5.53 7.90 -20.26
N GLU A 66 5.76 8.84 -21.17
CA GLU A 66 6.59 8.59 -22.34
C GLU A 66 8.08 8.66 -21.98
N VAL A 67 8.44 7.97 -20.90
CA VAL A 67 9.83 7.95 -20.44
C VAL A 67 10.24 6.56 -19.99
N ALA A 68 11.21 5.98 -20.69
CA ALA A 68 11.70 4.64 -20.35
C ALA A 68 12.11 4.56 -18.89
N LYS A 69 11.44 3.70 -18.13
CA LYS A 69 11.73 3.53 -16.71
C LYS A 69 13.22 3.25 -16.51
N PRO A 70 13.78 3.78 -15.42
CA PRO A 70 15.19 3.59 -15.07
C PRO A 70 15.50 2.16 -14.65
N ARG A 71 14.47 1.32 -14.61
CA ARG A 71 14.63 -0.07 -14.22
C ARG A 71 15.78 -0.72 -14.99
N MET A 72 16.79 -1.17 -14.26
CA MET A 72 17.95 -1.81 -14.87
C MET A 72 17.51 -2.95 -15.79
N ALA A 73 16.62 -3.81 -15.28
CA ALA A 73 16.12 -4.93 -16.06
C ALA A 73 15.06 -4.49 -17.06
N ALA A 74 15.00 -5.16 -18.20
CA ALA A 74 14.03 -4.84 -19.24
C ALA A 74 13.41 -6.10 -19.82
N THR A 75 12.16 -6.35 -19.47
CA THR A 75 11.45 -7.53 -19.96
C THR A 75 11.62 -7.69 -21.46
N GLN A 76 11.92 -8.91 -21.89
CA GLN A 76 12.10 -9.18 -23.31
C GLN A 76 10.94 -10.01 -23.86
N LYS A 77 10.41 -10.90 -23.04
CA LYS A 77 9.30 -11.75 -23.44
C LYS A 77 8.01 -11.31 -22.75
N LEU A 78 7.11 -10.70 -23.53
CA LEU A 78 5.83 -10.23 -22.99
C LEU A 78 4.68 -11.06 -23.55
N VAL A 79 4.86 -12.38 -23.56
CA VAL A 79 3.83 -13.29 -24.07
C VAL A 79 2.78 -13.58 -23.00
N ARG A 80 2.48 -12.58 -22.19
CA ARG A 80 1.50 -12.74 -21.12
C ARG A 80 0.08 -12.70 -21.67
N SER A 81 -0.42 -13.86 -22.09
CA SER A 81 -1.75 -13.96 -22.65
C SER A 81 -2.19 -15.42 -22.76
N GLY A 82 -3.24 -15.78 -22.03
CA GLY A 82 -3.74 -17.14 -22.06
C GLY A 82 -5.25 -17.21 -22.16
N PRO A 83 -5.80 -18.43 -22.17
CA PRO A 83 -7.25 -18.66 -22.26
C PRO A 83 -7.98 -18.22 -21.00
N SER A 84 -8.56 -17.03 -21.04
CA SER A 84 -9.29 -16.50 -19.90
C SER A 84 -10.03 -15.21 -20.27
N SER A 85 -11.32 -15.17 -19.98
CA SER A 85 -12.14 -14.00 -20.29
C SER A 85 -11.37 -12.71 -20.02
N GLY A 86 -11.41 -11.79 -20.97
CA GLY A 86 -10.71 -10.52 -20.82
C GLY A 86 -11.42 -9.38 -21.51
ZN ZN B . 5.06 7.88 -1.88
ZN ZN C . 1.09 6.82 -12.52
N GLY A 1 18.46 -6.27 58.75
CA GLY A 1 19.37 -7.37 58.52
C GLY A 1 19.04 -8.59 59.36
N SER A 2 18.35 -9.55 58.75
CA SER A 2 17.97 -10.76 59.46
C SER A 2 17.95 -11.96 58.51
N SER A 3 18.08 -13.16 59.07
CA SER A 3 18.08 -14.38 58.27
C SER A 3 16.93 -14.38 57.27
N GLY A 4 15.71 -14.29 57.79
CA GLY A 4 14.54 -14.28 56.92
C GLY A 4 14.44 -15.53 56.07
N SER A 5 13.51 -15.52 55.12
CA SER A 5 13.32 -16.66 54.24
C SER A 5 12.36 -16.31 53.10
N SER A 6 12.85 -16.38 51.87
CA SER A 6 12.04 -16.07 50.70
C SER A 6 11.93 -17.27 49.77
N GLY A 7 10.85 -18.03 49.90
CA GLY A 7 10.65 -19.21 49.07
C GLY A 7 10.10 -18.85 47.71
N CYS A 8 10.76 -17.94 47.01
CA CYS A 8 10.33 -17.51 45.69
C CYS A 8 11.51 -17.38 44.74
N SER A 9 11.29 -17.70 43.47
CA SER A 9 12.35 -17.61 42.47
C SER A 9 12.33 -16.27 41.77
N GLU A 10 13.51 -15.73 41.48
CA GLU A 10 13.64 -14.45 40.81
C GLU A 10 12.94 -14.47 39.45
N VAL A 11 12.49 -13.30 39.01
CA VAL A 11 11.80 -13.18 37.73
C VAL A 11 11.50 -11.73 37.39
N ASN A 12 12.12 -11.22 36.32
CA ASN A 12 11.92 -9.85 35.90
C ASN A 12 11.37 -9.79 34.48
N VAL A 13 10.19 -9.20 34.33
CA VAL A 13 9.56 -9.07 33.02
C VAL A 13 8.58 -7.91 33.00
N VAL A 14 8.45 -7.27 31.84
CA VAL A 14 7.55 -6.14 31.67
C VAL A 14 6.22 -6.58 31.09
N LYS A 15 5.13 -5.99 31.58
CA LYS A 15 3.80 -6.32 31.11
C LYS A 15 3.08 -5.07 30.59
N GLU A 16 2.82 -5.04 29.30
CA GLU A 16 2.14 -3.91 28.67
C GLU A 16 1.77 -4.22 27.22
N ARG A 17 0.62 -3.72 26.80
CA ARG A 17 0.14 -3.95 25.44
C ARG A 17 -0.08 -2.62 24.72
N PRO A 18 0.63 -2.43 23.60
CA PRO A 18 0.53 -1.21 22.79
C PRO A 18 -0.82 -1.10 22.08
N LYS A 19 -1.79 -0.49 22.74
CA LYS A 19 -3.12 -0.31 22.17
C LYS A 19 -3.04 -0.10 20.66
N THR A 20 -4.05 -0.60 19.95
CA THR A 20 -4.10 -0.47 18.50
C THR A 20 -5.11 0.60 18.08
N ASP A 21 -4.61 1.65 17.44
CA ASP A 21 -5.47 2.75 16.98
C ASP A 21 -5.25 3.02 15.51
N GLU A 22 -6.01 2.33 14.66
CA GLU A 22 -5.89 2.50 13.22
C GLU A 22 -7.27 2.39 12.54
N HIS A 23 -7.37 2.94 11.34
CA HIS A 23 -8.62 2.91 10.58
C HIS A 23 -8.39 2.40 9.17
N LYS A 24 -7.56 3.11 8.41
CA LYS A 24 -7.26 2.74 7.03
C LYS A 24 -6.04 3.51 6.53
N SER A 25 -5.13 2.80 5.86
CA SER A 25 -3.93 3.41 5.32
C SER A 25 -3.49 2.70 4.04
N TYR A 26 -3.30 3.48 2.98
CA TYR A 26 -2.88 2.92 1.70
C TYR A 26 -1.39 3.15 1.47
N SER A 27 -0.64 2.05 1.33
CA SER A 27 0.79 2.12 1.11
C SER A 27 1.11 2.72 -0.25
N CYS A 28 2.16 3.54 -0.30
CA CYS A 28 2.56 4.19 -1.54
C CYS A 28 3.17 3.18 -2.51
N SER A 29 2.87 3.33 -3.79
CA SER A 29 3.38 2.44 -4.82
C SER A 29 4.60 3.04 -5.50
N PHE A 30 5.45 3.69 -4.72
CA PHE A 30 6.66 4.31 -5.25
C PHE A 30 7.89 3.49 -4.91
N LYS A 31 8.81 3.40 -5.86
CA LYS A 31 10.04 2.63 -5.67
C LYS A 31 10.99 3.35 -4.71
N GLY A 32 10.78 3.16 -3.42
CA GLY A 32 11.62 3.79 -2.41
C GLY A 32 10.83 4.69 -1.49
N CYS A 33 9.60 4.30 -1.19
CA CYS A 33 8.75 5.08 -0.31
C CYS A 33 8.00 4.18 0.67
N THR A 34 7.90 4.62 1.92
CA THR A 34 7.20 3.86 2.95
C THR A 34 6.23 4.74 3.73
N ASP A 35 5.53 5.60 3.01
CA ASP A 35 4.56 6.51 3.64
C ASP A 35 3.14 6.14 3.23
N VAL A 36 2.20 6.31 4.15
CA VAL A 36 0.80 6.00 3.87
C VAL A 36 -0.10 7.18 4.22
N GLU A 37 -1.35 7.10 3.80
CA GLU A 37 -2.32 8.17 4.06
C GLU A 37 -3.72 7.61 4.27
N LEU A 38 -4.56 8.37 4.97
CA LEU A 38 -5.93 7.94 5.24
C LEU A 38 -6.66 7.61 3.95
N VAL A 39 -6.47 8.44 2.93
CA VAL A 39 -7.12 8.21 1.64
C VAL A 39 -6.20 7.46 0.69
N ALA A 40 -6.77 7.00 -0.42
CA ALA A 40 -6.00 6.26 -1.42
C ALA A 40 -5.92 7.03 -2.73
N VAL A 41 -4.76 7.63 -2.99
CA VAL A 41 -4.55 8.40 -4.22
C VAL A 41 -4.18 7.48 -5.37
N ILE A 42 -5.18 7.10 -6.16
CA ILE A 42 -4.96 6.22 -7.31
C ILE A 42 -4.61 7.03 -8.56
N CYS A 43 -3.72 6.50 -9.37
CA CYS A 43 -3.30 7.17 -10.60
C CYS A 43 -4.09 6.65 -11.80
N PRO A 44 -4.72 7.57 -12.55
CA PRO A 44 -5.51 7.22 -13.73
C PRO A 44 -4.64 6.73 -14.89
N TYR A 45 -3.35 6.57 -14.62
CA TYR A 45 -2.41 6.12 -15.64
C TYR A 45 -1.90 4.72 -15.33
N CYS A 46 -1.19 4.59 -14.21
CA CYS A 46 -0.65 3.29 -13.79
C CYS A 46 -1.64 2.55 -12.91
N GLU A 47 -2.72 3.23 -12.53
CA GLU A 47 -3.74 2.64 -11.67
C GLU A 47 -3.12 2.09 -10.39
N LYS A 48 -2.26 2.90 -9.77
CA LYS A 48 -1.61 2.50 -8.53
C LYS A 48 -1.87 3.52 -7.43
N ASN A 49 -1.72 3.09 -6.18
CA ASN A 49 -1.94 3.96 -5.04
C ASN A 49 -0.63 4.59 -4.56
N PHE A 50 -0.60 5.92 -4.50
CA PHE A 50 0.59 6.63 -4.05
C PHE A 50 0.25 7.61 -2.94
N CYS A 51 1.29 8.23 -2.37
CA CYS A 51 1.11 9.19 -1.29
C CYS A 51 1.04 10.62 -1.83
N LEU A 52 0.27 11.47 -1.17
CA LEU A 52 0.13 12.85 -1.58
C LEU A 52 1.44 13.40 -2.12
N ARG A 53 2.54 13.05 -1.46
CA ARG A 53 3.86 13.50 -1.88
C ARG A 53 4.20 12.99 -3.28
N HIS A 54 3.89 11.72 -3.53
CA HIS A 54 4.16 11.12 -4.83
C HIS A 54 2.86 10.81 -5.57
N ARG A 55 1.91 11.73 -5.48
CA ARG A 55 0.61 11.56 -6.13
C ARG A 55 0.72 11.84 -7.62
N HIS A 56 1.44 12.91 -7.98
CA HIS A 56 1.62 13.28 -9.37
C HIS A 56 2.26 12.14 -10.17
N GLN A 57 2.15 12.21 -11.48
CA GLN A 57 2.72 11.19 -12.36
C GLN A 57 4.23 11.17 -12.25
N SER A 58 4.88 12.14 -12.88
CA SER A 58 6.34 12.24 -12.87
C SER A 58 6.88 12.01 -11.45
N ASP A 59 6.17 12.55 -10.47
CA ASP A 59 6.58 12.41 -9.08
C ASP A 59 6.90 10.96 -8.74
N HIS A 60 6.01 10.07 -9.11
CA HIS A 60 6.20 8.64 -8.86
C HIS A 60 6.74 7.93 -10.10
N ASP A 61 7.55 8.64 -10.87
CA ASP A 61 8.13 8.08 -12.09
C ASP A 61 7.11 7.21 -12.83
N CYS A 62 5.91 7.75 -13.01
CA CYS A 62 4.85 7.03 -13.71
C CYS A 62 5.40 6.33 -14.95
N GLU A 63 5.44 5.01 -14.91
CA GLU A 63 5.94 4.22 -16.03
C GLU A 63 5.17 4.56 -17.31
N LYS A 64 3.84 4.58 -17.20
CA LYS A 64 3.00 4.88 -18.35
C LYS A 64 3.59 6.01 -19.19
N LEU A 65 4.05 7.06 -18.51
CA LEU A 65 4.64 8.20 -19.19
C LEU A 65 5.57 7.75 -20.31
N GLU A 66 5.94 8.69 -21.18
CA GLU A 66 6.82 8.38 -22.30
C GLU A 66 8.28 8.34 -21.85
N VAL A 67 8.51 7.70 -20.72
CA VAL A 67 9.87 7.59 -20.17
C VAL A 67 10.44 6.19 -20.40
N ALA A 68 11.75 6.13 -20.57
CA ALA A 68 12.43 4.85 -20.80
C ALA A 68 13.67 4.72 -19.92
N LYS A 69 13.69 3.68 -19.09
CA LYS A 69 14.81 3.44 -18.20
C LYS A 69 15.67 2.29 -18.70
N PRO A 70 17.00 2.43 -18.57
CA PRO A 70 17.95 1.40 -19.00
C PRO A 70 17.90 0.15 -18.12
N ARG A 71 16.99 0.16 -17.15
CA ARG A 71 16.84 -0.97 -16.24
C ARG A 71 15.38 -1.37 -16.10
N MET A 72 15.13 -2.48 -15.40
CA MET A 72 13.77 -2.96 -15.21
C MET A 72 13.71 -3.92 -14.02
N ALA A 73 12.92 -3.55 -13.01
CA ALA A 73 12.77 -4.38 -11.83
C ALA A 73 11.30 -4.67 -11.54
N ALA A 74 10.91 -5.93 -11.72
CA ALA A 74 9.53 -6.35 -11.48
C ALA A 74 9.46 -7.82 -11.13
N THR A 75 9.23 -8.12 -9.85
CA THR A 75 9.13 -9.49 -9.39
C THR A 75 8.10 -10.28 -10.19
N GLN A 76 6.94 -9.66 -10.41
CA GLN A 76 5.87 -10.29 -11.17
C GLN A 76 6.02 -10.03 -12.66
N LYS A 77 5.95 -11.09 -13.45
CA LYS A 77 6.07 -10.96 -14.91
C LYS A 77 5.32 -9.73 -15.42
N LEU A 78 5.76 -9.21 -16.56
CA LEU A 78 5.13 -8.05 -17.16
C LEU A 78 3.61 -8.11 -17.01
N VAL A 79 2.96 -6.95 -17.15
CA VAL A 79 1.52 -6.88 -17.04
C VAL A 79 0.86 -6.80 -18.41
N ARG A 80 -0.02 -7.74 -18.71
CA ARG A 80 -0.71 -7.78 -19.99
C ARG A 80 -1.76 -8.88 -20.02
N SER A 81 -3.03 -8.48 -20.13
CA SER A 81 -4.13 -9.44 -20.16
C SER A 81 -5.39 -8.80 -20.74
N GLY A 82 -6.29 -9.63 -21.23
CA GLY A 82 -7.52 -9.14 -21.82
C GLY A 82 -8.69 -10.09 -21.62
N PRO A 83 -9.86 -9.53 -21.29
CA PRO A 83 -11.08 -10.32 -21.07
C PRO A 83 -11.61 -10.95 -22.35
N SER A 84 -11.55 -10.18 -23.44
CA SER A 84 -12.03 -10.66 -24.73
C SER A 84 -13.53 -10.94 -24.68
N SER A 85 -14.26 -10.07 -24.02
CA SER A 85 -15.70 -10.22 -23.90
C SER A 85 -16.36 -10.38 -25.26
N GLY A 86 -16.04 -9.46 -26.17
CA GLY A 86 -16.60 -9.51 -27.51
C GLY A 86 -17.96 -8.84 -27.59
ZN ZN B . 5.27 8.04 -1.72
ZN ZN C . 0.98 6.87 -12.47
N GLY A 1 17.73 -23.55 52.41
CA GLY A 1 16.56 -22.78 52.77
C GLY A 1 15.70 -22.43 51.56
N SER A 2 15.48 -21.14 51.34
CA SER A 2 14.67 -20.68 50.22
C SER A 2 15.44 -20.82 48.91
N SER A 3 14.70 -21.09 47.83
CA SER A 3 15.31 -21.23 46.51
C SER A 3 15.60 -19.88 45.88
N GLY A 4 14.57 -19.02 45.86
CA GLY A 4 14.72 -17.70 45.27
C GLY A 4 13.39 -17.09 44.89
N SER A 5 13.39 -15.78 44.69
CA SER A 5 12.18 -15.06 44.31
C SER A 5 12.18 -14.72 42.82
N SER A 6 11.31 -15.38 42.07
CA SER A 6 11.21 -15.15 40.64
C SER A 6 9.80 -14.72 40.24
N GLY A 7 9.69 -13.55 39.62
CA GLY A 7 8.39 -13.04 39.21
C GLY A 7 8.45 -11.62 38.72
N CYS A 8 8.09 -11.41 37.46
CA CYS A 8 8.11 -10.07 36.86
C CYS A 8 6.69 -9.57 36.63
N SER A 9 6.12 -8.94 37.65
CA SER A 9 4.76 -8.41 37.56
C SER A 9 4.60 -7.55 36.32
N GLU A 10 3.87 -8.07 35.34
CA GLU A 10 3.63 -7.36 34.09
C GLU A 10 2.18 -6.87 34.01
N VAL A 11 1.93 -5.96 33.08
CA VAL A 11 0.59 -5.41 32.89
C VAL A 11 0.45 -4.74 31.53
N ASN A 12 -0.70 -4.93 30.90
CA ASN A 12 -0.96 -4.34 29.58
C ASN A 12 -2.37 -3.79 29.50
N VAL A 13 -2.48 -2.46 29.40
CA VAL A 13 -3.78 -1.81 29.32
C VAL A 13 -4.27 -1.75 27.88
N VAL A 14 -5.59 -1.85 27.69
CA VAL A 14 -6.18 -1.80 26.37
C VAL A 14 -7.25 -0.72 26.28
N LYS A 15 -7.24 0.04 25.19
CA LYS A 15 -8.20 1.11 24.98
C LYS A 15 -8.79 1.05 23.57
N GLU A 16 -9.89 0.34 23.42
CA GLU A 16 -10.54 0.21 22.12
C GLU A 16 -12.02 -0.13 22.29
N ARG A 17 -12.72 -0.24 21.16
CA ARG A 17 -14.15 -0.57 21.18
C ARG A 17 -14.53 -1.40 19.95
N PRO A 18 -15.19 -2.54 20.20
CA PRO A 18 -15.61 -3.45 19.14
C PRO A 18 -16.75 -2.86 18.31
N LYS A 19 -17.10 -3.55 17.22
CA LYS A 19 -18.18 -3.10 16.34
C LYS A 19 -17.84 -1.74 15.73
N THR A 20 -16.60 -1.57 15.30
CA THR A 20 -16.16 -0.32 14.70
C THR A 20 -15.25 -0.58 13.50
N ASP A 21 -15.13 0.41 12.63
CA ASP A 21 -14.29 0.29 11.44
C ASP A 21 -13.29 1.44 11.37
N GLU A 22 -12.12 1.25 11.98
CA GLU A 22 -11.08 2.27 11.99
C GLU A 22 -10.64 2.61 10.57
N HIS A 23 -10.19 3.84 10.37
CA HIS A 23 -9.73 4.28 9.06
C HIS A 23 -8.77 3.26 8.45
N LYS A 24 -8.38 3.51 7.20
CA LYS A 24 -7.46 2.62 6.50
C LYS A 24 -6.24 3.39 6.00
N SER A 25 -5.14 2.66 5.77
CA SER A 25 -3.91 3.27 5.29
C SER A 25 -3.43 2.59 4.02
N TYR A 26 -3.11 3.39 3.01
CA TYR A 26 -2.63 2.87 1.73
C TYR A 26 -1.13 3.08 1.58
N SER A 27 -0.41 1.99 1.38
CA SER A 27 1.04 2.05 1.22
C SER A 27 1.42 2.59 -0.15
N CYS A 28 2.26 3.61 -0.17
CA CYS A 28 2.70 4.21 -1.42
C CYS A 28 3.21 3.15 -2.39
N SER A 29 2.83 3.28 -3.66
CA SER A 29 3.24 2.32 -4.68
C SER A 29 4.48 2.83 -5.42
N PHE A 30 5.33 3.56 -4.70
CA PHE A 30 6.55 4.10 -5.29
C PHE A 30 7.77 3.28 -4.87
N LYS A 31 8.80 3.28 -5.70
CA LYS A 31 10.02 2.54 -5.42
C LYS A 31 10.91 3.31 -4.46
N GLY A 32 10.76 3.05 -3.17
CA GLY A 32 11.56 3.73 -2.17
C GLY A 32 10.74 4.64 -1.29
N CYS A 33 9.52 4.22 -0.98
CA CYS A 33 8.63 5.02 -0.13
C CYS A 33 7.70 4.12 0.68
N THR A 34 7.58 4.41 1.97
CA THR A 34 6.73 3.63 2.85
C THR A 34 5.76 4.53 3.61
N ASP A 35 5.35 5.62 2.97
CA ASP A 35 4.42 6.56 3.59
C ASP A 35 2.97 6.22 3.21
N VAL A 36 2.07 6.38 4.16
CA VAL A 36 0.66 6.10 3.93
C VAL A 36 -0.18 7.36 4.02
N GLU A 37 -1.49 7.22 3.76
CA GLU A 37 -2.41 8.36 3.81
C GLU A 37 -3.81 7.90 4.16
N LEU A 38 -4.57 8.80 4.79
CA LEU A 38 -5.95 8.49 5.18
C LEU A 38 -6.75 7.96 3.99
N VAL A 39 -6.56 8.59 2.84
CA VAL A 39 -7.26 8.18 1.63
C VAL A 39 -6.33 7.44 0.67
N ALA A 40 -6.87 7.03 -0.47
CA ALA A 40 -6.09 6.32 -1.47
C ALA A 40 -6.00 7.11 -2.76
N VAL A 41 -4.79 7.57 -3.09
CA VAL A 41 -4.57 8.34 -4.30
C VAL A 41 -4.17 7.44 -5.47
N ILE A 42 -5.18 6.96 -6.20
CA ILE A 42 -4.94 6.09 -7.34
C ILE A 42 -4.64 6.89 -8.60
N CYS A 43 -3.69 6.41 -9.39
CA CYS A 43 -3.31 7.09 -10.62
C CYS A 43 -4.07 6.54 -11.82
N PRO A 44 -4.75 7.44 -12.55
CA PRO A 44 -5.55 7.06 -13.73
C PRO A 44 -4.68 6.61 -14.89
N TYR A 45 -3.37 6.52 -14.65
CA TYR A 45 -2.43 6.10 -15.69
C TYR A 45 -1.90 4.69 -15.40
N CYS A 46 -1.21 4.56 -14.27
CA CYS A 46 -0.64 3.27 -13.88
C CYS A 46 -1.61 2.49 -13.00
N GLU A 47 -2.70 3.15 -12.60
CA GLU A 47 -3.71 2.52 -11.75
C GLU A 47 -3.08 2.03 -10.45
N LYS A 48 -2.32 2.90 -9.79
CA LYS A 48 -1.67 2.55 -8.54
C LYS A 48 -1.87 3.64 -7.50
N ASN A 49 -1.86 3.25 -6.22
CA ASN A 49 -2.04 4.20 -5.13
C ASN A 49 -0.70 4.75 -4.65
N PHE A 50 -0.62 6.06 -4.49
CA PHE A 50 0.60 6.71 -4.04
C PHE A 50 0.30 7.73 -2.95
N CYS A 51 1.35 8.26 -2.33
CA CYS A 51 1.21 9.25 -1.28
C CYS A 51 1.09 10.66 -1.86
N LEU A 52 0.37 11.53 -1.16
CA LEU A 52 0.19 12.91 -1.61
C LEU A 52 1.49 13.49 -2.16
N ARG A 53 2.59 13.14 -1.51
CA ARG A 53 3.91 13.62 -1.92
C ARG A 53 4.28 13.09 -3.30
N HIS A 54 3.89 11.84 -3.56
CA HIS A 54 4.18 11.22 -4.85
C HIS A 54 2.89 10.92 -5.61
N ARG A 55 1.87 11.74 -5.37
CA ARG A 55 0.58 11.56 -6.05
C ARG A 55 0.71 11.81 -7.54
N HIS A 56 1.45 12.85 -7.91
CA HIS A 56 1.65 13.18 -9.31
C HIS A 56 2.23 12.00 -10.08
N GLN A 57 2.23 12.11 -11.41
CA GLN A 57 2.75 11.05 -12.26
C GLN A 57 4.27 11.00 -12.20
N SER A 58 4.92 11.97 -12.84
CA SER A 58 6.38 12.05 -12.86
C SER A 58 6.95 11.83 -11.46
N ASP A 59 6.25 12.35 -10.45
CA ASP A 59 6.70 12.21 -9.07
C ASP A 59 7.04 10.76 -8.75
N HIS A 60 6.11 9.86 -9.05
CA HIS A 60 6.31 8.44 -8.79
C HIS A 60 6.85 7.73 -10.02
N ASP A 61 7.39 8.51 -10.95
CA ASP A 61 7.95 7.97 -12.19
C ASP A 61 6.91 7.12 -12.92
N CYS A 62 5.73 7.70 -13.13
CA CYS A 62 4.65 7.00 -13.83
C CYS A 62 5.18 6.26 -15.06
N GLU A 63 5.38 4.96 -14.93
CA GLU A 63 5.89 4.15 -16.03
C GLU A 63 5.13 4.47 -17.33
N LYS A 64 3.85 4.81 -17.19
CA LYS A 64 3.03 5.13 -18.36
C LYS A 64 3.61 6.32 -19.11
N LEU A 65 4.02 7.35 -18.38
CA LEU A 65 4.60 8.55 -18.98
C LEU A 65 5.54 8.18 -20.13
N GLU A 66 5.84 9.16 -20.97
CA GLU A 66 6.74 8.94 -22.10
C GLU A 66 8.19 8.90 -21.65
N VAL A 67 8.47 8.09 -20.63
CA VAL A 67 9.82 7.97 -20.10
C VAL A 67 10.34 6.54 -20.25
N ALA A 68 11.61 6.41 -20.63
CA ALA A 68 12.22 5.10 -20.80
C ALA A 68 11.70 4.11 -19.77
N LYS A 69 11.42 2.88 -20.21
CA LYS A 69 10.92 1.83 -19.33
C LYS A 69 11.51 1.98 -17.93
N PRO A 70 10.66 1.75 -16.91
CA PRO A 70 11.07 1.84 -15.51
C PRO A 70 12.03 0.72 -15.11
N ARG A 71 12.18 -0.26 -15.98
CA ARG A 71 13.05 -1.40 -15.72
C ARG A 71 13.02 -1.78 -14.25
N MET A 72 11.82 -1.76 -13.67
CA MET A 72 11.65 -2.11 -12.25
C MET A 72 11.70 -3.62 -12.06
N ALA A 73 12.14 -4.04 -10.87
CA ALA A 73 12.24 -5.46 -10.56
C ALA A 73 11.12 -6.25 -11.22
N ALA A 74 9.89 -5.75 -11.09
CA ALA A 74 8.73 -6.42 -11.67
C ALA A 74 8.52 -7.79 -11.06
N THR A 75 8.69 -7.88 -9.74
CA THR A 75 8.51 -9.14 -9.02
C THR A 75 7.11 -9.71 -9.26
N GLN A 76 7.00 -10.57 -10.27
CA GLN A 76 5.72 -11.18 -10.60
C GLN A 76 5.46 -12.40 -9.72
N LYS A 77 4.31 -13.03 -9.92
CA LYS A 77 3.94 -14.20 -9.14
C LYS A 77 4.11 -15.49 -9.95
N LEU A 78 4.30 -16.60 -9.26
CA LEU A 78 4.47 -17.89 -9.93
C LEU A 78 3.16 -18.67 -9.97
N VAL A 79 2.43 -18.52 -11.07
CA VAL A 79 1.15 -19.21 -11.23
C VAL A 79 0.91 -19.58 -12.69
N ARG A 80 0.93 -20.88 -12.98
CA ARG A 80 0.70 -21.36 -14.34
C ARG A 80 -0.62 -22.11 -14.44
N SER A 81 -1.46 -21.69 -15.38
CA SER A 81 -2.76 -22.31 -15.57
C SER A 81 -2.67 -23.46 -16.58
N GLY A 82 -2.00 -23.19 -17.70
CA GLY A 82 -1.85 -24.21 -18.73
C GLY A 82 -0.63 -25.09 -18.49
N PRO A 83 -0.87 -26.41 -18.38
CA PRO A 83 0.20 -27.38 -18.15
C PRO A 83 1.10 -27.56 -19.36
N SER A 84 2.33 -27.07 -19.26
CA SER A 84 3.29 -27.17 -20.35
C SER A 84 4.70 -27.37 -19.82
N SER A 85 5.58 -27.89 -20.68
CA SER A 85 6.96 -28.15 -20.30
C SER A 85 7.90 -27.13 -20.94
N GLY A 86 8.70 -26.45 -20.13
CA GLY A 86 9.63 -25.46 -20.64
C GLY A 86 10.57 -24.95 -19.57
ZN ZN B . 5.39 8.08 -1.77
ZN ZN C . 0.97 6.92 -12.55
N GLY A 1 -32.94 -45.80 38.93
CA GLY A 1 -32.45 -44.69 39.74
C GLY A 1 -33.57 -43.78 40.19
N SER A 2 -34.48 -43.45 39.28
CA SER A 2 -35.60 -42.57 39.60
C SER A 2 -35.14 -41.39 40.46
N SER A 3 -33.99 -40.83 40.11
CA SER A 3 -33.44 -39.70 40.86
C SER A 3 -32.29 -39.04 40.08
N GLY A 4 -31.84 -37.90 40.57
CA GLY A 4 -30.75 -37.20 39.91
C GLY A 4 -31.14 -35.78 39.52
N SER A 5 -30.13 -34.92 39.37
CA SER A 5 -30.38 -33.53 38.99
C SER A 5 -29.06 -32.83 38.64
N SER A 6 -29.05 -32.16 37.50
CA SER A 6 -27.86 -31.45 37.04
C SER A 6 -28.18 -30.54 35.87
N GLY A 7 -27.43 -29.44 35.76
CA GLY A 7 -27.66 -28.50 34.67
C GLY A 7 -26.89 -27.20 34.86
N CYS A 8 -25.81 -27.04 34.12
CA CYS A 8 -24.99 -25.84 34.21
C CYS A 8 -25.00 -25.07 32.89
N SER A 9 -24.74 -23.77 32.96
CA SER A 9 -24.72 -22.93 31.78
C SER A 9 -24.13 -21.56 32.10
N GLU A 10 -22.94 -21.29 31.56
CA GLU A 10 -22.27 -20.02 31.79
C GLU A 10 -22.36 -19.13 30.56
N VAL A 11 -21.74 -17.95 30.65
CA VAL A 11 -21.76 -17.01 29.54
C VAL A 11 -20.86 -15.80 29.83
N ASN A 12 -20.33 -15.19 28.78
CA ASN A 12 -19.46 -14.03 28.93
C ASN A 12 -20.28 -12.79 29.26
N VAL A 13 -19.86 -12.06 30.29
CA VAL A 13 -20.55 -10.84 30.71
C VAL A 13 -20.85 -9.95 29.51
N VAL A 14 -22.10 -9.49 29.43
CA VAL A 14 -22.52 -8.62 28.34
C VAL A 14 -21.61 -7.39 28.23
N LYS A 15 -20.92 -7.27 27.11
CA LYS A 15 -20.02 -6.14 26.88
C LYS A 15 -20.05 -5.72 25.43
N GLU A 16 -19.48 -4.54 25.14
CA GLU A 16 -19.44 -4.03 23.79
C GLU A 16 -18.55 -2.78 23.70
N ARG A 17 -17.78 -2.68 22.63
CA ARG A 17 -16.88 -1.54 22.43
C ARG A 17 -17.19 -0.84 21.11
N PRO A 18 -17.68 0.41 21.21
CA PRO A 18 -18.02 1.21 20.03
C PRO A 18 -16.79 1.66 19.27
N LYS A 19 -16.44 0.91 18.23
CA LYS A 19 -15.26 1.23 17.41
C LYS A 19 -15.69 1.67 16.01
N THR A 20 -15.12 2.78 15.56
CA THR A 20 -15.45 3.32 14.24
C THR A 20 -14.71 2.56 13.14
N ASP A 21 -13.40 2.41 13.32
CA ASP A 21 -12.58 1.69 12.35
C ASP A 21 -13.05 1.98 10.92
N GLU A 22 -13.38 3.24 10.66
CA GLU A 22 -13.85 3.64 9.34
C GLU A 22 -12.68 4.08 8.46
N HIS A 23 -11.79 4.89 9.03
CA HIS A 23 -10.63 5.38 8.30
C HIS A 23 -9.73 4.23 7.87
N LYS A 24 -9.02 4.41 6.76
CA LYS A 24 -8.12 3.39 6.25
C LYS A 24 -6.75 3.97 5.93
N SER A 25 -5.79 3.10 5.64
CA SER A 25 -4.43 3.54 5.32
C SER A 25 -3.86 2.74 4.16
N TYR A 26 -3.29 3.44 3.19
CA TYR A 26 -2.70 2.79 2.01
C TYR A 26 -1.21 3.05 1.95
N SER A 27 -0.46 2.07 1.44
CA SER A 27 0.98 2.19 1.32
C SER A 27 1.37 2.70 -0.07
N CYS A 28 2.20 3.74 -0.10
CA CYS A 28 2.64 4.32 -1.37
C CYS A 28 3.21 3.25 -2.29
N SER A 29 2.87 3.34 -3.58
CA SER A 29 3.35 2.38 -4.56
C SER A 29 4.60 2.89 -5.27
N PHE A 30 5.38 3.70 -4.56
CA PHE A 30 6.60 4.27 -5.12
C PHE A 30 7.82 3.51 -4.61
N LYS A 31 8.85 3.42 -5.45
CA LYS A 31 10.08 2.74 -5.09
C LYS A 31 10.93 3.59 -4.14
N GLY A 32 10.84 3.30 -2.85
CA GLY A 32 11.61 4.05 -1.87
C GLY A 32 10.74 4.98 -1.05
N CYS A 33 9.54 4.52 -0.71
CA CYS A 33 8.62 5.32 0.09
C CYS A 33 7.75 4.42 0.99
N THR A 34 7.73 4.75 2.27
CA THR A 34 6.95 3.98 3.24
C THR A 34 5.93 4.86 3.96
N ASP A 35 5.37 5.83 3.22
CA ASP A 35 4.39 6.74 3.79
C ASP A 35 2.98 6.29 3.42
N VAL A 36 2.02 6.55 4.31
CA VAL A 36 0.63 6.18 4.09
C VAL A 36 -0.29 7.38 4.29
N GLU A 37 -1.54 7.22 3.87
CA GLU A 37 -2.53 8.29 3.99
C GLU A 37 -3.92 7.72 4.24
N LEU A 38 -4.79 8.54 4.82
CA LEU A 38 -6.16 8.11 5.12
C LEU A 38 -6.81 7.48 3.89
N VAL A 39 -6.62 8.10 2.74
CA VAL A 39 -7.18 7.60 1.49
C VAL A 39 -6.09 7.04 0.59
N ALA A 40 -6.50 6.58 -0.60
CA ALA A 40 -5.55 6.02 -1.56
C ALA A 40 -5.58 6.79 -2.87
N VAL A 41 -4.50 7.52 -3.14
CA VAL A 41 -4.40 8.31 -4.37
C VAL A 41 -4.07 7.42 -5.57
N ILE A 42 -5.11 6.93 -6.22
CA ILE A 42 -4.93 6.07 -7.40
C ILE A 42 -4.61 6.89 -8.64
N CYS A 43 -3.61 6.44 -9.39
CA CYS A 43 -3.19 7.14 -10.61
C CYS A 43 -4.02 6.69 -11.80
N PRO A 44 -4.63 7.66 -12.49
CA PRO A 44 -5.48 7.38 -13.67
C PRO A 44 -4.66 6.90 -14.86
N TYR A 45 -3.36 6.68 -14.64
CA TYR A 45 -2.47 6.22 -15.70
C TYR A 45 -2.00 4.79 -15.44
N CYS A 46 -1.33 4.59 -14.31
CA CYS A 46 -0.82 3.27 -13.94
C CYS A 46 -1.80 2.56 -13.01
N GLU A 47 -2.86 3.26 -12.62
CA GLU A 47 -3.87 2.69 -11.74
C GLU A 47 -3.23 2.17 -10.45
N LYS A 48 -2.39 3.01 -9.84
CA LYS A 48 -1.71 2.62 -8.60
C LYS A 48 -1.92 3.68 -7.52
N ASN A 49 -1.95 3.24 -6.27
CA ASN A 49 -2.14 4.15 -5.15
C ASN A 49 -0.80 4.72 -4.67
N PHE A 50 -0.75 6.04 -4.48
CA PHE A 50 0.46 6.70 -4.03
C PHE A 50 0.15 7.73 -2.95
N CYS A 51 1.19 8.34 -2.39
CA CYS A 51 1.02 9.35 -1.36
C CYS A 51 0.95 10.75 -1.96
N LEU A 52 0.27 11.65 -1.26
CA LEU A 52 0.13 13.03 -1.72
C LEU A 52 1.47 13.58 -2.20
N ARG A 53 2.54 13.22 -1.51
CA ARG A 53 3.87 13.68 -1.87
C ARG A 53 4.31 13.09 -3.21
N HIS A 54 3.83 11.88 -3.51
CA HIS A 54 4.18 11.21 -4.76
C HIS A 54 2.91 10.88 -5.55
N ARG A 55 1.91 11.74 -5.46
CA ARG A 55 0.66 11.53 -6.17
C ARG A 55 0.81 11.82 -7.67
N HIS A 56 1.61 12.83 -7.98
CA HIS A 56 1.85 13.21 -9.37
C HIS A 56 2.41 12.04 -10.17
N GLN A 57 2.36 12.14 -11.49
CA GLN A 57 2.86 11.09 -12.36
C GLN A 57 4.38 10.99 -12.26
N SER A 58 5.07 11.96 -12.87
CA SER A 58 6.53 11.99 -12.87
C SER A 58 7.06 11.80 -11.45
N ASP A 59 6.37 12.40 -10.47
CA ASP A 59 6.79 12.30 -9.08
C ASP A 59 7.04 10.84 -8.69
N HIS A 60 6.10 9.97 -9.03
CA HIS A 60 6.22 8.56 -8.72
C HIS A 60 6.80 7.78 -9.89
N ASP A 61 7.48 8.49 -10.79
CA ASP A 61 8.08 7.88 -11.96
C ASP A 61 7.08 7.02 -12.71
N CYS A 62 5.94 7.61 -13.05
CA CYS A 62 4.89 6.89 -13.77
C CYS A 62 5.46 6.11 -14.95
N GLU A 63 5.16 4.81 -15.00
CA GLU A 63 5.65 3.96 -16.08
C GLU A 63 4.91 4.24 -17.37
N LYS A 64 3.69 4.78 -17.25
CA LYS A 64 2.88 5.09 -18.41
C LYS A 64 3.49 6.23 -19.22
N LEU A 65 3.99 7.23 -18.52
CA LEU A 65 4.62 8.38 -19.17
C LEU A 65 5.48 7.94 -20.36
N GLU A 66 5.76 8.88 -21.26
CA GLU A 66 6.57 8.58 -22.44
C GLU A 66 8.05 8.54 -22.07
N VAL A 67 8.38 7.86 -20.98
CA VAL A 67 9.76 7.75 -20.54
C VAL A 67 10.06 6.36 -20.00
N ALA A 68 10.82 5.58 -20.77
CA ALA A 68 11.18 4.23 -20.36
C ALA A 68 12.29 4.23 -19.32
N LYS A 69 12.12 3.43 -18.28
CA LYS A 69 13.11 3.35 -17.21
C LYS A 69 13.24 1.92 -16.68
N PRO A 70 14.46 1.52 -16.33
CA PRO A 70 14.73 0.18 -15.80
C PRO A 70 14.15 -0.03 -14.41
N ARG A 71 13.48 0.99 -13.90
CA ARG A 71 12.87 0.92 -12.57
C ARG A 71 11.73 -0.10 -12.55
N MET A 72 11.42 -0.63 -11.37
CA MET A 72 10.37 -1.61 -11.22
C MET A 72 9.07 -0.95 -10.75
N ALA A 73 7.97 -1.69 -10.80
CA ALA A 73 6.68 -1.17 -10.38
C ALA A 73 6.12 -1.96 -9.22
N ALA A 74 5.51 -1.27 -8.27
CA ALA A 74 4.92 -1.91 -7.10
C ALA A 74 3.87 -2.93 -7.50
N THR A 75 3.46 -3.77 -6.55
CA THR A 75 2.46 -4.79 -6.81
C THR A 75 1.30 -4.69 -5.82
N GLN A 76 0.07 -4.81 -6.33
CA GLN A 76 -1.11 -4.73 -5.50
C GLN A 76 -1.31 -6.02 -4.72
N LYS A 77 -0.79 -6.06 -3.49
CA LYS A 77 -0.91 -7.23 -2.64
C LYS A 77 -2.09 -7.08 -1.68
N LEU A 78 -2.91 -8.11 -1.59
CA LEU A 78 -4.08 -8.10 -0.71
C LEU A 78 -3.65 -7.92 0.75
N VAL A 79 -4.17 -6.87 1.38
CA VAL A 79 -3.85 -6.58 2.77
C VAL A 79 -5.05 -5.99 3.50
N ARG A 80 -5.55 -6.71 4.50
CA ARG A 80 -6.69 -6.26 5.27
C ARG A 80 -6.66 -6.83 6.68
N SER A 81 -6.82 -5.96 7.68
CA SER A 81 -6.80 -6.37 9.07
C SER A 81 -7.99 -5.80 9.83
N GLY A 82 -9.04 -6.60 9.97
CA GLY A 82 -10.22 -6.16 10.67
C GLY A 82 -10.78 -7.22 11.60
N PRO A 83 -10.85 -6.90 12.90
CA PRO A 83 -11.36 -7.82 13.92
C PRO A 83 -12.87 -8.04 13.79
N SER A 84 -13.37 -9.06 14.50
CA SER A 84 -14.78 -9.39 14.46
C SER A 84 -15.63 -8.27 15.09
N SER A 85 -16.51 -7.69 14.30
CA SER A 85 -17.36 -6.61 14.79
C SER A 85 -18.74 -6.64 14.10
N GLY A 86 -19.74 -6.11 14.77
CA GLY A 86 -21.08 -6.08 14.22
C GLY A 86 -21.48 -4.71 13.71
ZN ZN B . 5.27 8.19 -1.65
ZN ZN C . 1.08 6.78 -12.53
N GLY A 1 9.86 -30.24 43.44
CA GLY A 1 9.99 -31.33 44.40
C GLY A 1 8.73 -32.17 44.48
N SER A 2 8.86 -33.47 44.18
CA SER A 2 7.73 -34.37 44.21
C SER A 2 6.99 -34.28 45.54
N SER A 3 5.88 -33.54 45.55
CA SER A 3 5.08 -33.37 46.75
C SER A 3 3.90 -34.32 46.77
N GLY A 4 3.22 -34.42 45.63
CA GLY A 4 2.06 -35.31 45.52
C GLY A 4 2.09 -36.14 44.26
N SER A 5 0.94 -36.24 43.60
CA SER A 5 0.82 -37.03 42.38
C SER A 5 0.81 -36.11 41.15
N SER A 6 1.69 -35.10 41.15
CA SER A 6 1.77 -34.17 40.05
C SER A 6 3.19 -34.10 39.49
N GLY A 7 3.37 -33.37 38.40
CA GLY A 7 4.67 -33.24 37.79
C GLY A 7 4.63 -32.52 36.45
N CYS A 8 4.67 -31.19 36.50
CA CYS A 8 4.63 -30.39 35.29
C CYS A 8 5.73 -29.33 35.30
N SER A 9 6.06 -28.82 34.12
CA SER A 9 7.10 -27.80 34.00
C SER A 9 6.52 -26.50 33.45
N GLU A 10 7.25 -25.41 33.62
CA GLU A 10 6.81 -24.10 33.14
C GLU A 10 6.65 -24.11 31.62
N VAL A 11 5.92 -23.13 31.10
CA VAL A 11 5.68 -23.03 29.67
C VAL A 11 5.87 -21.60 29.19
N ASN A 12 6.52 -21.45 28.03
CA ASN A 12 6.77 -20.12 27.46
C ASN A 12 5.53 -19.59 26.76
N VAL A 13 5.34 -18.28 26.81
CA VAL A 13 4.20 -17.64 26.18
C VAL A 13 4.58 -16.31 25.54
N VAL A 14 3.99 -16.02 24.39
CA VAL A 14 4.27 -14.79 23.67
C VAL A 14 3.24 -13.72 24.00
N LYS A 15 3.36 -12.56 23.35
CA LYS A 15 2.44 -11.46 23.57
C LYS A 15 1.43 -11.36 22.43
N GLU A 16 0.20 -11.00 22.77
CA GLU A 16 -0.86 -10.86 21.77
C GLU A 16 -1.63 -9.56 21.95
N ARG A 17 -0.90 -8.47 22.20
CA ARG A 17 -1.51 -7.17 22.40
C ARG A 17 -2.60 -6.91 21.36
N PRO A 18 -3.73 -6.35 21.82
CA PRO A 18 -4.86 -6.04 20.93
C PRO A 18 -4.55 -4.89 19.97
N LYS A 19 -4.79 -5.12 18.69
CA LYS A 19 -4.54 -4.10 17.68
C LYS A 19 -5.74 -3.18 17.51
N THR A 20 -5.48 -1.92 17.19
CA THR A 20 -6.55 -0.95 17.00
C THR A 20 -6.46 -0.29 15.64
N ASP A 21 -7.34 -0.69 14.73
CA ASP A 21 -7.36 -0.13 13.38
C ASP A 21 -8.52 0.84 13.21
N GLU A 22 -8.22 2.14 13.39
CA GLU A 22 -9.23 3.17 13.26
C GLU A 22 -9.06 3.96 11.97
N HIS A 23 -7.89 4.58 11.82
CA HIS A 23 -7.59 5.36 10.63
C HIS A 23 -6.87 4.50 9.58
N LYS A 24 -7.59 4.18 8.51
CA LYS A 24 -7.02 3.37 7.44
C LYS A 24 -5.86 4.08 6.76
N SER A 25 -4.93 3.31 6.22
CA SER A 25 -3.77 3.88 5.54
C SER A 25 -3.36 3.02 4.34
N TYR A 26 -3.01 3.69 3.24
CA TYR A 26 -2.61 2.98 2.03
C TYR A 26 -1.11 3.12 1.80
N SER A 27 -0.47 2.01 1.45
CA SER A 27 0.97 2.00 1.20
C SER A 27 1.29 2.55 -0.18
N CYS A 28 2.27 3.44 -0.24
CA CYS A 28 2.67 4.05 -1.51
C CYS A 28 3.17 2.99 -2.49
N SER A 29 2.81 3.16 -3.75
CA SER A 29 3.21 2.21 -4.79
C SER A 29 4.41 2.76 -5.58
N PHE A 30 5.28 3.50 -4.91
CA PHE A 30 6.45 4.08 -5.54
C PHE A 30 7.71 3.32 -5.13
N LYS A 31 8.70 3.30 -6.03
CA LYS A 31 9.96 2.62 -5.77
C LYS A 31 10.87 3.47 -4.89
N GLY A 32 10.73 3.30 -3.58
CA GLY A 32 11.56 4.05 -2.65
C GLY A 32 10.73 4.91 -1.71
N CYS A 33 9.58 4.39 -1.29
CA CYS A 33 8.70 5.12 -0.39
C CYS A 33 7.95 4.15 0.53
N THR A 34 7.91 4.49 1.82
CA THR A 34 7.22 3.67 2.80
C THR A 34 6.24 4.48 3.63
N ASP A 35 5.65 5.49 3.01
CA ASP A 35 4.68 6.35 3.68
C ASP A 35 3.25 6.00 3.28
N VAL A 36 2.30 6.28 4.16
CA VAL A 36 0.90 6.00 3.89
C VAL A 36 0.03 7.23 4.14
N GLU A 37 -1.23 7.15 3.72
CA GLU A 37 -2.16 8.25 3.91
C GLU A 37 -3.57 7.75 4.17
N LEU A 38 -4.38 8.56 4.84
CA LEU A 38 -5.75 8.19 5.17
C LEU A 38 -6.52 7.80 3.91
N VAL A 39 -6.28 8.53 2.82
CA VAL A 39 -6.95 8.25 1.56
C VAL A 39 -6.02 7.53 0.59
N ALA A 40 -6.58 7.08 -0.53
CA ALA A 40 -5.79 6.37 -1.53
C ALA A 40 -5.76 7.15 -2.84
N VAL A 41 -4.57 7.64 -3.20
CA VAL A 41 -4.39 8.41 -4.42
C VAL A 41 -4.05 7.49 -5.60
N ILE A 42 -5.07 7.03 -6.30
CA ILE A 42 -4.87 6.15 -7.44
C ILE A 42 -4.53 6.95 -8.70
N CYS A 43 -3.60 6.43 -9.48
CA CYS A 43 -3.18 7.09 -10.71
C CYS A 43 -3.98 6.59 -11.91
N PRO A 44 -4.61 7.52 -12.63
CA PRO A 44 -5.43 7.20 -13.81
C PRO A 44 -4.58 6.71 -14.99
N TYR A 45 -3.29 6.51 -14.74
CA TYR A 45 -2.37 6.05 -15.78
C TYR A 45 -1.88 4.65 -15.47
N CYS A 46 -1.19 4.49 -14.35
CA CYS A 46 -0.66 3.19 -13.93
C CYS A 46 -1.65 2.47 -13.02
N GLU A 47 -2.72 3.16 -12.65
CA GLU A 47 -3.73 2.59 -11.77
C GLU A 47 -3.11 2.09 -10.47
N LYS A 48 -2.24 2.92 -9.89
CA LYS A 48 -1.57 2.57 -8.65
C LYS A 48 -1.84 3.63 -7.57
N ASN A 49 -1.77 3.21 -6.31
CA ASN A 49 -1.99 4.12 -5.20
C ASN A 49 -0.68 4.70 -4.68
N PHE A 50 -0.63 6.01 -4.52
CA PHE A 50 0.57 6.69 -4.04
C PHE A 50 0.23 7.67 -2.93
N CYS A 51 1.26 8.27 -2.34
CA CYS A 51 1.07 9.23 -1.26
C CYS A 51 0.96 10.65 -1.81
N LEU A 52 0.15 11.47 -1.16
CA LEU A 52 -0.04 12.86 -1.58
C LEU A 52 1.26 13.44 -2.12
N ARG A 53 2.37 13.12 -1.47
CA ARG A 53 3.68 13.62 -1.90
C ARG A 53 4.03 13.11 -3.29
N HIS A 54 3.79 11.82 -3.52
CA HIS A 54 4.08 11.21 -4.81
C HIS A 54 2.79 10.93 -5.58
N ARG A 55 1.80 11.79 -5.41
CA ARG A 55 0.53 11.63 -6.10
C ARG A 55 0.64 11.99 -7.57
N HIS A 56 1.36 13.07 -7.86
CA HIS A 56 1.55 13.53 -9.22
C HIS A 56 2.13 12.41 -10.09
N GLN A 57 2.11 12.62 -11.41
CA GLN A 57 2.64 11.62 -12.34
C GLN A 57 4.16 11.65 -12.34
N SER A 58 4.73 12.84 -12.48
CA SER A 58 6.19 12.99 -12.50
C SER A 58 6.76 13.02 -11.09
N ASP A 59 6.20 12.19 -10.22
CA ASP A 59 6.65 12.12 -8.84
C ASP A 59 6.82 10.66 -8.40
N HIS A 60 5.96 9.79 -8.91
CA HIS A 60 6.02 8.37 -8.58
C HIS A 60 6.61 7.57 -9.72
N ASP A 61 7.39 8.23 -10.57
CA ASP A 61 8.02 7.57 -11.70
C ASP A 61 7.00 6.77 -12.51
N CYS A 62 5.89 7.42 -12.85
CA CYS A 62 4.83 6.77 -13.62
C CYS A 62 5.41 6.02 -14.82
N GLU A 63 5.27 4.69 -14.80
CA GLU A 63 5.77 3.86 -15.88
C GLU A 63 5.06 4.17 -17.19
N LYS A 64 3.82 4.61 -17.09
CA LYS A 64 3.02 4.95 -18.27
C LYS A 64 3.57 6.19 -18.96
N LEU A 65 3.89 7.22 -18.16
CA LEU A 65 4.43 8.46 -18.69
C LEU A 65 5.40 8.19 -19.84
N GLU A 66 5.57 9.18 -20.71
CA GLU A 66 6.47 9.05 -21.85
C GLU A 66 7.92 9.28 -21.43
N VAL A 67 8.31 8.69 -20.31
CA VAL A 67 9.67 8.83 -19.81
C VAL A 67 10.42 7.51 -19.85
N ALA A 68 10.97 7.18 -21.01
CA ALA A 68 11.72 5.94 -21.19
C ALA A 68 13.04 6.20 -21.90
N LYS A 69 14.03 6.69 -21.17
CA LYS A 69 15.34 6.98 -21.74
C LYS A 69 16.45 6.47 -20.82
N PRO A 70 17.53 5.97 -21.43
CA PRO A 70 18.68 5.45 -20.67
C PRO A 70 19.47 6.55 -19.97
N ARG A 71 19.09 7.79 -20.23
CA ARG A 71 19.76 8.94 -19.63
C ARG A 71 19.83 8.79 -18.11
N MET A 72 18.69 8.54 -17.48
CA MET A 72 18.63 8.37 -16.04
C MET A 72 19.89 7.69 -15.52
N ALA A 73 20.44 8.22 -14.43
CA ALA A 73 21.64 7.66 -13.83
C ALA A 73 21.80 8.09 -12.38
N ALA A 74 22.63 7.37 -11.64
CA ALA A 74 22.86 7.70 -10.23
C ALA A 74 24.34 7.56 -9.88
N THR A 75 24.91 8.63 -9.33
CA THR A 75 26.32 8.63 -8.95
C THR A 75 26.48 8.80 -7.44
N GLN A 76 25.59 8.16 -6.67
CA GLN A 76 25.64 8.24 -5.22
C GLN A 76 25.18 6.92 -4.59
N LYS A 77 25.61 6.69 -3.35
CA LYS A 77 25.24 5.47 -2.63
C LYS A 77 24.13 5.75 -1.63
N LEU A 78 23.16 6.55 -2.04
CA LEU A 78 22.03 6.89 -1.17
C LEU A 78 20.93 7.59 -1.95
N VAL A 79 19.68 7.29 -1.61
CA VAL A 79 18.54 7.89 -2.28
C VAL A 79 17.84 8.91 -1.39
N ARG A 80 18.63 9.66 -0.62
CA ARG A 80 18.10 10.67 0.29
C ARG A 80 18.29 12.07 -0.29
N SER A 81 17.36 12.47 -1.16
CA SER A 81 17.42 13.78 -1.78
C SER A 81 16.02 14.33 -2.05
N GLY A 82 15.75 15.53 -1.54
CA GLY A 82 14.44 16.13 -1.73
C GLY A 82 14.47 17.64 -1.57
N PRO A 83 15.00 18.35 -2.57
CA PRO A 83 15.11 19.81 -2.55
C PRO A 83 13.75 20.49 -2.67
N SER A 84 13.23 20.98 -1.54
CA SER A 84 11.94 21.65 -1.52
C SER A 84 12.01 22.97 -2.26
N SER A 85 12.93 23.84 -1.84
CA SER A 85 13.09 25.15 -2.46
C SER A 85 11.74 25.85 -2.61
N GLY A 86 10.91 25.75 -1.57
CA GLY A 86 9.61 26.38 -1.60
C GLY A 86 9.65 27.79 -2.16
ZN ZN B . 5.20 7.97 -1.76
ZN ZN C . 1.09 6.78 -12.65
N GLY A 1 -26.29 44.67 -11.03
CA GLY A 1 -26.96 44.89 -12.29
C GLY A 1 -27.81 43.72 -12.71
N SER A 2 -29.09 43.98 -12.99
CA SER A 2 -30.02 42.93 -13.39
C SER A 2 -30.61 43.23 -14.77
N SER A 3 -29.97 42.72 -15.80
CA SER A 3 -30.43 42.94 -17.18
C SER A 3 -31.14 41.70 -17.71
N GLY A 4 -32.44 41.62 -17.42
CA GLY A 4 -33.22 40.48 -17.89
C GLY A 4 -32.91 39.21 -17.12
N SER A 5 -32.90 39.31 -15.79
CA SER A 5 -32.60 38.15 -14.95
C SER A 5 -33.89 37.51 -14.44
N SER A 6 -33.94 36.18 -14.49
CA SER A 6 -35.11 35.44 -14.04
C SER A 6 -34.76 33.99 -13.77
N GLY A 7 -35.07 33.52 -12.56
CA GLY A 7 -34.79 32.14 -12.20
C GLY A 7 -35.38 31.76 -10.85
N CYS A 8 -36.56 31.16 -10.88
CA CYS A 8 -37.24 30.75 -9.65
C CYS A 8 -37.38 29.23 -9.60
N SER A 9 -36.32 28.53 -10.00
CA SER A 9 -36.34 27.07 -10.00
C SER A 9 -35.00 26.51 -9.50
N GLU A 10 -35.03 25.91 -8.32
CA GLU A 10 -33.82 25.34 -7.73
C GLU A 10 -34.12 23.97 -7.11
N VAL A 11 -33.05 23.25 -6.77
CA VAL A 11 -33.19 21.92 -6.17
C VAL A 11 -31.90 21.49 -5.49
N ASN A 12 -32.02 20.80 -4.37
CA ASN A 12 -30.86 20.32 -3.63
C ASN A 12 -30.72 18.81 -3.75
N VAL A 13 -29.49 18.36 -4.02
CA VAL A 13 -29.23 16.92 -4.16
C VAL A 13 -28.86 16.30 -2.82
N VAL A 14 -29.39 15.10 -2.56
CA VAL A 14 -29.12 14.40 -1.32
C VAL A 14 -28.98 12.89 -1.56
N LYS A 15 -27.77 12.38 -1.37
CA LYS A 15 -27.50 10.96 -1.55
C LYS A 15 -27.26 10.27 -0.22
N GLU A 16 -27.11 8.95 -0.26
CA GLU A 16 -26.89 8.16 0.95
C GLU A 16 -25.40 8.04 1.25
N ARG A 17 -25.02 8.30 2.49
CA ARG A 17 -23.63 8.22 2.90
C ARG A 17 -23.46 7.28 4.09
N PRO A 18 -22.33 6.57 4.13
CA PRO A 18 -22.03 5.61 5.21
C PRO A 18 -21.74 6.32 6.53
N LYS A 19 -22.50 5.93 7.56
CA LYS A 19 -22.33 6.52 8.89
C LYS A 19 -21.03 6.05 9.53
N THR A 20 -20.88 4.73 9.65
CA THR A 20 -19.68 4.15 10.25
C THR A 20 -18.42 4.83 9.73
N ASP A 21 -17.40 4.90 10.58
CA ASP A 21 -16.14 5.53 10.21
C ASP A 21 -14.96 4.70 10.70
N GLU A 22 -13.84 4.80 10.00
CA GLU A 22 -12.63 4.06 10.38
C GLU A 22 -11.38 4.79 9.89
N HIS A 23 -10.27 4.55 10.59
CA HIS A 23 -9.00 5.18 10.24
C HIS A 23 -8.09 4.21 9.49
N LYS A 24 -8.19 4.22 8.16
CA LYS A 24 -7.38 3.33 7.33
C LYS A 24 -6.16 4.07 6.79
N SER A 25 -5.33 3.35 6.04
CA SER A 25 -4.12 3.92 5.47
C SER A 25 -3.54 3.01 4.39
N TYR A 26 -3.19 3.61 3.25
CA TYR A 26 -2.61 2.86 2.14
C TYR A 26 -1.12 3.12 2.01
N SER A 27 -0.38 2.10 1.58
CA SER A 27 1.06 2.22 1.41
C SER A 27 1.41 2.72 0.00
N CYS A 28 2.30 3.69 -0.07
CA CYS A 28 2.72 4.26 -1.34
C CYS A 28 3.28 3.17 -2.26
N SER A 29 2.89 3.22 -3.53
CA SER A 29 3.35 2.24 -4.51
C SER A 29 4.58 2.74 -5.25
N PHE A 30 5.35 3.60 -4.58
CA PHE A 30 6.57 4.16 -5.17
C PHE A 30 7.80 3.44 -4.64
N LYS A 31 8.66 3.03 -5.56
CA LYS A 31 9.90 2.32 -5.19
C LYS A 31 10.84 3.25 -4.43
N GLY A 32 10.69 3.27 -3.10
CA GLY A 32 11.54 4.11 -2.27
C GLY A 32 10.73 5.06 -1.41
N CYS A 33 9.60 4.59 -0.90
CA CYS A 33 8.73 5.40 -0.06
C CYS A 33 7.99 4.54 0.95
N THR A 34 7.92 5.02 2.19
CA THR A 34 7.23 4.29 3.25
C THR A 34 6.22 5.18 3.96
N ASP A 35 5.50 5.98 3.19
CA ASP A 35 4.49 6.88 3.74
C ASP A 35 3.09 6.43 3.37
N VAL A 36 2.15 6.60 4.30
CA VAL A 36 0.76 6.20 4.07
C VAL A 36 -0.18 7.39 4.17
N GLU A 37 -1.44 7.18 3.82
CA GLU A 37 -2.43 8.24 3.87
C GLU A 37 -3.83 7.67 4.09
N LEU A 38 -4.67 8.42 4.79
CA LEU A 38 -6.04 7.98 5.07
C LEU A 38 -6.72 7.50 3.80
N VAL A 39 -6.54 8.24 2.72
CA VAL A 39 -7.14 7.89 1.43
C VAL A 39 -6.11 7.27 0.49
N ALA A 40 -6.59 6.67 -0.58
CA ALA A 40 -5.70 6.04 -1.57
C ALA A 40 -5.69 6.83 -2.87
N VAL A 41 -4.57 7.49 -3.14
CA VAL A 41 -4.41 8.29 -4.36
C VAL A 41 -4.02 7.41 -5.54
N ILE A 42 -5.00 6.93 -6.27
CA ILE A 42 -4.75 6.07 -7.43
C ILE A 42 -4.46 6.91 -8.67
N CYS A 43 -3.52 6.45 -9.48
CA CYS A 43 -3.15 7.15 -10.70
C CYS A 43 -4.00 6.67 -11.88
N PRO A 44 -4.63 7.63 -12.57
CA PRO A 44 -5.48 7.34 -13.74
C PRO A 44 -4.68 6.87 -14.94
N TYR A 45 -3.37 6.66 -14.73
CA TYR A 45 -2.50 6.20 -15.81
C TYR A 45 -1.99 4.79 -15.54
N CYS A 46 -1.24 4.63 -14.45
CA CYS A 46 -0.69 3.33 -14.08
C CYS A 46 -1.65 2.58 -13.17
N GLU A 47 -2.66 3.29 -12.66
CA GLU A 47 -3.64 2.70 -11.77
C GLU A 47 -2.98 2.18 -10.50
N LYS A 48 -2.18 3.02 -9.87
CA LYS A 48 -1.49 2.66 -8.64
C LYS A 48 -1.72 3.69 -7.54
N ASN A 49 -1.82 3.23 -6.31
CA ASN A 49 -2.04 4.12 -5.17
C ASN A 49 -0.72 4.71 -4.67
N PHE A 50 -0.70 6.02 -4.48
CA PHE A 50 0.50 6.70 -4.00
C PHE A 50 0.15 7.70 -2.91
N CYS A 51 1.18 8.32 -2.34
CA CYS A 51 1.00 9.31 -1.28
C CYS A 51 0.92 10.72 -1.85
N LEU A 52 0.11 11.57 -1.23
CA LEU A 52 -0.05 12.95 -1.68
C LEU A 52 1.27 13.52 -2.16
N ARG A 53 2.34 13.22 -1.43
CA ARG A 53 3.67 13.71 -1.79
C ARG A 53 4.10 13.17 -3.16
N HIS A 54 3.79 11.91 -3.41
CA HIS A 54 4.14 11.27 -4.68
C HIS A 54 2.89 10.93 -5.48
N ARG A 55 1.90 11.82 -5.43
CA ARG A 55 0.65 11.61 -6.15
C ARG A 55 0.81 11.96 -7.62
N HIS A 56 1.59 12.99 -7.91
CA HIS A 56 1.83 13.42 -9.28
C HIS A 56 2.32 12.26 -10.14
N GLN A 57 2.33 12.46 -11.45
CA GLN A 57 2.77 11.42 -12.38
C GLN A 57 4.29 11.36 -12.43
N SER A 58 4.93 12.51 -12.56
CA SER A 58 6.38 12.58 -12.62
C SER A 58 7.00 12.52 -11.22
N ASP A 59 6.21 12.03 -10.26
CA ASP A 59 6.68 11.91 -8.89
C ASP A 59 6.91 10.46 -8.51
N HIS A 60 6.04 9.57 -9.01
CA HIS A 60 6.15 8.15 -8.73
C HIS A 60 6.70 7.40 -9.94
N ASP A 61 7.51 8.08 -10.75
CA ASP A 61 8.09 7.48 -11.93
C ASP A 61 7.04 6.71 -12.72
N CYS A 62 5.90 7.34 -12.96
CA CYS A 62 4.82 6.71 -13.70
C CYS A 62 5.36 5.92 -14.90
N GLU A 63 4.92 4.68 -15.02
CA GLU A 63 5.36 3.82 -16.12
C GLU A 63 4.63 4.17 -17.41
N LYS A 64 3.45 4.77 -17.28
CA LYS A 64 2.64 5.16 -18.43
C LYS A 64 3.03 6.55 -18.91
N LEU A 65 4.28 6.94 -18.64
CA LEU A 65 4.77 8.25 -19.05
C LEU A 65 5.63 8.14 -20.31
N GLU A 66 5.82 9.26 -20.99
CA GLU A 66 6.62 9.30 -22.21
C GLU A 66 8.07 9.65 -21.89
N VAL A 67 8.61 9.03 -20.85
CA VAL A 67 9.99 9.30 -20.45
C VAL A 67 10.90 8.14 -20.85
N ALA A 68 12.14 8.46 -21.18
CA ALA A 68 13.11 7.45 -21.58
C ALA A 68 13.11 6.28 -20.61
N LYS A 69 12.52 5.17 -21.02
CA LYS A 69 12.45 3.98 -20.18
C LYS A 69 13.29 2.85 -20.78
N PRO A 70 14.06 2.16 -19.91
CA PRO A 70 14.92 1.05 -20.33
C PRO A 70 14.12 -0.18 -20.74
N ARG A 71 12.80 -0.02 -20.82
CA ARG A 71 11.92 -1.12 -21.21
C ARG A 71 11.45 -0.96 -22.65
N MET A 72 12.22 -1.53 -23.58
CA MET A 72 11.89 -1.45 -24.99
C MET A 72 10.41 -1.77 -25.23
N ALA A 73 9.69 -0.84 -25.83
CA ALA A 73 8.28 -1.02 -26.12
C ALA A 73 8.00 -0.88 -27.61
N ALA A 74 8.15 -1.99 -28.34
CA ALA A 74 7.90 -1.99 -29.77
C ALA A 74 7.02 -3.16 -30.19
N THR A 75 6.02 -3.46 -29.36
CA THR A 75 5.11 -4.56 -29.63
C THR A 75 3.66 -4.14 -29.42
N GLN A 76 2.73 -5.01 -29.79
CA GLN A 76 1.31 -4.73 -29.64
C GLN A 76 0.61 -5.83 -28.83
N LYS A 77 -0.35 -5.43 -28.00
CA LYS A 77 -1.09 -6.38 -27.19
C LYS A 77 -2.59 -6.26 -27.43
N LEU A 78 -3.31 -7.33 -27.16
CA LEU A 78 -4.76 -7.35 -27.35
C LEU A 78 -5.41 -6.14 -26.70
N VAL A 79 -6.34 -5.51 -27.41
CA VAL A 79 -7.04 -4.33 -26.91
C VAL A 79 -8.04 -4.72 -25.82
N ARG A 80 -9.03 -5.53 -26.19
CA ARG A 80 -10.04 -5.97 -25.25
C ARG A 80 -9.75 -7.39 -24.75
N SER A 81 -8.88 -7.49 -23.76
CA SER A 81 -8.51 -8.78 -23.20
C SER A 81 -9.74 -9.66 -23.01
N GLY A 82 -9.52 -10.97 -22.95
CA GLY A 82 -10.62 -11.91 -22.77
C GLY A 82 -10.14 -13.29 -22.37
N PRO A 83 -11.11 -14.21 -22.20
CA PRO A 83 -10.80 -15.60 -21.82
C PRO A 83 -10.11 -16.37 -22.93
N SER A 84 -9.77 -15.68 -24.01
CA SER A 84 -9.11 -16.30 -25.15
C SER A 84 -7.62 -16.46 -24.89
N SER A 85 -7.16 -17.72 -24.84
CA SER A 85 -5.76 -18.01 -24.60
C SER A 85 -4.86 -17.04 -25.35
N GLY A 86 -5.21 -16.77 -26.60
CA GLY A 86 -4.43 -15.86 -27.41
C GLY A 86 -3.94 -16.49 -28.70
ZN ZN B . 5.23 8.20 -1.61
ZN ZN C . 1.06 6.78 -12.74
N GLY A 1 5.03 -22.23 27.92
CA GLY A 1 4.39 -21.92 29.19
C GLY A 1 3.31 -22.92 29.54
N SER A 2 3.06 -23.10 30.83
CA SER A 2 2.06 -24.04 31.30
C SER A 2 1.63 -23.71 32.73
N SER A 3 0.35 -23.43 32.91
CA SER A 3 -0.19 -23.10 34.24
C SER A 3 -1.64 -23.55 34.36
N GLY A 4 -2.10 -23.67 35.61
CA GLY A 4 -3.47 -24.10 35.85
C GLY A 4 -3.93 -23.79 37.25
N SER A 5 -5.22 -23.53 37.41
CA SER A 5 -5.79 -23.22 38.72
C SER A 5 -7.30 -23.09 38.64
N SER A 6 -7.97 -23.31 39.77
CA SER A 6 -9.44 -23.21 39.82
C SER A 6 -9.87 -21.89 40.44
N GLY A 7 -10.70 -21.15 39.72
CA GLY A 7 -11.17 -19.87 40.21
C GLY A 7 -11.76 -19.00 39.11
N CYS A 8 -12.79 -18.23 39.45
CA CYS A 8 -13.44 -17.35 38.48
C CYS A 8 -14.08 -16.16 39.17
N SER A 9 -13.58 -14.97 38.88
CA SER A 9 -14.10 -13.74 39.47
C SER A 9 -14.90 -12.95 38.45
N GLU A 10 -15.66 -11.97 38.95
CA GLU A 10 -16.49 -11.12 38.09
C GLU A 10 -15.63 -10.10 37.36
N VAL A 11 -16.26 -9.34 36.46
CA VAL A 11 -15.55 -8.32 35.70
C VAL A 11 -16.50 -7.19 35.30
N ASN A 12 -16.29 -6.02 35.89
CA ASN A 12 -17.11 -4.85 35.59
C ASN A 12 -16.34 -3.82 34.79
N VAL A 13 -16.41 -3.93 33.46
CA VAL A 13 -15.71 -3.00 32.58
C VAL A 13 -16.09 -3.24 31.13
N VAL A 14 -16.16 -2.17 30.35
CA VAL A 14 -16.51 -2.26 28.94
C VAL A 14 -15.26 -2.31 28.07
N LYS A 15 -14.96 -3.50 27.55
CA LYS A 15 -13.79 -3.68 26.70
C LYS A 15 -14.20 -4.16 25.30
N GLU A 16 -15.47 -3.96 24.96
CA GLU A 16 -15.98 -4.38 23.66
C GLU A 16 -16.70 -3.21 22.98
N ARG A 17 -16.04 -2.62 21.99
CA ARG A 17 -16.61 -1.50 21.25
C ARG A 17 -16.18 -1.54 19.78
N PRO A 18 -17.15 -1.72 18.88
CA PRO A 18 -16.89 -1.77 17.44
C PRO A 18 -16.48 -0.42 16.87
N LYS A 19 -16.12 -0.41 15.60
CA LYS A 19 -15.71 0.81 14.93
C LYS A 19 -16.76 1.28 13.92
N THR A 20 -17.43 2.38 14.22
CA THR A 20 -18.46 2.92 13.34
C THR A 20 -17.84 3.70 12.19
N ASP A 21 -16.72 4.36 12.46
CA ASP A 21 -16.02 5.14 11.44
C ASP A 21 -14.52 5.02 11.60
N GLU A 22 -13.86 4.50 10.56
CA GLU A 22 -12.42 4.32 10.59
C GLU A 22 -11.84 4.41 9.17
N HIS A 23 -10.73 5.15 9.04
CA HIS A 23 -10.08 5.32 7.75
C HIS A 23 -9.02 4.25 7.53
N LYS A 24 -8.79 3.89 6.27
CA LYS A 24 -7.80 2.88 5.93
C LYS A 24 -6.51 3.53 5.45
N SER A 25 -5.38 2.97 5.86
CA SER A 25 -4.08 3.49 5.48
C SER A 25 -3.54 2.76 4.25
N TYR A 26 -3.27 3.50 3.19
CA TYR A 26 -2.75 2.92 1.96
C TYR A 26 -1.24 3.14 1.84
N SER A 27 -0.52 2.08 1.47
CA SER A 27 0.92 2.15 1.32
C SER A 27 1.31 2.60 -0.09
N CYS A 28 2.19 3.59 -0.16
CA CYS A 28 2.64 4.11 -1.45
C CYS A 28 3.18 2.99 -2.33
N SER A 29 2.94 3.10 -3.63
CA SER A 29 3.40 2.10 -4.59
C SER A 29 4.83 2.37 -5.02
N PHE A 30 5.51 3.25 -4.29
CA PHE A 30 6.88 3.60 -4.60
C PHE A 30 7.86 2.74 -3.80
N LYS A 31 8.77 2.08 -4.51
CA LYS A 31 9.76 1.22 -3.87
C LYS A 31 10.86 2.05 -3.20
N GLY A 32 10.56 2.54 -1.99
CA GLY A 32 11.54 3.34 -1.27
C GLY A 32 10.94 4.62 -0.73
N CYS A 33 9.63 4.60 -0.49
CA CYS A 33 8.94 5.78 0.03
C CYS A 33 8.37 5.50 1.41
N THR A 34 8.11 4.23 1.71
CA THR A 34 7.57 3.83 3.00
C THR A 34 6.67 4.93 3.58
N ASP A 35 5.69 5.35 2.79
CA ASP A 35 4.76 6.38 3.22
C ASP A 35 3.32 5.90 3.09
N VAL A 36 2.45 6.41 3.96
CA VAL A 36 1.05 6.04 3.95
C VAL A 36 0.14 7.25 4.09
N GLU A 37 -1.13 7.09 3.75
CA GLU A 37 -2.09 8.18 3.84
C GLU A 37 -3.49 7.66 4.12
N LEU A 38 -4.31 8.48 4.79
CA LEU A 38 -5.68 8.08 5.12
C LEU A 38 -6.48 7.79 3.86
N VAL A 39 -6.16 8.50 2.78
CA VAL A 39 -6.85 8.32 1.51
C VAL A 39 -5.98 7.56 0.51
N ALA A 40 -6.61 7.04 -0.54
CA ALA A 40 -5.89 6.30 -1.57
C ALA A 40 -5.83 7.08 -2.88
N VAL A 41 -4.68 7.67 -3.16
CA VAL A 41 -4.49 8.44 -4.38
C VAL A 41 -4.14 7.54 -5.56
N ILE A 42 -5.16 7.04 -6.24
CA ILE A 42 -4.95 6.16 -7.39
C ILE A 42 -4.62 6.96 -8.64
N CYS A 43 -3.67 6.47 -9.42
CA CYS A 43 -3.26 7.15 -10.65
C CYS A 43 -4.06 6.62 -11.84
N PRO A 44 -4.71 7.54 -12.56
CA PRO A 44 -5.53 7.20 -13.73
C PRO A 44 -4.68 6.76 -14.91
N TYR A 45 -3.37 6.63 -14.69
CA TYR A 45 -2.45 6.20 -15.73
C TYR A 45 -1.93 4.79 -15.46
N CYS A 46 -1.25 4.63 -14.34
CA CYS A 46 -0.69 3.32 -13.97
C CYS A 46 -1.68 2.56 -13.09
N GLU A 47 -2.74 3.23 -12.65
CA GLU A 47 -3.75 2.61 -11.81
C GLU A 47 -3.13 2.12 -10.50
N LYS A 48 -2.30 2.96 -9.89
CA LYS A 48 -1.64 2.61 -8.64
C LYS A 48 -1.87 3.69 -7.58
N ASN A 49 -1.84 3.29 -6.32
CA ASN A 49 -2.05 4.23 -5.22
C ASN A 49 -0.72 4.74 -4.69
N PHE A 50 -0.61 6.06 -4.56
CA PHE A 50 0.61 6.69 -4.06
C PHE A 50 0.29 7.71 -2.98
N CYS A 51 1.34 8.20 -2.30
CA CYS A 51 1.17 9.19 -1.24
C CYS A 51 1.03 10.60 -1.82
N LEU A 52 0.25 11.43 -1.16
CA LEU A 52 0.02 12.80 -1.60
C LEU A 52 1.30 13.38 -2.22
N ARG A 53 2.43 13.09 -1.60
CA ARG A 53 3.72 13.58 -2.09
C ARG A 53 4.02 13.03 -3.48
N HIS A 54 3.78 11.73 -3.66
CA HIS A 54 4.03 11.09 -4.94
C HIS A 54 2.72 10.83 -5.69
N ARG A 55 1.73 11.68 -5.44
CA ARG A 55 0.43 11.56 -6.08
C ARG A 55 0.53 11.85 -7.58
N HIS A 56 1.27 12.90 -7.92
CA HIS A 56 1.43 13.29 -9.31
C HIS A 56 2.10 12.18 -10.11
N GLN A 57 2.07 12.29 -11.43
CA GLN A 57 2.66 11.28 -12.31
C GLN A 57 4.19 11.32 -12.22
N SER A 58 4.78 12.34 -12.83
CA SER A 58 6.24 12.49 -12.82
C SER A 58 6.80 12.26 -11.42
N ASP A 59 6.05 12.70 -10.41
CA ASP A 59 6.48 12.54 -9.02
C ASP A 59 6.85 11.08 -8.74
N HIS A 60 5.94 10.17 -9.06
CA HIS A 60 6.18 8.75 -8.84
C HIS A 60 6.74 8.09 -10.09
N ASP A 61 7.36 8.89 -10.95
CA ASP A 61 7.94 8.38 -12.18
C ASP A 61 6.99 7.43 -12.90
N CYS A 62 5.77 7.90 -13.12
CA CYS A 62 4.75 7.09 -13.79
C CYS A 62 5.33 6.38 -15.01
N GLU A 63 5.44 5.06 -14.92
CA GLU A 63 5.98 4.25 -16.01
C GLU A 63 5.20 4.49 -17.30
N LYS A 64 3.89 4.68 -17.17
CA LYS A 64 3.03 4.91 -18.31
C LYS A 64 3.55 6.06 -19.17
N LEU A 65 3.93 7.15 -18.51
CA LEU A 65 4.46 8.32 -19.21
C LEU A 65 5.45 7.91 -20.29
N GLU A 66 5.78 8.84 -21.17
CA GLU A 66 6.72 8.57 -22.26
C GLU A 66 8.15 8.92 -21.84
N VAL A 67 8.46 8.69 -20.56
CA VAL A 67 9.79 8.98 -20.04
C VAL A 67 10.52 7.69 -19.70
N ALA A 68 11.63 7.46 -20.39
CA ALA A 68 12.45 6.27 -20.17
C ALA A 68 13.65 6.58 -19.27
N LYS A 69 13.90 5.71 -18.29
CA LYS A 69 15.02 5.90 -17.38
C LYS A 69 15.58 4.56 -16.94
N PRO A 70 16.92 4.47 -16.85
CA PRO A 70 17.61 3.24 -16.44
C PRO A 70 17.41 2.94 -14.96
N ARG A 71 16.76 3.86 -14.25
CA ARG A 71 16.50 3.69 -12.83
C ARG A 71 15.72 2.39 -12.57
N MET A 72 16.29 1.53 -11.74
CA MET A 72 15.65 0.26 -11.41
C MET A 72 14.21 0.48 -10.94
N ALA A 73 13.40 -0.57 -11.01
CA ALA A 73 12.02 -0.49 -10.59
C ALA A 73 11.57 -1.79 -9.92
N ALA A 74 10.41 -1.75 -9.28
CA ALA A 74 9.87 -2.92 -8.60
C ALA A 74 9.24 -3.88 -9.60
N THR A 75 8.74 -5.01 -9.09
CA THR A 75 8.10 -6.01 -9.94
C THR A 75 6.58 -5.96 -9.80
N GLN A 76 6.11 -5.89 -8.57
CA GLN A 76 4.67 -5.85 -8.30
C GLN A 76 3.96 -4.95 -9.30
N LYS A 77 2.89 -5.47 -9.89
CA LYS A 77 2.12 -4.71 -10.87
C LYS A 77 0.87 -5.48 -11.29
N LEU A 78 -0.28 -4.81 -11.22
CA LEU A 78 -1.54 -5.44 -11.60
C LEU A 78 -1.97 -5.01 -13.00
N VAL A 79 -2.82 -5.81 -13.63
CA VAL A 79 -3.30 -5.50 -14.97
C VAL A 79 -4.43 -6.45 -15.37
N ARG A 80 -5.47 -5.90 -15.97
CA ARG A 80 -6.62 -6.70 -16.41
C ARG A 80 -6.89 -6.49 -17.90
N SER A 81 -7.70 -7.37 -18.48
CA SER A 81 -8.03 -7.30 -19.89
C SER A 81 -9.42 -6.67 -20.08
N GLY A 82 -9.53 -5.80 -21.07
CA GLY A 82 -10.81 -5.14 -21.34
C GLY A 82 -11.76 -6.05 -22.11
N PRO A 83 -13.07 -5.79 -21.96
CA PRO A 83 -14.11 -6.56 -22.62
C PRO A 83 -14.14 -6.32 -24.12
N SER A 84 -13.36 -7.10 -24.87
CA SER A 84 -13.29 -6.96 -26.31
C SER A 84 -13.84 -8.21 -27.01
N SER A 85 -15.03 -8.08 -27.59
CA SER A 85 -15.67 -9.19 -28.28
C SER A 85 -16.87 -8.73 -29.09
N GLY A 86 -17.15 -9.42 -30.18
CA GLY A 86 -18.27 -9.06 -31.03
C GLY A 86 -17.94 -9.18 -32.51
ZN ZN B . 5.22 8.01 -1.97
ZN ZN C . 1.01 6.82 -12.57
N GLY A 1 -5.20 -44.38 59.50
CA GLY A 1 -5.37 -43.70 58.23
C GLY A 1 -4.69 -42.34 58.22
N SER A 2 -3.96 -42.05 57.15
CA SER A 2 -3.25 -40.79 57.02
C SER A 2 -3.07 -40.41 55.56
N SER A 3 -3.65 -39.27 55.17
CA SER A 3 -3.55 -38.80 53.79
C SER A 3 -3.86 -37.31 53.71
N GLY A 4 -3.37 -36.67 52.65
CA GLY A 4 -3.59 -35.24 52.48
C GLY A 4 -3.50 -34.82 51.03
N SER A 5 -4.64 -34.79 50.35
CA SER A 5 -4.68 -34.40 48.94
C SER A 5 -5.41 -33.08 48.77
N SER A 6 -4.68 -31.98 48.95
CA SER A 6 -5.26 -30.65 48.81
C SER A 6 -4.60 -29.89 47.66
N GLY A 7 -5.40 -29.07 46.98
CA GLY A 7 -4.88 -28.30 45.85
C GLY A 7 -5.98 -27.61 45.07
N CYS A 8 -6.04 -26.29 45.18
CA CYS A 8 -7.05 -25.51 44.47
C CYS A 8 -6.48 -24.19 43.98
N SER A 9 -6.32 -24.07 42.67
CA SER A 9 -5.78 -22.86 42.07
C SER A 9 -6.36 -22.62 40.68
N GLU A 10 -5.98 -21.52 40.06
CA GLU A 10 -6.46 -21.18 38.73
C GLU A 10 -5.43 -20.34 37.97
N VAL A 11 -5.47 -20.43 36.64
CA VAL A 11 -4.54 -19.68 35.80
C VAL A 11 -5.10 -19.50 34.39
N ASN A 12 -5.37 -18.26 34.02
CA ASN A 12 -5.91 -17.95 32.70
C ASN A 12 -5.16 -16.78 32.07
N VAL A 13 -5.44 -16.53 30.79
CA VAL A 13 -4.79 -15.44 30.07
C VAL A 13 -5.82 -14.47 29.51
N VAL A 14 -5.75 -13.22 29.93
CA VAL A 14 -6.67 -12.19 29.47
C VAL A 14 -5.96 -11.17 28.59
N LYS A 15 -6.28 -11.18 27.30
CA LYS A 15 -5.68 -10.25 26.35
C LYS A 15 -6.70 -9.24 25.85
N GLU A 16 -6.30 -7.98 25.78
CA GLU A 16 -7.18 -6.92 25.31
C GLU A 16 -6.71 -6.37 23.97
N ARG A 17 -7.67 -6.03 23.11
CA ARG A 17 -7.35 -5.50 21.79
C ARG A 17 -6.92 -4.04 21.88
N PRO A 18 -5.96 -3.65 21.02
CA PRO A 18 -5.43 -2.29 20.99
C PRO A 18 -6.45 -1.29 20.46
N LYS A 19 -6.07 -0.01 20.47
CA LYS A 19 -6.95 1.04 19.98
C LYS A 19 -6.92 1.11 18.46
N THR A 20 -8.02 1.58 17.87
CA THR A 20 -8.12 1.70 16.43
C THR A 20 -9.38 2.45 16.01
N ASP A 21 -9.22 3.46 15.16
CA ASP A 21 -10.35 4.26 14.70
C ASP A 21 -10.46 4.20 13.18
N GLU A 22 -10.84 3.04 12.66
CA GLU A 22 -10.99 2.85 11.22
C GLU A 22 -9.95 3.67 10.46
N HIS A 23 -8.70 3.56 10.87
CA HIS A 23 -7.61 4.29 10.23
C HIS A 23 -7.12 3.56 8.99
N LYS A 24 -7.73 3.84 7.85
CA LYS A 24 -7.35 3.20 6.60
C LYS A 24 -6.15 3.90 5.97
N SER A 25 -5.02 3.22 5.96
CA SER A 25 -3.79 3.78 5.39
C SER A 25 -3.31 2.95 4.20
N TYR A 26 -3.16 3.60 3.05
CA TYR A 26 -2.70 2.93 1.84
C TYR A 26 -1.20 3.14 1.62
N SER A 27 -0.47 2.04 1.51
CA SER A 27 0.97 2.11 1.30
C SER A 27 1.29 2.65 -0.08
N CYS A 28 2.19 3.62 -0.14
CA CYS A 28 2.59 4.23 -1.41
C CYS A 28 3.13 3.16 -2.37
N SER A 29 2.85 3.33 -3.66
CA SER A 29 3.31 2.38 -4.67
C SER A 29 4.68 2.78 -5.21
N PHE A 30 5.45 3.49 -4.39
CA PHE A 30 6.78 3.95 -4.78
C PHE A 30 7.84 2.93 -4.38
N LYS A 31 9.07 3.16 -4.82
CA LYS A 31 10.17 2.27 -4.50
C LYS A 31 11.03 2.83 -3.38
N GLY A 32 10.74 2.41 -2.15
CA GLY A 32 11.50 2.90 -1.00
C GLY A 32 10.98 4.22 -0.48
N CYS A 33 9.66 4.38 -0.46
CA CYS A 33 9.05 5.61 0.02
C CYS A 33 8.42 5.41 1.40
N THR A 34 8.15 4.15 1.74
CA THR A 34 7.55 3.83 3.03
C THR A 34 6.65 4.95 3.52
N ASP A 35 5.71 5.35 2.67
CA ASP A 35 4.77 6.41 3.02
C ASP A 35 3.33 5.93 2.87
N VAL A 36 2.45 6.44 3.72
CA VAL A 36 1.04 6.06 3.69
C VAL A 36 0.15 7.28 3.95
N GLU A 37 -1.14 7.13 3.65
CA GLU A 37 -2.10 8.21 3.85
C GLU A 37 -3.49 7.66 4.12
N LEU A 38 -4.32 8.44 4.81
CA LEU A 38 -5.68 8.03 5.13
C LEU A 38 -6.45 7.68 3.88
N VAL A 39 -6.30 8.50 2.83
CA VAL A 39 -6.97 8.27 1.57
C VAL A 39 -6.11 7.47 0.61
N ALA A 40 -6.66 7.14 -0.55
CA ALA A 40 -5.94 6.38 -1.56
C ALA A 40 -5.85 7.14 -2.87
N VAL A 41 -4.68 7.70 -3.15
CA VAL A 41 -4.46 8.46 -4.37
C VAL A 41 -4.07 7.54 -5.52
N ILE A 42 -5.05 7.13 -6.31
CA ILE A 42 -4.80 6.25 -7.45
C ILE A 42 -4.46 7.05 -8.70
N CYS A 43 -3.61 6.49 -9.54
CA CYS A 43 -3.20 7.16 -10.78
C CYS A 43 -4.00 6.63 -11.97
N PRO A 44 -4.61 7.55 -12.73
CA PRO A 44 -5.41 7.20 -13.90
C PRO A 44 -4.56 6.68 -15.05
N TYR A 45 -3.26 6.49 -14.79
CA TYR A 45 -2.34 6.00 -15.80
C TYR A 45 -1.84 4.59 -15.44
N CYS A 46 -1.13 4.49 -14.34
CA CYS A 46 -0.59 3.21 -13.88
C CYS A 46 -1.59 2.50 -12.98
N GLU A 47 -2.66 3.19 -12.63
CA GLU A 47 -3.69 2.63 -11.75
C GLU A 47 -3.08 2.11 -10.45
N LYS A 48 -2.27 2.96 -9.82
CA LYS A 48 -1.62 2.59 -8.56
C LYS A 48 -1.85 3.68 -7.50
N ASN A 49 -1.85 3.27 -6.24
CA ASN A 49 -2.06 4.20 -5.13
C ASN A 49 -0.72 4.73 -4.62
N PHE A 50 -0.62 6.05 -4.53
CA PHE A 50 0.61 6.69 -4.05
C PHE A 50 0.30 7.70 -2.96
N CYS A 51 1.34 8.16 -2.27
CA CYS A 51 1.19 9.13 -1.19
C CYS A 51 1.04 10.55 -1.75
N LEU A 52 0.25 11.36 -1.06
CA LEU A 52 0.03 12.74 -1.49
C LEU A 52 1.30 13.35 -2.09
N ARG A 53 2.44 13.04 -1.46
CA ARG A 53 3.72 13.55 -1.93
C ARG A 53 4.04 13.03 -3.33
N HIS A 54 3.76 11.74 -3.56
CA HIS A 54 4.01 11.13 -4.86
C HIS A 54 2.71 10.84 -5.59
N ARG A 55 1.72 11.72 -5.38
CA ARG A 55 0.41 11.55 -6.02
C ARG A 55 0.48 11.93 -7.49
N HIS A 56 1.28 12.96 -7.80
CA HIS A 56 1.42 13.42 -9.17
C HIS A 56 2.02 12.34 -10.05
N GLN A 57 2.02 12.57 -11.36
CA GLN A 57 2.57 11.61 -12.31
C GLN A 57 4.09 11.69 -12.34
N SER A 58 4.61 12.90 -12.45
CA SER A 58 6.06 13.11 -12.50
C SER A 58 6.65 13.07 -11.10
N ASP A 59 6.16 12.15 -10.27
CA ASP A 59 6.65 12.01 -8.91
C ASP A 59 6.89 10.54 -8.57
N HIS A 60 6.00 9.67 -9.05
CA HIS A 60 6.13 8.24 -8.80
C HIS A 60 6.71 7.53 -10.01
N ASP A 61 7.55 8.23 -10.76
CA ASP A 61 8.18 7.66 -11.95
C ASP A 61 7.18 6.86 -12.76
N CYS A 62 5.99 7.43 -12.99
CA CYS A 62 4.95 6.76 -13.75
C CYS A 62 5.52 6.11 -15.00
N GLU A 63 5.39 4.78 -15.08
CA GLU A 63 5.89 4.04 -16.23
C GLU A 63 5.11 4.39 -17.50
N LYS A 64 3.80 4.57 -17.34
CA LYS A 64 2.94 4.90 -18.47
C LYS A 64 3.42 6.18 -19.16
N LEU A 65 3.75 7.19 -18.36
CA LEU A 65 4.22 8.47 -18.89
C LEU A 65 5.13 8.25 -20.09
N GLU A 66 5.25 9.26 -20.93
CA GLU A 66 6.09 9.20 -22.12
C GLU A 66 7.56 9.45 -21.78
N VAL A 67 8.02 8.81 -20.70
CA VAL A 67 9.40 8.97 -20.26
C VAL A 67 10.11 7.62 -20.19
N ALA A 68 11.29 7.55 -20.79
CA ALA A 68 12.07 6.32 -20.79
C ALA A 68 13.27 6.42 -19.84
N LYS A 69 13.19 5.73 -18.72
CA LYS A 69 14.26 5.74 -17.73
C LYS A 69 14.90 4.36 -17.60
N PRO A 70 16.23 4.34 -17.45
CA PRO A 70 16.99 3.09 -17.30
C PRO A 70 16.72 2.41 -15.96
N ARG A 71 15.78 2.95 -15.20
CA ARG A 71 15.44 2.39 -13.90
C ARG A 71 15.19 0.89 -14.00
N MET A 72 14.99 0.26 -12.85
CA MET A 72 14.75 -1.18 -12.80
C MET A 72 13.30 -1.50 -13.16
N ALA A 73 13.03 -2.77 -13.43
CA ALA A 73 11.68 -3.20 -13.78
C ALA A 73 11.47 -4.67 -13.43
N ALA A 74 10.30 -5.19 -13.79
CA ALA A 74 9.96 -6.59 -13.51
C ALA A 74 9.88 -6.84 -12.01
N THR A 75 9.26 -5.91 -11.29
CA THR A 75 9.11 -6.04 -9.85
C THR A 75 7.67 -5.77 -9.42
N GLN A 76 7.08 -6.72 -8.70
CA GLN A 76 5.71 -6.59 -8.23
C GLN A 76 5.44 -7.55 -7.07
N LYS A 77 4.28 -7.39 -6.45
CA LYS A 77 3.90 -8.25 -5.33
C LYS A 77 2.51 -8.86 -5.57
N LEU A 78 2.50 -10.11 -6.00
CA LEU A 78 1.24 -10.82 -6.26
C LEU A 78 0.41 -10.92 -5.00
N VAL A 79 -0.59 -10.05 -4.88
CA VAL A 79 -1.47 -10.05 -3.72
C VAL A 79 -2.84 -9.47 -4.07
N ARG A 80 -3.89 -10.13 -3.57
CA ARG A 80 -5.26 -9.69 -3.84
C ARG A 80 -6.05 -9.60 -2.54
N SER A 81 -6.96 -8.63 -2.49
CA SER A 81 -7.79 -8.42 -1.30
C SER A 81 -8.45 -9.73 -0.86
N GLY A 82 -8.58 -9.90 0.45
CA GLY A 82 -9.19 -11.11 0.98
C GLY A 82 -10.70 -11.05 0.95
N PRO A 83 -11.34 -11.79 1.88
CA PRO A 83 -12.80 -11.84 1.98
C PRO A 83 -13.39 -10.54 2.49
N SER A 84 -12.56 -9.50 2.54
CA SER A 84 -13.00 -8.19 3.02
C SER A 84 -14.46 -7.94 2.65
N SER A 85 -15.36 -8.27 3.57
CA SER A 85 -16.79 -8.09 3.35
C SER A 85 -17.38 -7.11 4.36
N GLY A 86 -18.22 -6.20 3.88
CA GLY A 86 -18.85 -5.23 4.76
C GLY A 86 -18.83 -3.83 4.18
ZN ZN B . 5.31 8.01 -1.86
ZN ZN C . 1.12 6.83 -12.61
N GLY A 1 -49.09 -41.31 29.54
CA GLY A 1 -47.95 -41.26 28.64
C GLY A 1 -47.11 -40.02 28.83
N SER A 2 -45.82 -40.20 29.06
CA SER A 2 -44.91 -39.08 29.26
C SER A 2 -43.62 -39.29 28.48
N SER A 3 -43.17 -38.23 27.81
CA SER A 3 -41.94 -38.29 27.01
C SER A 3 -41.58 -36.92 26.45
N GLY A 4 -40.37 -36.80 25.94
CA GLY A 4 -39.93 -35.54 25.37
C GLY A 4 -38.62 -35.06 25.98
N SER A 5 -37.66 -34.73 25.13
CA SER A 5 -36.35 -34.25 25.58
C SER A 5 -35.82 -33.16 24.67
N SER A 6 -35.38 -32.06 25.26
CA SER A 6 -34.85 -30.93 24.50
C SER A 6 -34.26 -29.88 25.43
N GLY A 7 -33.55 -28.91 24.85
CA GLY A 7 -32.95 -27.86 25.63
C GLY A 7 -32.68 -26.61 24.82
N CYS A 8 -32.42 -25.50 25.51
CA CYS A 8 -32.14 -24.24 24.84
C CYS A 8 -31.44 -23.26 25.78
N SER A 9 -30.89 -22.20 25.22
CA SER A 9 -30.18 -21.19 26.01
C SER A 9 -30.35 -19.81 25.40
N GLU A 10 -30.51 -18.81 26.27
CA GLU A 10 -30.69 -17.43 25.81
C GLU A 10 -29.34 -16.77 25.54
N VAL A 11 -29.37 -15.62 24.87
CA VAL A 11 -28.16 -14.89 24.55
C VAL A 11 -28.46 -13.43 24.24
N ASN A 12 -27.73 -12.53 24.89
CA ASN A 12 -27.92 -11.10 24.68
C ASN A 12 -26.72 -10.31 25.19
N VAL A 13 -25.96 -9.74 24.27
CA VAL A 13 -24.78 -8.95 24.64
C VAL A 13 -24.64 -7.72 23.74
N VAL A 14 -24.61 -6.55 24.36
CA VAL A 14 -24.47 -5.30 23.62
C VAL A 14 -23.12 -4.65 23.88
N LYS A 15 -22.51 -4.13 22.82
CA LYS A 15 -21.21 -3.49 22.92
C LYS A 15 -21.33 -1.98 22.69
N GLU A 16 -20.36 -1.23 23.22
CA GLU A 16 -20.37 0.22 23.07
C GLU A 16 -19.54 0.65 21.86
N ARG A 17 -20.22 0.92 20.75
CA ARG A 17 -19.53 1.33 19.53
C ARG A 17 -19.34 2.85 19.52
N PRO A 18 -18.13 3.27 19.12
CA PRO A 18 -17.78 4.70 19.05
C PRO A 18 -18.51 5.41 17.92
N LYS A 19 -18.75 6.71 18.11
CA LYS A 19 -19.44 7.52 17.11
C LYS A 19 -18.45 8.29 16.26
N THR A 20 -17.29 7.68 16.00
CA THR A 20 -16.25 8.32 15.19
C THR A 20 -15.65 7.33 14.20
N ASP A 21 -15.83 7.61 12.92
CA ASP A 21 -15.30 6.75 11.87
C ASP A 21 -13.79 6.90 11.74
N GLU A 22 -13.17 5.99 11.02
CA GLU A 22 -11.72 6.02 10.83
C GLU A 22 -11.35 5.83 9.36
N HIS A 23 -10.21 6.38 8.96
CA HIS A 23 -9.76 6.27 7.58
C HIS A 23 -8.71 5.17 7.44
N LYS A 24 -8.77 4.43 6.34
CA LYS A 24 -7.82 3.34 6.08
C LYS A 24 -6.44 3.89 5.78
N SER A 25 -5.48 3.00 5.59
CA SER A 25 -4.11 3.39 5.30
C SER A 25 -3.58 2.65 4.08
N TYR A 26 -3.13 3.40 3.09
CA TYR A 26 -2.60 2.82 1.86
C TYR A 26 -1.10 3.08 1.74
N SER A 27 -0.35 2.03 1.39
CA SER A 27 1.10 2.13 1.25
C SER A 27 1.47 2.64 -0.14
N CYS A 28 2.34 3.63 -0.19
CA CYS A 28 2.78 4.21 -1.46
C CYS A 28 3.23 3.11 -2.42
N SER A 29 2.92 3.29 -3.70
CA SER A 29 3.28 2.33 -4.72
C SER A 29 4.52 2.79 -5.49
N PHE A 30 5.36 3.57 -4.82
CA PHE A 30 6.58 4.08 -5.44
C PHE A 30 7.79 3.24 -5.02
N LYS A 31 8.84 3.28 -5.83
CA LYS A 31 10.05 2.53 -5.55
C LYS A 31 11.00 3.34 -4.66
N GLY A 32 10.84 3.19 -3.35
CA GLY A 32 11.69 3.92 -2.43
C GLY A 32 10.90 4.83 -1.51
N CYS A 33 9.70 4.41 -1.14
CA CYS A 33 8.83 5.19 -0.27
C CYS A 33 8.06 4.28 0.70
N THR A 34 7.93 4.73 1.94
CA THR A 34 7.22 3.96 2.95
C THR A 34 6.24 4.85 3.73
N ASP A 35 5.61 5.78 3.02
CA ASP A 35 4.65 6.69 3.64
C ASP A 35 3.22 6.30 3.26
N VAL A 36 2.30 6.47 4.21
CA VAL A 36 0.90 6.15 3.97
C VAL A 36 0.02 7.39 4.08
N GLU A 37 -1.27 7.22 3.84
CA GLU A 37 -2.22 8.33 3.91
C GLU A 37 -3.62 7.82 4.24
N LEU A 38 -4.46 8.72 4.76
CA LEU A 38 -5.83 8.38 5.11
C LEU A 38 -6.60 7.88 3.89
N VAL A 39 -6.44 8.57 2.77
CA VAL A 39 -7.11 8.20 1.54
C VAL A 39 -6.16 7.49 0.58
N ALA A 40 -6.70 7.01 -0.54
CA ALA A 40 -5.89 6.32 -1.53
C ALA A 40 -5.83 7.11 -2.83
N VAL A 41 -4.65 7.63 -3.15
CA VAL A 41 -4.46 8.41 -4.37
C VAL A 41 -4.11 7.51 -5.55
N ILE A 42 -5.13 7.04 -6.26
CA ILE A 42 -4.92 6.18 -7.41
C ILE A 42 -4.59 6.98 -8.65
N CYS A 43 -3.67 6.46 -9.46
CA CYS A 43 -3.25 7.14 -10.68
C CYS A 43 -4.06 6.63 -11.88
N PRO A 44 -4.67 7.57 -12.61
CA PRO A 44 -5.49 7.25 -13.79
C PRO A 44 -4.64 6.77 -14.97
N TYR A 45 -3.35 6.58 -14.72
CA TYR A 45 -2.43 6.13 -15.75
C TYR A 45 -1.94 4.71 -15.45
N CYS A 46 -1.24 4.56 -14.32
CA CYS A 46 -0.71 3.27 -13.91
C CYS A 46 -1.70 2.54 -13.01
N GLU A 47 -2.78 3.21 -12.65
CA GLU A 47 -3.80 2.64 -11.79
C GLU A 47 -3.19 2.11 -10.50
N LYS A 48 -2.37 2.94 -9.85
CA LYS A 48 -1.72 2.56 -8.61
C LYS A 48 -1.93 3.63 -7.54
N ASN A 49 -1.89 3.21 -6.28
CA ASN A 49 -2.07 4.13 -5.16
C ASN A 49 -0.73 4.69 -4.69
N PHE A 50 -0.69 6.00 -4.48
CA PHE A 50 0.54 6.66 -4.03
C PHE A 50 0.24 7.68 -2.93
N CYS A 51 1.28 8.20 -2.32
CA CYS A 51 1.13 9.18 -1.24
C CYS A 51 1.04 10.59 -1.81
N LEU A 52 0.27 11.44 -1.13
CA LEU A 52 0.07 12.82 -1.57
C LEU A 52 1.37 13.38 -2.14
N ARG A 53 2.49 13.11 -1.47
CA ARG A 53 3.79 13.58 -1.90
C ARG A 53 4.13 13.04 -3.29
N HIS A 54 3.81 11.77 -3.52
CA HIS A 54 4.09 11.13 -4.79
C HIS A 54 2.80 10.82 -5.54
N ARG A 55 1.83 11.72 -5.42
CA ARG A 55 0.53 11.54 -6.07
C ARG A 55 0.64 11.79 -7.57
N HIS A 56 1.33 12.88 -7.93
CA HIS A 56 1.51 13.24 -9.34
C HIS A 56 2.13 12.09 -10.12
N GLN A 57 2.07 12.17 -11.45
CA GLN A 57 2.63 11.14 -12.30
C GLN A 57 4.15 11.10 -12.19
N SER A 58 4.81 12.09 -12.80
CA SER A 58 6.26 12.17 -12.78
C SER A 58 6.80 12.00 -11.37
N ASP A 59 6.07 12.55 -10.40
CA ASP A 59 6.48 12.44 -9.00
C ASP A 59 6.84 11.01 -8.64
N HIS A 60 5.94 10.08 -8.95
CA HIS A 60 6.16 8.66 -8.66
C HIS A 60 6.76 7.95 -9.86
N ASP A 61 7.38 8.72 -10.76
CA ASP A 61 7.99 8.16 -11.95
C ASP A 61 7.02 7.25 -12.69
N CYS A 62 5.84 7.78 -12.99
CA CYS A 62 4.81 7.02 -13.70
C CYS A 62 5.43 6.20 -14.83
N GLU A 63 5.23 4.89 -14.76
CA GLU A 63 5.76 3.99 -15.78
C GLU A 63 5.08 4.21 -17.13
N LYS A 64 3.85 4.72 -17.08
CA LYS A 64 3.09 4.99 -18.29
C LYS A 64 3.71 6.14 -19.09
N LEU A 65 4.07 7.21 -18.38
CA LEU A 65 4.67 8.38 -19.02
C LEU A 65 5.61 7.95 -20.15
N GLU A 66 5.82 8.85 -21.10
CA GLU A 66 6.69 8.58 -22.24
C GLU A 66 8.10 9.10 -21.98
N VAL A 67 8.59 8.87 -20.76
CA VAL A 67 9.93 9.32 -20.38
C VAL A 67 10.89 8.14 -20.28
N ALA A 68 12.03 8.25 -20.95
CA ALA A 68 13.04 7.19 -20.93
C ALA A 68 14.31 7.63 -21.64
N LYS A 69 15.42 6.99 -21.30
CA LYS A 69 16.71 7.32 -21.90
C LYS A 69 17.48 6.05 -22.26
N PRO A 70 18.07 6.03 -23.46
CA PRO A 70 18.85 4.89 -23.95
C PRO A 70 20.16 4.72 -23.20
N ARG A 71 20.47 5.68 -22.34
CA ARG A 71 21.70 5.64 -21.55
C ARG A 71 21.84 4.30 -20.84
N MET A 72 22.97 3.63 -21.05
CA MET A 72 23.23 2.34 -20.42
C MET A 72 23.77 2.52 -19.01
N ALA A 73 23.55 1.52 -18.17
CA ALA A 73 24.02 1.57 -16.78
C ALA A 73 25.43 2.13 -16.70
N ALA A 74 25.58 3.25 -16.00
CA ALA A 74 26.89 3.88 -15.85
C ALA A 74 27.37 3.82 -14.40
N THR A 75 28.19 2.83 -14.09
CA THR A 75 28.70 2.66 -12.74
C THR A 75 29.90 1.71 -12.73
N GLN A 76 31.00 2.14 -12.11
CA GLN A 76 32.20 1.32 -12.03
C GLN A 76 33.26 2.01 -11.16
N LYS A 77 34.01 1.21 -10.42
CA LYS A 77 35.05 1.74 -9.54
C LYS A 77 36.38 1.80 -10.28
N LEU A 78 36.78 3.01 -10.68
CA LEU A 78 38.03 3.21 -11.40
C LEU A 78 39.21 3.20 -10.44
N VAL A 79 40.14 2.27 -10.67
CA VAL A 79 41.32 2.14 -9.83
C VAL A 79 42.39 1.29 -10.51
N ARG A 80 43.63 1.76 -10.45
CA ARG A 80 44.75 1.05 -11.07
C ARG A 80 45.84 0.78 -10.03
N SER A 81 45.78 1.47 -8.90
CA SER A 81 46.77 1.30 -7.84
C SER A 81 46.18 1.67 -6.49
N GLY A 82 46.76 1.13 -5.43
CA GLY A 82 46.28 1.42 -4.09
C GLY A 82 47.42 1.62 -3.09
N PRO A 83 47.77 2.88 -2.83
CA PRO A 83 48.84 3.23 -1.89
C PRO A 83 48.47 2.93 -0.45
N SER A 84 49.48 2.65 0.37
CA SER A 84 49.26 2.34 1.78
C SER A 84 50.13 3.22 2.67
N SER A 85 49.69 3.40 3.92
CA SER A 85 50.42 4.23 4.87
C SER A 85 50.70 3.45 6.15
N GLY A 86 51.77 3.84 6.86
CA GLY A 86 52.13 3.16 8.09
C GLY A 86 51.41 3.75 9.29
ZN ZN B . 5.34 8.07 -1.74
ZN ZN C . 1.05 6.86 -12.56
N GLY A 1 -12.79 -38.56 -9.44
CA GLY A 1 -13.23 -38.20 -8.09
C GLY A 1 -13.20 -39.39 -7.15
N SER A 2 -12.70 -39.16 -5.94
CA SER A 2 -12.62 -40.22 -4.93
C SER A 2 -13.92 -40.32 -4.15
N SER A 3 -14.23 -41.53 -3.69
CA SER A 3 -15.45 -41.77 -2.93
C SER A 3 -15.23 -41.51 -1.45
N GLY A 4 -15.87 -40.47 -0.92
CA GLY A 4 -15.72 -40.13 0.48
C GLY A 4 -17.04 -39.85 1.15
N SER A 5 -16.99 -39.29 2.36
CA SER A 5 -18.20 -38.97 3.10
C SER A 5 -19.03 -37.90 2.37
N SER A 6 -20.26 -38.26 2.03
CA SER A 6 -21.15 -37.34 1.32
C SER A 6 -22.13 -36.68 2.30
N GLY A 7 -21.89 -35.41 2.59
CA GLY A 7 -22.75 -34.67 3.50
C GLY A 7 -22.95 -33.23 3.08
N CYS A 8 -23.18 -33.02 1.79
CA CYS A 8 -23.39 -31.67 1.27
C CYS A 8 -24.54 -30.99 1.97
N SER A 9 -24.22 -30.09 2.90
CA SER A 9 -25.23 -29.37 3.66
C SER A 9 -25.16 -27.87 3.38
N GLU A 10 -26.32 -27.27 3.11
CA GLU A 10 -26.37 -25.84 2.82
C GLU A 10 -25.89 -25.02 4.02
N VAL A 11 -25.53 -23.77 3.76
CA VAL A 11 -25.07 -22.88 4.82
C VAL A 11 -25.75 -21.53 4.74
N ASN A 12 -26.53 -21.20 5.78
CA ASN A 12 -27.24 -19.93 5.83
C ASN A 12 -26.80 -19.10 7.03
N VAL A 13 -26.52 -17.82 6.79
CA VAL A 13 -26.09 -16.92 7.85
C VAL A 13 -26.06 -15.47 7.38
N VAL A 14 -26.46 -14.56 8.25
CA VAL A 14 -26.49 -13.14 7.92
C VAL A 14 -25.22 -12.44 8.41
N LYS A 15 -24.85 -11.36 7.73
CA LYS A 15 -23.67 -10.60 8.09
C LYS A 15 -24.01 -9.12 8.30
N GLU A 16 -23.28 -8.48 9.21
CA GLU A 16 -23.50 -7.07 9.51
C GLU A 16 -22.23 -6.41 10.01
N ARG A 17 -21.97 -5.19 9.55
CA ARG A 17 -20.79 -4.44 9.95
C ARG A 17 -21.15 -3.03 10.39
N PRO A 18 -20.64 -2.63 11.56
CA PRO A 18 -20.89 -1.30 12.12
C PRO A 18 -20.20 -0.19 11.32
N LYS A 19 -20.52 1.05 11.66
CA LYS A 19 -19.94 2.21 10.97
C LYS A 19 -18.58 2.55 11.56
N THR A 20 -17.75 1.53 11.77
CA THR A 20 -16.42 1.73 12.32
C THR A 20 -15.34 1.21 11.36
N ASP A 21 -15.57 1.41 10.07
CA ASP A 21 -14.63 0.97 9.06
C ASP A 21 -13.67 2.10 8.67
N GLU A 22 -12.61 2.25 9.46
CA GLU A 22 -11.62 3.30 9.20
C GLU A 22 -10.78 2.96 7.97
N HIS A 23 -10.66 3.93 7.07
CA HIS A 23 -9.89 3.74 5.85
C HIS A 23 -8.68 2.84 6.11
N LYS A 24 -8.32 2.04 5.11
CA LYS A 24 -7.18 1.14 5.22
C LYS A 24 -5.91 1.80 4.70
N SER A 25 -5.02 2.16 5.62
CA SER A 25 -3.76 2.80 5.25
C SER A 25 -3.24 2.25 3.93
N TYR A 26 -3.08 3.15 2.95
CA TYR A 26 -2.60 2.76 1.62
C TYR A 26 -1.11 3.08 1.49
N SER A 27 -0.31 2.04 1.33
CA SER A 27 1.13 2.20 1.18
C SER A 27 1.48 2.71 -0.22
N CYS A 28 2.36 3.70 -0.27
CA CYS A 28 2.78 4.28 -1.54
C CYS A 28 3.34 3.21 -2.47
N SER A 29 2.92 3.26 -3.73
CA SER A 29 3.37 2.29 -4.72
C SER A 29 4.55 2.84 -5.51
N PHE A 30 5.35 3.68 -4.87
CA PHE A 30 6.51 4.28 -5.52
C PHE A 30 7.78 3.51 -5.17
N LYS A 31 8.85 3.79 -5.91
CA LYS A 31 10.13 3.12 -5.69
C LYS A 31 11.00 3.92 -4.71
N GLY A 32 10.92 3.57 -3.43
CA GLY A 32 11.69 4.27 -2.43
C GLY A 32 10.84 5.11 -1.51
N CYS A 33 9.66 4.60 -1.17
CA CYS A 33 8.74 5.31 -0.29
C CYS A 33 7.95 4.34 0.58
N THR A 34 7.98 4.56 1.88
CA THR A 34 7.27 3.71 2.82
C THR A 34 6.28 4.51 3.67
N ASP A 35 5.62 5.46 3.04
CA ASP A 35 4.65 6.30 3.73
C ASP A 35 3.22 5.92 3.34
N VAL A 36 2.28 6.14 4.26
CA VAL A 36 0.88 5.82 4.01
C VAL A 36 -0.01 7.04 4.26
N GLU A 37 -1.29 6.90 3.92
CA GLU A 37 -2.25 7.98 4.11
C GLU A 37 -3.65 7.43 4.34
N LEU A 38 -4.52 8.26 4.91
CA LEU A 38 -5.89 7.86 5.19
C LEU A 38 -6.66 7.61 3.89
N VAL A 39 -6.43 8.46 2.89
CA VAL A 39 -7.09 8.32 1.60
C VAL A 39 -6.21 7.59 0.61
N ALA A 40 -6.84 6.98 -0.40
CA ALA A 40 -6.10 6.25 -1.42
C ALA A 40 -6.03 7.04 -2.72
N VAL A 41 -4.86 7.57 -3.02
CA VAL A 41 -4.66 8.35 -4.25
C VAL A 41 -4.26 7.46 -5.41
N ILE A 42 -5.25 7.03 -6.18
CA ILE A 42 -5.00 6.16 -7.33
C ILE A 42 -4.66 6.99 -8.57
N CYS A 43 -3.76 6.46 -9.40
CA CYS A 43 -3.36 7.14 -10.62
C CYS A 43 -4.13 6.61 -11.83
N PRO A 44 -4.79 7.53 -12.56
CA PRO A 44 -5.57 7.17 -13.75
C PRO A 44 -4.70 6.71 -14.91
N TYR A 45 -3.40 6.61 -14.66
CA TYR A 45 -2.46 6.18 -15.68
C TYR A 45 -1.94 4.77 -15.39
N CYS A 46 -1.27 4.61 -14.26
CA CYS A 46 -0.73 3.31 -13.87
C CYS A 46 -1.72 2.55 -13.00
N GLU A 47 -2.79 3.23 -12.60
CA GLU A 47 -3.82 2.61 -11.76
C GLU A 47 -3.21 2.09 -10.46
N LYS A 48 -2.42 2.94 -9.80
CA LYS A 48 -1.77 2.56 -8.55
C LYS A 48 -1.98 3.64 -7.49
N ASN A 49 -1.95 3.24 -6.22
CA ASN A 49 -2.14 4.17 -5.12
C ASN A 49 -0.81 4.73 -4.65
N PHE A 50 -0.73 6.05 -4.54
CA PHE A 50 0.49 6.72 -4.09
C PHE A 50 0.19 7.75 -3.01
N CYS A 51 1.24 8.28 -2.40
CA CYS A 51 1.09 9.27 -1.34
C CYS A 51 1.01 10.68 -1.93
N LEU A 52 0.30 11.56 -1.22
CA LEU A 52 0.14 12.93 -1.67
C LEU A 52 1.46 13.51 -2.20
N ARG A 53 2.54 13.18 -1.51
CA ARG A 53 3.87 13.65 -1.91
C ARG A 53 4.26 13.09 -3.27
N HIS A 54 3.82 11.86 -3.55
CA HIS A 54 4.12 11.22 -4.82
C HIS A 54 2.84 10.90 -5.59
N ARG A 55 1.84 11.76 -5.45
CA ARG A 55 0.57 11.58 -6.12
C ARG A 55 0.70 11.83 -7.62
N HIS A 56 1.45 12.89 -7.97
CA HIS A 56 1.66 13.24 -9.37
C HIS A 56 2.25 12.06 -10.14
N GLN A 57 2.24 12.17 -11.47
CA GLN A 57 2.77 11.12 -12.32
C GLN A 57 4.30 11.05 -12.22
N SER A 58 4.96 12.03 -12.84
CA SER A 58 6.41 12.09 -12.82
C SER A 58 6.95 11.85 -11.42
N ASP A 59 6.28 12.45 -10.43
CA ASP A 59 6.70 12.31 -9.03
C ASP A 59 6.99 10.85 -8.69
N HIS A 60 6.03 9.97 -9.02
CA HIS A 60 6.18 8.55 -8.75
C HIS A 60 6.70 7.82 -9.98
N ASP A 61 7.42 8.54 -10.83
CA ASP A 61 7.98 7.95 -12.05
C ASP A 61 6.94 7.09 -12.77
N CYS A 62 5.76 7.66 -12.99
CA CYS A 62 4.69 6.94 -13.67
C CYS A 62 5.21 6.19 -14.88
N GLU A 63 5.38 4.88 -14.74
CA GLU A 63 5.88 4.05 -15.83
C GLU A 63 5.18 4.40 -17.14
N LYS A 64 3.88 4.66 -17.07
CA LYS A 64 3.09 5.01 -18.25
C LYS A 64 3.77 6.12 -19.04
N LEU A 65 4.28 7.13 -18.34
CA LEU A 65 4.95 8.25 -18.98
C LEU A 65 6.00 7.75 -19.98
N GLU A 66 6.67 8.69 -20.63
CA GLU A 66 7.70 8.35 -21.61
C GLU A 66 9.05 8.93 -21.19
N VAL A 67 9.63 8.36 -20.14
CA VAL A 67 10.92 8.82 -19.63
C VAL A 67 12.02 8.58 -20.67
N ALA A 68 12.74 9.64 -21.01
CA ALA A 68 13.83 9.53 -21.98
C ALA A 68 15.17 9.36 -21.28
N LYS A 69 15.18 8.59 -20.21
CA LYS A 69 16.40 8.34 -19.44
C LYS A 69 17.26 7.28 -20.11
N PRO A 70 18.58 7.53 -20.18
CA PRO A 70 19.53 6.60 -20.79
C PRO A 70 19.70 5.32 -19.97
N ARG A 71 19.20 5.34 -18.75
CA ARG A 71 19.31 4.19 -17.86
C ARG A 71 17.93 3.75 -17.38
N MET A 72 17.69 2.44 -17.42
CA MET A 72 16.41 1.89 -16.99
C MET A 72 16.43 0.36 -17.03
N ALA A 73 15.34 -0.26 -16.58
CA ALA A 73 15.24 -1.71 -16.56
C ALA A 73 14.10 -2.19 -17.46
N ALA A 74 14.01 -3.50 -17.64
CA ALA A 74 12.97 -4.09 -18.47
C ALA A 74 12.27 -5.23 -17.74
N THR A 75 13.02 -6.29 -17.45
CA THR A 75 12.48 -7.45 -16.75
C THR A 75 13.49 -8.04 -15.78
N GLN A 76 13.16 -7.99 -14.50
CA GLN A 76 14.05 -8.52 -13.46
C GLN A 76 13.85 -10.02 -13.28
N LYS A 77 14.86 -10.70 -12.76
CA LYS A 77 14.79 -12.13 -12.54
C LYS A 77 14.18 -12.45 -11.18
N LEU A 78 12.85 -12.47 -11.12
CA LEU A 78 12.15 -12.76 -9.88
C LEU A 78 11.01 -13.74 -10.12
N VAL A 79 11.33 -15.03 -10.04
CA VAL A 79 10.33 -16.08 -10.24
C VAL A 79 10.19 -16.95 -9.00
N ARG A 80 10.20 -16.32 -7.84
CA ARG A 80 10.07 -17.03 -6.57
C ARG A 80 8.74 -17.78 -6.50
N SER A 81 8.74 -18.93 -5.85
CA SER A 81 7.54 -19.74 -5.71
C SER A 81 6.90 -19.54 -4.34
N GLY A 82 7.68 -19.81 -3.28
CA GLY A 82 7.18 -19.66 -1.94
C GLY A 82 6.56 -20.93 -1.40
N PRO A 83 6.81 -21.21 -0.11
CA PRO A 83 6.29 -22.41 0.56
C PRO A 83 4.77 -22.35 0.76
N SER A 84 4.06 -23.27 0.13
CA SER A 84 2.61 -23.32 0.24
C SER A 84 2.16 -24.39 1.24
N SER A 85 2.03 -24.00 2.50
CA SER A 85 1.62 -24.92 3.55
C SER A 85 0.35 -24.43 4.24
N GLY A 86 -0.52 -25.37 4.60
CA GLY A 86 -1.75 -25.02 5.26
C GLY A 86 -2.33 -26.18 6.06
ZN ZN B . 5.34 8.22 -1.76
ZN ZN C . 0.94 6.90 -12.50
N GLY A 1 24.08 -33.40 -24.32
CA GLY A 1 23.21 -33.84 -23.24
C GLY A 1 21.88 -33.10 -23.22
N SER A 2 21.50 -32.61 -22.06
CA SER A 2 20.24 -31.88 -21.91
C SER A 2 20.11 -31.30 -20.51
N SER A 3 19.14 -30.41 -20.34
CA SER A 3 18.91 -29.77 -19.05
C SER A 3 17.47 -29.98 -18.58
N GLY A 4 17.21 -29.71 -17.31
CA GLY A 4 15.88 -29.88 -16.78
C GLY A 4 15.88 -30.51 -15.39
N SER A 5 16.42 -29.79 -14.41
CA SER A 5 16.49 -30.29 -13.05
C SER A 5 16.14 -29.19 -12.04
N SER A 6 15.42 -29.56 -10.99
CA SER A 6 15.02 -28.62 -9.97
C SER A 6 14.46 -29.33 -8.74
N GLY A 7 14.72 -28.77 -7.56
CA GLY A 7 14.24 -29.38 -6.34
C GLY A 7 12.86 -28.88 -5.95
N CYS A 8 12.77 -28.27 -4.77
CA CYS A 8 11.49 -27.75 -4.29
C CYS A 8 11.68 -26.97 -2.98
N SER A 9 11.07 -25.79 -2.91
CA SER A 9 11.18 -24.96 -1.73
C SER A 9 10.00 -23.97 -1.64
N GLU A 10 9.54 -23.72 -0.43
CA GLU A 10 8.42 -22.81 -0.21
C GLU A 10 8.35 -22.37 1.25
N VAL A 11 7.55 -21.34 1.50
CA VAL A 11 7.39 -20.82 2.86
C VAL A 11 5.96 -20.40 3.12
N ASN A 12 5.27 -21.14 3.99
CA ASN A 12 3.89 -20.84 4.33
C ASN A 12 3.62 -21.09 5.81
N VAL A 13 3.45 -20.00 6.56
CA VAL A 13 3.19 -20.10 7.99
C VAL A 13 1.98 -19.26 8.39
N VAL A 14 1.00 -19.91 9.02
CA VAL A 14 -0.21 -19.22 9.44
C VAL A 14 -0.11 -18.78 10.91
N LYS A 15 -0.45 -17.53 11.17
CA LYS A 15 -0.39 -16.98 12.52
C LYS A 15 -1.45 -15.90 12.71
N GLU A 16 -2.05 -15.88 13.90
CA GLU A 16 -3.08 -14.89 14.21
C GLU A 16 -2.50 -13.74 15.02
N ARG A 17 -1.95 -12.75 14.31
CA ARG A 17 -1.36 -11.59 14.96
C ARG A 17 -2.39 -10.46 15.10
N PRO A 18 -2.59 -10.00 16.35
CA PRO A 18 -3.54 -8.93 16.64
C PRO A 18 -3.08 -7.57 16.11
N LYS A 19 -3.75 -7.07 15.09
CA LYS A 19 -3.41 -5.79 14.49
C LYS A 19 -4.41 -4.71 14.89
N THR A 20 -3.90 -3.52 15.20
CA THR A 20 -4.75 -2.41 15.59
C THR A 20 -5.74 -2.04 14.49
N ASP A 21 -6.92 -1.59 14.88
CA ASP A 21 -7.95 -1.21 13.92
C ASP A 21 -7.99 0.31 13.75
N GLU A 22 -6.81 0.92 13.65
CA GLU A 22 -6.72 2.37 13.49
C GLU A 22 -7.34 2.80 12.17
N HIS A 23 -7.49 4.11 12.00
CA HIS A 23 -8.07 4.66 10.78
C HIS A 23 -7.47 4.00 9.54
N LYS A 24 -8.11 4.21 8.39
CA LYS A 24 -7.64 3.63 7.15
C LYS A 24 -6.25 4.15 6.78
N SER A 25 -5.47 3.34 6.08
CA SER A 25 -4.13 3.72 5.68
C SER A 25 -3.68 2.91 4.46
N TYR A 26 -3.24 3.62 3.42
CA TYR A 26 -2.79 2.97 2.20
C TYR A 26 -1.28 3.12 2.03
N SER A 27 -0.63 2.06 1.58
CA SER A 27 0.82 2.07 1.37
C SER A 27 1.16 2.55 -0.04
N CYS A 28 2.10 3.49 -0.11
CA CYS A 28 2.52 4.04 -1.39
C CYS A 28 3.12 2.95 -2.28
N SER A 29 2.92 3.08 -3.58
CA SER A 29 3.43 2.10 -4.55
C SER A 29 4.64 2.66 -5.29
N PHE A 30 5.45 3.44 -4.58
CA PHE A 30 6.65 4.04 -5.19
C PHE A 30 7.91 3.29 -4.75
N LYS A 31 8.95 3.38 -5.57
CA LYS A 31 10.21 2.72 -5.26
C LYS A 31 11.04 3.55 -4.29
N GLY A 32 10.89 3.27 -3.00
CA GLY A 32 11.63 3.99 -1.99
C GLY A 32 10.75 4.89 -1.15
N CYS A 33 9.54 4.42 -0.85
CA CYS A 33 8.60 5.20 -0.05
C CYS A 33 7.84 4.30 0.91
N THR A 34 7.73 4.73 2.17
CA THR A 34 7.03 3.97 3.18
C THR A 34 6.03 4.84 3.94
N ASP A 35 5.40 5.75 3.22
CA ASP A 35 4.42 6.66 3.83
C ASP A 35 3.00 6.26 3.42
N VAL A 36 2.06 6.44 4.35
CA VAL A 36 0.66 6.11 4.08
C VAL A 36 -0.25 7.30 4.37
N GLU A 37 -1.48 7.22 3.88
CA GLU A 37 -2.46 8.29 4.09
C GLU A 37 -3.86 7.72 4.23
N LEU A 38 -4.73 8.48 4.88
CA LEU A 38 -6.12 8.06 5.09
C LEU A 38 -6.77 7.67 3.76
N VAL A 39 -6.53 8.48 2.74
CA VAL A 39 -7.09 8.22 1.41
C VAL A 39 -6.12 7.43 0.55
N ALA A 40 -6.60 6.97 -0.61
CA ALA A 40 -5.77 6.20 -1.52
C ALA A 40 -5.68 6.88 -2.88
N VAL A 41 -4.65 7.70 -3.06
CA VAL A 41 -4.45 8.42 -4.32
C VAL A 41 -4.05 7.45 -5.43
N ILE A 42 -5.01 7.12 -6.28
CA ILE A 42 -4.77 6.21 -7.40
C ILE A 42 -4.48 6.99 -8.69
N CYS A 43 -3.49 6.53 -9.44
CA CYS A 43 -3.11 7.17 -10.69
C CYS A 43 -3.96 6.64 -11.85
N PRO A 44 -4.64 7.57 -12.54
CA PRO A 44 -5.50 7.23 -13.68
C PRO A 44 -4.70 6.76 -14.89
N TYR A 45 -3.39 6.60 -14.71
CA TYR A 45 -2.51 6.16 -15.79
C TYR A 45 -1.99 4.76 -15.52
N CYS A 46 -1.30 4.59 -14.39
CA CYS A 46 -0.74 3.30 -14.03
C CYS A 46 -1.67 2.57 -13.06
N GLU A 47 -2.69 3.27 -12.57
CA GLU A 47 -3.64 2.68 -11.64
C GLU A 47 -2.94 2.16 -10.39
N LYS A 48 -2.08 2.99 -9.81
CA LYS A 48 -1.34 2.61 -8.61
C LYS A 48 -1.59 3.60 -7.48
N ASN A 49 -1.58 3.11 -6.26
CA ASN A 49 -1.80 3.96 -5.09
C ASN A 49 -0.50 4.59 -4.62
N PHE A 50 -0.52 5.90 -4.43
CA PHE A 50 0.66 6.63 -3.99
C PHE A 50 0.30 7.62 -2.88
N CYS A 51 1.32 8.29 -2.34
CA CYS A 51 1.12 9.26 -1.27
C CYS A 51 0.98 10.67 -1.83
N LEU A 52 0.19 11.49 -1.16
CA LEU A 52 -0.02 12.87 -1.59
C LEU A 52 1.25 13.46 -2.20
N ARG A 53 2.39 13.15 -1.59
CA ARG A 53 3.67 13.64 -2.07
C ARG A 53 3.97 13.10 -3.47
N HIS A 54 3.77 11.80 -3.64
CA HIS A 54 4.02 11.16 -4.93
C HIS A 54 2.70 10.90 -5.67
N ARG A 55 1.73 11.78 -5.46
CA ARG A 55 0.43 11.64 -6.11
C ARG A 55 0.51 11.99 -7.58
N HIS A 56 1.34 13.00 -7.90
CA HIS A 56 1.51 13.44 -9.29
C HIS A 56 1.96 12.28 -10.17
N GLN A 57 2.25 12.59 -11.43
CA GLN A 57 2.70 11.57 -12.38
C GLN A 57 4.22 11.55 -12.49
N SER A 58 4.80 12.73 -12.65
CA SER A 58 6.25 12.85 -12.78
C SER A 58 6.92 12.87 -11.40
N ASP A 59 6.37 12.10 -10.47
CA ASP A 59 6.90 12.03 -9.11
C ASP A 59 7.15 10.58 -8.71
N HIS A 60 6.29 9.68 -9.17
CA HIS A 60 6.41 8.26 -8.83
C HIS A 60 6.95 7.48 -10.04
N ASP A 61 7.63 8.18 -10.93
CA ASP A 61 8.20 7.55 -12.11
C ASP A 61 7.13 6.75 -12.87
N CYS A 62 5.98 7.37 -13.08
CA CYS A 62 4.88 6.72 -13.79
C CYS A 62 5.39 5.98 -15.03
N GLU A 63 5.12 4.67 -15.07
CA GLU A 63 5.54 3.85 -16.20
C GLU A 63 4.86 4.30 -17.48
N LYS A 64 3.62 4.73 -17.38
CA LYS A 64 2.86 5.18 -18.53
C LYS A 64 3.50 6.40 -19.17
N LEU A 65 3.96 7.33 -18.34
CA LEU A 65 4.61 8.54 -18.82
C LEU A 65 5.54 8.24 -19.99
N GLU A 66 5.83 9.26 -20.79
CA GLU A 66 6.71 9.08 -21.94
C GLU A 66 8.11 9.61 -21.64
N VAL A 67 8.67 9.17 -20.51
CA VAL A 67 10.00 9.58 -20.10
C VAL A 67 11.07 8.94 -20.97
N ALA A 68 12.15 9.66 -21.23
CA ALA A 68 13.24 9.15 -22.04
C ALA A 68 14.29 8.45 -21.18
N LYS A 69 14.81 7.34 -21.68
CA LYS A 69 15.82 6.57 -20.96
C LYS A 69 15.58 6.64 -19.46
N PRO A 70 14.36 6.29 -19.02
CA PRO A 70 13.99 6.31 -17.61
C PRO A 70 14.69 5.22 -16.81
N ARG A 71 15.53 4.44 -17.48
CA ARG A 71 16.27 3.36 -16.84
C ARG A 71 17.64 3.85 -16.37
N MET A 72 17.67 5.06 -15.80
CA MET A 72 18.92 5.63 -15.31
C MET A 72 18.97 5.58 -13.78
N ALA A 73 18.62 4.43 -13.22
CA ALA A 73 18.63 4.24 -11.78
C ALA A 73 19.30 2.94 -11.39
N ALA A 74 20.61 3.00 -11.13
CA ALA A 74 21.37 1.82 -10.75
C ALA A 74 22.09 2.04 -9.42
N THR A 75 21.46 1.59 -8.34
CA THR A 75 22.04 1.73 -7.00
C THR A 75 21.69 0.54 -6.12
N GLN A 76 22.70 -0.01 -5.46
CA GLN A 76 22.50 -1.15 -4.57
C GLN A 76 22.78 -0.78 -3.12
N LYS A 77 21.73 -0.71 -2.32
CA LYS A 77 21.87 -0.37 -0.91
C LYS A 77 20.68 -0.87 -0.11
N LEU A 78 20.92 -1.86 0.75
CA LEU A 78 19.87 -2.44 1.58
C LEU A 78 19.10 -1.34 2.31
N VAL A 79 17.77 -1.37 2.17
CA VAL A 79 16.92 -0.38 2.81
C VAL A 79 15.97 -1.04 3.81
N ARG A 80 16.09 -0.67 5.07
CA ARG A 80 15.24 -1.22 6.13
C ARG A 80 14.94 -0.18 7.19
N SER A 81 13.69 -0.15 7.66
CA SER A 81 13.27 0.80 8.67
C SER A 81 12.13 0.22 9.52
N GLY A 82 12.27 0.34 10.84
CA GLY A 82 11.25 -0.17 11.74
C GLY A 82 9.90 0.47 11.50
N PRO A 83 9.15 0.71 12.59
CA PRO A 83 7.82 1.33 12.53
C PRO A 83 7.88 2.80 12.13
N SER A 84 6.83 3.27 11.47
CA SER A 84 6.76 4.66 11.04
C SER A 84 5.51 5.35 11.57
N SER A 85 5.61 6.65 11.79
CA SER A 85 4.49 7.43 12.31
C SER A 85 3.40 7.59 11.26
N GLY A 86 2.42 6.70 11.29
CA GLY A 86 1.33 6.76 10.32
C GLY A 86 0.01 7.10 10.97
ZN ZN B . 5.13 7.94 -1.76
ZN ZN C . 1.12 6.76 -12.69
N GLY A 1 -19.42 -18.59 63.79
CA GLY A 1 -18.92 -17.98 62.57
C GLY A 1 -18.52 -16.54 62.77
N SER A 2 -17.54 -16.08 62.01
CA SER A 2 -17.06 -14.71 62.10
C SER A 2 -17.71 -13.83 61.05
N SER A 3 -18.48 -12.84 61.49
CA SER A 3 -19.17 -11.93 60.59
C SER A 3 -19.30 -10.54 61.21
N GLY A 4 -19.20 -9.52 60.37
CA GLY A 4 -19.30 -8.15 60.86
C GLY A 4 -17.98 -7.41 60.80
N SER A 5 -17.48 -7.19 59.59
CA SER A 5 -16.22 -6.50 59.39
C SER A 5 -16.45 -5.03 59.02
N SER A 6 -15.42 -4.21 59.22
CA SER A 6 -15.52 -2.79 58.89
C SER A 6 -15.12 -2.53 57.45
N GLY A 7 -13.87 -2.86 57.12
CA GLY A 7 -13.38 -2.65 55.76
C GLY A 7 -12.89 -1.24 55.53
N CYS A 8 -11.75 -0.91 56.13
CA CYS A 8 -11.18 0.43 55.99
C CYS A 8 -10.09 0.44 54.92
N SER A 9 -10.37 -0.21 53.79
CA SER A 9 -9.42 -0.27 52.69
C SER A 9 -9.84 0.65 51.56
N GLU A 10 -8.88 1.38 51.01
CA GLU A 10 -9.14 2.30 49.91
C GLU A 10 -8.86 1.64 48.56
N VAL A 11 -9.58 2.08 47.53
CA VAL A 11 -9.41 1.53 46.20
C VAL A 11 -9.25 2.64 45.16
N ASN A 12 -8.25 2.50 44.30
CA ASN A 12 -7.97 3.49 43.27
C ASN A 12 -8.64 3.10 41.95
N VAL A 13 -9.64 3.89 41.55
CA VAL A 13 -10.36 3.62 40.30
C VAL A 13 -10.20 4.77 39.33
N VAL A 14 -9.32 4.61 38.35
CA VAL A 14 -9.08 5.64 37.34
C VAL A 14 -10.06 5.52 36.18
N LYS A 15 -10.86 6.56 35.97
CA LYS A 15 -11.83 6.57 34.89
C LYS A 15 -11.17 6.31 33.54
N GLU A 16 -11.39 5.13 32.99
CA GLU A 16 -10.81 4.76 31.70
C GLU A 16 -11.83 4.88 30.59
N ARG A 17 -11.64 5.86 29.71
CA ARG A 17 -12.56 6.08 28.59
C ARG A 17 -11.92 5.65 27.28
N PRO A 18 -12.61 4.78 26.53
CA PRO A 18 -12.13 4.27 25.24
C PRO A 18 -12.14 5.35 24.16
N LYS A 19 -11.63 5.01 22.99
CA LYS A 19 -11.58 5.94 21.87
C LYS A 19 -12.33 5.37 20.66
N THR A 20 -12.91 6.26 19.86
CA THR A 20 -13.65 5.85 18.68
C THR A 20 -13.13 6.57 17.42
N ASP A 21 -12.64 5.80 16.47
CA ASP A 21 -12.11 6.37 15.23
C ASP A 21 -11.86 5.28 14.20
N GLU A 22 -12.47 5.43 13.02
CA GLU A 22 -12.31 4.46 11.95
C GLU A 22 -11.67 5.09 10.72
N HIS A 23 -10.40 4.78 10.49
CA HIS A 23 -9.67 5.33 9.36
C HIS A 23 -8.78 4.26 8.72
N LYS A 24 -8.62 4.33 7.40
CA LYS A 24 -7.81 3.37 6.67
C LYS A 24 -6.52 4.04 6.17
N SER A 25 -5.47 3.23 6.03
CA SER A 25 -4.19 3.73 5.56
C SER A 25 -3.70 2.93 4.35
N TYR A 26 -3.28 3.64 3.31
CA TYR A 26 -2.79 3.00 2.10
C TYR A 26 -1.31 3.30 1.88
N SER A 27 -0.52 2.25 1.71
CA SER A 27 0.91 2.39 1.49
C SER A 27 1.21 2.76 0.04
N CYS A 28 2.09 3.75 -0.14
CA CYS A 28 2.47 4.20 -1.47
C CYS A 28 2.92 3.03 -2.34
N SER A 29 2.83 3.22 -3.65
CA SER A 29 3.23 2.18 -4.60
C SER A 29 4.72 2.25 -4.89
N PHE A 30 5.31 3.41 -4.66
CA PHE A 30 6.74 3.62 -4.90
C PHE A 30 7.57 2.70 -4.01
N LYS A 31 8.37 1.85 -4.64
CA LYS A 31 9.23 0.93 -3.91
C LYS A 31 10.34 1.67 -3.18
N GLY A 32 10.04 2.13 -1.97
CA GLY A 32 11.03 2.85 -1.19
C GLY A 32 10.44 4.02 -0.43
N CYS A 33 9.38 4.60 -0.99
CA CYS A 33 8.71 5.73 -0.37
C CYS A 33 8.15 5.36 1.00
N THR A 34 7.85 4.07 1.18
CA THR A 34 7.32 3.58 2.45
C THR A 34 6.49 4.65 3.15
N ASP A 35 5.50 5.17 2.44
CA ASP A 35 4.62 6.20 2.98
C ASP A 35 3.19 5.70 3.08
N VAL A 36 2.32 6.50 3.70
CA VAL A 36 0.92 6.14 3.86
C VAL A 36 0.03 7.38 3.84
N GLU A 37 -1.28 7.16 3.68
CA GLU A 37 -2.24 8.26 3.65
C GLU A 37 -3.62 7.78 4.05
N LEU A 38 -4.40 8.68 4.64
CA LEU A 38 -5.76 8.35 5.08
C LEU A 38 -6.59 7.79 3.93
N VAL A 39 -6.41 8.38 2.75
CA VAL A 39 -7.14 7.94 1.56
C VAL A 39 -6.23 7.16 0.62
N ALA A 40 -6.78 6.73 -0.51
CA ALA A 40 -6.02 5.98 -1.51
C ALA A 40 -5.94 6.75 -2.82
N VAL A 41 -4.86 7.51 -2.99
CA VAL A 41 -4.66 8.28 -4.20
C VAL A 41 -4.21 7.40 -5.36
N ILE A 42 -5.17 6.98 -6.19
CA ILE A 42 -4.88 6.13 -7.33
C ILE A 42 -4.58 6.96 -8.57
N CYS A 43 -3.57 6.54 -9.32
CA CYS A 43 -3.18 7.24 -10.54
C CYS A 43 -4.00 6.77 -11.73
N PRO A 44 -4.64 7.72 -12.43
CA PRO A 44 -5.47 7.42 -13.60
C PRO A 44 -4.65 6.97 -14.80
N TYR A 45 -3.34 6.77 -14.58
CA TYR A 45 -2.45 6.33 -15.63
C TYR A 45 -1.93 4.92 -15.37
N CYS A 46 -1.19 4.76 -14.27
CA CYS A 46 -0.65 3.47 -13.90
C CYS A 46 -1.61 2.71 -13.00
N GLU A 47 -2.66 3.39 -12.54
CA GLU A 47 -3.65 2.78 -11.66
C GLU A 47 -2.99 2.22 -10.41
N LYS A 48 -2.15 3.02 -9.77
CA LYS A 48 -1.45 2.60 -8.56
C LYS A 48 -1.68 3.61 -7.43
N ASN A 49 -1.72 3.12 -6.20
CA ASN A 49 -1.92 3.98 -5.04
C ASN A 49 -0.59 4.58 -4.58
N PHE A 50 -0.55 5.91 -4.51
CA PHE A 50 0.64 6.61 -4.08
C PHE A 50 0.33 7.59 -2.95
N CYS A 51 1.37 8.21 -2.40
CA CYS A 51 1.20 9.16 -1.31
C CYS A 51 1.07 10.59 -1.84
N LEU A 52 0.28 11.41 -1.15
CA LEU A 52 0.07 12.79 -1.56
C LEU A 52 1.34 13.38 -2.15
N ARG A 53 2.49 12.99 -1.60
CA ARG A 53 3.77 13.49 -2.07
C ARG A 53 4.04 13.01 -3.49
N HIS A 54 3.82 11.73 -3.74
CA HIS A 54 4.04 11.15 -5.06
C HIS A 54 2.71 10.90 -5.77
N ARG A 55 1.74 11.77 -5.53
CA ARG A 55 0.43 11.66 -6.15
C ARG A 55 0.51 11.94 -7.65
N HIS A 56 1.36 12.89 -8.02
CA HIS A 56 1.52 13.26 -9.43
C HIS A 56 2.22 12.14 -10.20
N GLN A 57 2.14 12.21 -11.53
CA GLN A 57 2.75 11.20 -12.39
C GLN A 57 4.27 11.24 -12.28
N SER A 58 4.88 12.26 -12.90
CA SER A 58 6.32 12.41 -12.87
C SER A 58 6.88 12.15 -11.48
N ASP A 59 6.18 12.67 -10.47
CA ASP A 59 6.61 12.50 -9.08
C ASP A 59 6.99 11.05 -8.81
N HIS A 60 6.11 10.13 -9.18
CA HIS A 60 6.36 8.70 -8.98
C HIS A 60 6.89 8.06 -10.25
N ASP A 61 7.59 8.84 -11.06
CA ASP A 61 8.15 8.34 -12.31
C ASP A 61 7.16 7.43 -13.03
N CYS A 62 5.94 7.93 -13.22
CA CYS A 62 4.89 7.16 -13.89
C CYS A 62 5.45 6.43 -15.11
N GLU A 63 5.48 5.10 -15.04
CA GLU A 63 5.99 4.30 -16.13
C GLU A 63 5.16 4.52 -17.40
N LYS A 64 3.86 4.65 -17.24
CA LYS A 64 2.96 4.88 -18.37
C LYS A 64 3.49 5.98 -19.28
N LEU A 65 3.95 7.07 -18.67
CA LEU A 65 4.50 8.19 -19.43
C LEU A 65 5.42 7.71 -20.54
N GLU A 66 5.69 8.58 -21.50
CA GLU A 66 6.56 8.24 -22.62
C GLU A 66 8.02 8.57 -22.30
N VAL A 67 8.46 8.17 -21.11
CA VAL A 67 9.83 8.42 -20.67
C VAL A 67 10.22 7.49 -19.54
N ALA A 68 11.48 7.07 -19.52
CA ALA A 68 11.98 6.18 -18.48
C ALA A 68 13.19 6.80 -17.77
N LYS A 69 13.08 6.94 -16.45
CA LYS A 69 14.17 7.51 -15.66
C LYS A 69 15.52 6.91 -16.06
N PRO A 70 16.57 7.73 -15.99
CA PRO A 70 17.93 7.31 -16.34
C PRO A 70 18.50 6.32 -15.33
N ARG A 71 17.87 6.22 -14.17
CA ARG A 71 18.31 5.32 -13.13
C ARG A 71 17.77 3.91 -13.36
N MET A 72 18.48 3.13 -14.17
CA MET A 72 18.07 1.77 -14.47
C MET A 72 18.67 0.78 -13.47
N ALA A 73 19.86 1.11 -12.97
CA ALA A 73 20.54 0.26 -12.01
C ALA A 73 21.13 1.08 -10.86
N ALA A 74 21.45 0.41 -9.76
CA ALA A 74 22.01 1.08 -8.60
C ALA A 74 23.35 0.46 -8.20
N THR A 75 23.34 -0.85 -7.93
CA THR A 75 24.54 -1.56 -7.54
C THR A 75 24.72 -2.83 -8.37
N GLN A 76 25.96 -3.32 -8.42
CA GLN A 76 26.26 -4.53 -9.19
C GLN A 76 26.35 -5.74 -8.26
N LYS A 77 25.35 -6.62 -8.34
CA LYS A 77 25.31 -7.82 -7.51
C LYS A 77 24.48 -8.90 -8.19
N LEU A 78 25.15 -10.01 -8.55
CA LEU A 78 24.47 -11.12 -9.20
C LEU A 78 23.88 -12.07 -8.17
N VAL A 79 22.71 -12.63 -8.48
CA VAL A 79 22.03 -13.55 -7.59
C VAL A 79 21.50 -14.76 -8.35
N ARG A 80 22.03 -15.94 -8.02
CA ARG A 80 21.60 -17.17 -8.68
C ARG A 80 21.27 -18.24 -7.65
N SER A 81 19.99 -18.29 -7.26
CA SER A 81 19.54 -19.27 -6.27
C SER A 81 18.14 -19.77 -6.62
N GLY A 82 17.93 -21.08 -6.48
CA GLY A 82 16.64 -21.66 -6.79
C GLY A 82 15.79 -21.86 -5.54
N PRO A 83 14.46 -21.68 -5.69
CA PRO A 83 13.51 -21.85 -4.58
C PRO A 83 13.38 -23.30 -4.15
N SER A 84 14.26 -23.73 -3.24
CA SER A 84 14.23 -25.10 -2.74
C SER A 84 13.33 -25.21 -1.52
N SER A 85 13.60 -24.39 -0.51
CA SER A 85 12.82 -24.39 0.72
C SER A 85 12.07 -23.08 0.90
N GLY A 86 10.78 -23.09 0.59
CA GLY A 86 9.97 -21.90 0.72
C GLY A 86 10.23 -21.16 2.02
ZN ZN B . 5.06 8.04 -2.25
ZN ZN C . 1.07 6.94 -12.54
N GLY A 1 -39.12 20.23 58.73
CA GLY A 1 -38.06 19.53 58.04
C GLY A 1 -38.20 19.60 56.53
N SER A 2 -39.43 19.45 56.05
CA SER A 2 -39.70 19.49 54.62
C SER A 2 -38.63 18.74 53.84
N SER A 3 -38.24 17.58 54.36
CA SER A 3 -37.22 16.76 53.72
C SER A 3 -37.61 16.42 52.28
N GLY A 4 -36.65 16.53 51.37
CA GLY A 4 -36.92 16.24 49.97
C GLY A 4 -37.85 15.06 49.79
N SER A 5 -38.86 15.23 48.97
CA SER A 5 -39.83 14.17 48.71
C SER A 5 -40.51 14.37 47.35
N SER A 6 -40.35 13.38 46.48
CA SER A 6 -40.95 13.44 45.15
C SER A 6 -41.28 12.04 44.63
N GLY A 7 -42.37 11.94 43.88
CA GLY A 7 -42.78 10.66 43.35
C GLY A 7 -41.61 9.78 42.98
N CYS A 8 -41.52 8.61 43.62
CA CYS A 8 -40.43 7.68 43.36
C CYS A 8 -40.53 7.10 41.95
N SER A 9 -39.74 7.67 41.04
CA SER A 9 -39.75 7.22 39.65
C SER A 9 -38.33 7.21 39.08
N GLU A 10 -37.90 6.04 38.61
CA GLU A 10 -36.56 5.91 38.04
C GLU A 10 -36.52 6.45 36.62
N VAL A 11 -35.35 6.96 36.23
CA VAL A 11 -35.17 7.52 34.90
C VAL A 11 -33.72 7.40 34.43
N ASN A 12 -33.46 6.48 33.51
CA ASN A 12 -32.11 6.28 33.00
C ASN A 12 -32.13 6.11 31.49
N VAL A 13 -31.04 6.52 30.84
CA VAL A 13 -30.93 6.41 29.39
C VAL A 13 -29.68 5.66 28.99
N VAL A 14 -29.75 4.92 27.88
CA VAL A 14 -28.62 4.16 27.39
C VAL A 14 -28.07 4.74 26.09
N LYS A 15 -27.18 5.70 26.21
CA LYS A 15 -26.57 6.34 25.05
C LYS A 15 -25.08 6.04 24.96
N GLU A 16 -24.71 4.81 25.33
CA GLU A 16 -23.31 4.40 25.30
C GLU A 16 -22.60 5.02 24.10
N ARG A 17 -21.67 5.94 24.38
CA ARG A 17 -20.92 6.61 23.33
C ARG A 17 -20.28 5.59 22.39
N PRO A 18 -20.22 5.94 21.09
CA PRO A 18 -19.64 5.07 20.07
C PRO A 18 -18.13 4.94 20.20
N LYS A 19 -17.54 4.03 19.43
CA LYS A 19 -16.09 3.82 19.46
C LYS A 19 -15.50 3.95 18.07
N THR A 20 -14.46 4.77 17.95
CA THR A 20 -13.79 4.98 16.66
C THR A 20 -12.28 4.84 16.80
N ASP A 21 -11.80 3.60 16.75
CA ASP A 21 -10.37 3.33 16.87
C ASP A 21 -9.86 2.58 15.65
N GLU A 22 -9.73 3.29 14.53
CA GLU A 22 -9.26 2.69 13.29
C GLU A 22 -9.04 3.75 12.22
N HIS A 23 -8.04 3.54 11.36
CA HIS A 23 -7.73 4.48 10.30
C HIS A 23 -7.09 3.76 9.12
N LYS A 24 -7.78 3.76 7.98
CA LYS A 24 -7.28 3.12 6.77
C LYS A 24 -6.00 3.80 6.28
N SER A 25 -5.04 2.99 5.83
CA SER A 25 -3.78 3.52 5.33
C SER A 25 -3.30 2.72 4.12
N TYR A 26 -3.05 3.43 3.03
CA TYR A 26 -2.58 2.79 1.79
C TYR A 26 -1.10 3.05 1.56
N SER A 27 -0.33 1.98 1.43
CA SER A 27 1.11 2.09 1.21
C SER A 27 1.40 2.64 -0.19
N CYS A 28 2.24 3.66 -0.25
CA CYS A 28 2.60 4.28 -1.52
C CYS A 28 3.05 3.22 -2.53
N SER A 29 2.70 3.43 -3.79
CA SER A 29 3.06 2.50 -4.85
C SER A 29 4.46 2.80 -5.38
N PHE A 30 5.30 3.37 -4.53
CA PHE A 30 6.66 3.72 -4.91
C PHE A 30 7.67 2.86 -4.16
N LYS A 31 8.51 2.14 -4.90
CA LYS A 31 9.52 1.28 -4.31
C LYS A 31 10.67 2.10 -3.73
N GLY A 32 10.46 2.63 -2.53
CA GLY A 32 11.48 3.43 -1.88
C GLY A 32 10.93 4.70 -1.28
N CYS A 33 9.68 4.65 -0.85
CA CYS A 33 9.03 5.82 -0.25
C CYS A 33 8.50 5.49 1.14
N THR A 34 8.25 4.21 1.39
CA THR A 34 7.74 3.76 2.68
C THR A 34 6.85 4.82 3.32
N ASP A 35 5.84 5.25 2.58
CA ASP A 35 4.90 6.25 3.07
C ASP A 35 3.47 5.80 2.88
N VAL A 36 2.57 6.30 3.74
CA VAL A 36 1.16 5.94 3.68
C VAL A 36 0.28 7.18 3.85
N GLU A 37 -1.02 7.01 3.59
CA GLU A 37 -1.97 8.10 3.72
C GLU A 37 -3.36 7.57 4.07
N LEU A 38 -4.16 8.43 4.70
CA LEU A 38 -5.52 8.05 5.09
C LEU A 38 -6.34 7.64 3.88
N VAL A 39 -6.19 8.38 2.78
CA VAL A 39 -6.92 8.09 1.55
C VAL A 39 -6.03 7.35 0.55
N ALA A 40 -6.65 6.83 -0.50
CA ALA A 40 -5.91 6.11 -1.54
C ALA A 40 -5.87 6.90 -2.83
N VAL A 41 -4.76 7.60 -3.06
CA VAL A 41 -4.59 8.41 -4.27
C VAL A 41 -4.20 7.54 -5.45
N ILE A 42 -5.20 7.04 -6.17
CA ILE A 42 -4.95 6.19 -7.33
C ILE A 42 -4.62 7.03 -8.56
N CYS A 43 -3.75 6.50 -9.41
CA CYS A 43 -3.35 7.20 -10.63
C CYS A 43 -4.13 6.69 -11.83
N PRO A 44 -4.77 7.61 -12.57
CA PRO A 44 -5.56 7.28 -13.75
C PRO A 44 -4.69 6.80 -14.91
N TYR A 45 -3.39 6.66 -14.65
CA TYR A 45 -2.46 6.20 -15.68
C TYR A 45 -1.94 4.81 -15.37
N CYS A 46 -1.23 4.68 -14.26
CA CYS A 46 -0.68 3.40 -13.85
C CYS A 46 -1.66 2.63 -12.97
N GLU A 47 -2.74 3.30 -12.59
CA GLU A 47 -3.76 2.68 -11.74
C GLU A 47 -3.15 2.16 -10.45
N LYS A 48 -2.36 3.01 -9.79
CA LYS A 48 -1.72 2.62 -8.53
C LYS A 48 -1.93 3.69 -7.47
N ASN A 49 -1.93 3.28 -6.20
CA ASN A 49 -2.12 4.21 -5.09
C ASN A 49 -0.78 4.75 -4.61
N PHE A 50 -0.68 6.09 -4.56
CA PHE A 50 0.55 6.74 -4.12
C PHE A 50 0.25 7.75 -3.01
N CYS A 51 1.31 8.23 -2.37
CA CYS A 51 1.17 9.21 -1.29
C CYS A 51 1.04 10.62 -1.85
N LEU A 52 0.25 11.45 -1.18
CA LEU A 52 0.04 12.83 -1.61
C LEU A 52 1.31 13.41 -2.19
N ARG A 53 2.45 13.12 -1.55
CA ARG A 53 3.74 13.62 -2.01
C ARG A 53 4.06 13.11 -3.41
N HIS A 54 3.78 11.82 -3.63
CA HIS A 54 4.04 11.21 -4.93
C HIS A 54 2.74 10.91 -5.66
N ARG A 55 1.76 11.80 -5.51
CA ARG A 55 0.46 11.63 -6.15
C ARG A 55 0.56 11.89 -7.65
N HIS A 56 1.35 12.89 -8.02
CA HIS A 56 1.53 13.23 -9.43
C HIS A 56 2.20 12.08 -10.18
N GLN A 57 2.14 12.12 -11.51
CA GLN A 57 2.73 11.09 -12.35
C GLN A 57 4.25 11.12 -12.23
N SER A 58 4.88 12.11 -12.88
CA SER A 58 6.32 12.25 -12.86
C SER A 58 6.87 12.03 -11.44
N ASP A 59 6.17 12.60 -10.46
CA ASP A 59 6.59 12.47 -9.07
C ASP A 59 6.92 11.01 -8.73
N HIS A 60 6.00 10.11 -9.05
CA HIS A 60 6.19 8.69 -8.78
C HIS A 60 6.73 7.97 -10.02
N ASP A 61 7.45 8.71 -10.86
CA ASP A 61 8.01 8.14 -12.07
C ASP A 61 6.99 7.25 -12.79
N CYS A 62 5.79 7.79 -12.99
CA CYS A 62 4.72 7.04 -13.65
C CYS A 62 5.26 6.30 -14.89
N GLU A 63 5.46 4.99 -14.73
CA GLU A 63 5.97 4.17 -15.83
C GLU A 63 5.24 4.48 -17.12
N LYS A 64 3.92 4.59 -17.04
CA LYS A 64 3.09 4.88 -18.21
C LYS A 64 3.73 5.99 -19.05
N LEU A 65 4.14 7.07 -18.40
CA LEU A 65 4.76 8.20 -19.09
C LEU A 65 5.70 7.70 -20.18
N GLU A 66 6.02 8.59 -21.12
CA GLU A 66 6.93 8.25 -22.22
C GLU A 66 8.38 8.34 -21.78
N VAL A 67 8.66 7.86 -20.57
CA VAL A 67 10.01 7.90 -20.03
C VAL A 67 10.24 6.75 -19.06
N ALA A 68 11.40 6.10 -19.17
CA ALA A 68 11.74 4.99 -18.30
C ALA A 68 12.75 5.41 -17.25
N LYS A 69 13.10 4.48 -16.36
CA LYS A 69 14.07 4.74 -15.30
C LYS A 69 15.29 3.85 -15.43
N PRO A 70 16.48 4.47 -15.44
CA PRO A 70 17.75 3.75 -15.55
C PRO A 70 18.07 2.92 -14.31
N ARG A 71 17.39 1.78 -14.19
CA ARG A 71 17.60 0.90 -13.05
C ARG A 71 17.27 -0.55 -13.41
N MET A 72 18.10 -1.48 -12.94
CA MET A 72 17.89 -2.89 -13.23
C MET A 72 18.82 -3.76 -12.37
N ALA A 73 18.28 -4.83 -11.80
CA ALA A 73 19.07 -5.73 -10.98
C ALA A 73 20.16 -6.41 -11.79
N ALA A 74 21.40 -6.00 -11.56
CA ALA A 74 22.54 -6.57 -12.27
C ALA A 74 22.69 -8.06 -11.96
N THR A 75 23.29 -8.79 -12.90
CA THR A 75 23.49 -10.23 -12.72
C THR A 75 24.15 -10.53 -11.37
N GLN A 76 23.40 -11.19 -10.49
CA GLN A 76 23.89 -11.54 -9.17
C GLN A 76 24.78 -12.77 -9.24
N LYS A 77 25.35 -13.15 -8.09
CA LYS A 77 26.23 -14.32 -8.02
C LYS A 77 26.03 -15.06 -6.71
N LEU A 78 26.19 -16.37 -6.74
CA LEU A 78 26.03 -17.20 -5.55
C LEU A 78 27.39 -17.69 -5.05
N VAL A 79 27.49 -17.88 -3.73
CA VAL A 79 28.72 -18.36 -3.12
C VAL A 79 28.44 -19.39 -2.04
N ARG A 80 29.25 -20.45 -2.01
CA ARG A 80 29.08 -21.50 -1.03
C ARG A 80 30.42 -22.17 -0.72
N SER A 81 30.66 -22.43 0.56
CA SER A 81 31.90 -23.07 0.99
C SER A 81 31.64 -24.44 1.58
N GLY A 82 32.70 -25.24 1.73
CA GLY A 82 32.56 -26.58 2.29
C GLY A 82 31.87 -26.57 3.64
N PRO A 83 30.67 -27.18 3.70
CA PRO A 83 29.89 -27.26 4.94
C PRO A 83 30.53 -28.18 5.97
N SER A 84 30.47 -27.78 7.23
CA SER A 84 31.04 -28.56 8.32
C SER A 84 30.00 -28.83 9.40
N SER A 85 30.24 -29.87 10.20
CA SER A 85 29.33 -30.24 11.27
C SER A 85 29.74 -29.59 12.58
N GLY A 86 28.75 -29.20 13.39
CA GLY A 86 29.03 -28.57 14.67
C GLY A 86 28.92 -29.54 15.83
ZN ZN B . 5.26 8.10 -2.06
ZN ZN C . 0.95 6.94 -12.50
N GLY A 1 -31.97 -27.32 69.25
CA GLY A 1 -31.12 -27.46 68.07
C GLY A 1 -31.77 -26.88 66.82
N SER A 2 -30.98 -26.75 65.76
CA SER A 2 -31.48 -26.20 64.51
C SER A 2 -30.51 -26.49 63.36
N SER A 3 -31.04 -26.54 62.14
CA SER A 3 -30.21 -26.80 60.97
C SER A 3 -30.89 -26.29 59.70
N GLY A 4 -30.14 -25.55 58.90
CA GLY A 4 -30.69 -25.01 57.66
C GLY A 4 -29.85 -23.88 57.10
N SER A 5 -30.09 -23.53 55.84
CA SER A 5 -29.34 -22.46 55.19
C SER A 5 -30.17 -21.83 54.08
N SER A 6 -29.81 -20.60 53.71
CA SER A 6 -30.53 -19.88 52.66
C SER A 6 -29.71 -18.69 52.18
N GLY A 7 -29.66 -18.50 50.86
CA GLY A 7 -28.91 -17.40 50.29
C GLY A 7 -29.34 -17.08 48.87
N CYS A 8 -28.79 -16.01 48.31
CA CYS A 8 -29.13 -15.60 46.95
C CYS A 8 -28.13 -14.56 46.44
N SER A 9 -27.89 -14.57 45.13
CA SER A 9 -26.96 -13.63 44.52
C SER A 9 -27.17 -13.55 43.01
N GLU A 10 -27.32 -12.33 42.51
CA GLU A 10 -27.54 -12.14 41.07
C GLU A 10 -26.55 -11.11 40.52
N VAL A 11 -26.38 -11.11 39.20
CA VAL A 11 -25.46 -10.19 38.54
C VAL A 11 -26.11 -9.56 37.31
N ASN A 12 -25.92 -8.26 37.16
CA ASN A 12 -26.47 -7.53 36.02
C ASN A 12 -25.49 -6.49 35.49
N VAL A 13 -25.42 -6.38 34.17
CA VAL A 13 -24.52 -5.43 33.53
C VAL A 13 -24.74 -5.38 32.02
N VAL A 14 -24.53 -4.21 31.43
CA VAL A 14 -24.70 -4.04 30.00
C VAL A 14 -23.37 -3.74 29.31
N LYS A 15 -23.07 -4.49 28.26
CA LYS A 15 -21.83 -4.31 27.52
C LYS A 15 -21.98 -3.21 26.48
N GLU A 16 -20.90 -2.48 26.23
CA GLU A 16 -20.91 -1.40 25.24
C GLU A 16 -20.05 -1.75 24.03
N ARG A 17 -20.70 -2.03 22.92
CA ARG A 17 -19.99 -2.38 21.69
C ARG A 17 -18.86 -1.40 21.42
N PRO A 18 -17.63 -1.93 21.27
CA PRO A 18 -16.44 -1.12 21.00
C PRO A 18 -16.45 -0.52 19.61
N LYS A 19 -15.69 0.56 19.43
CA LYS A 19 -15.60 1.23 18.14
C LYS A 19 -14.31 0.90 17.43
N THR A 20 -13.19 1.09 18.13
CA THR A 20 -11.88 0.81 17.57
C THR A 20 -11.84 1.11 16.08
N ASP A 21 -12.49 2.19 15.68
CA ASP A 21 -12.53 2.59 14.28
C ASP A 21 -11.19 2.38 13.61
N GLU A 22 -11.12 1.40 12.71
CA GLU A 22 -9.89 1.09 12.00
C GLU A 22 -9.47 2.25 11.10
N HIS A 23 -8.37 2.89 11.43
CA HIS A 23 -7.86 4.01 10.66
C HIS A 23 -7.34 3.54 9.31
N LYS A 24 -8.13 3.74 8.26
CA LYS A 24 -7.74 3.34 6.90
C LYS A 24 -6.40 3.97 6.52
N SER A 25 -5.53 3.15 5.92
CA SER A 25 -4.22 3.62 5.50
C SER A 25 -3.71 2.82 4.32
N TYR A 26 -3.35 3.51 3.25
CA TYR A 26 -2.84 2.86 2.04
C TYR A 26 -1.35 3.08 1.89
N SER A 27 -0.62 2.01 1.56
CA SER A 27 0.82 2.08 1.38
C SER A 27 1.17 2.61 0.00
N CYS A 28 2.16 3.50 -0.07
CA CYS A 28 2.60 4.08 -1.33
C CYS A 28 3.26 3.02 -2.21
N SER A 29 3.06 3.15 -3.53
CA SER A 29 3.63 2.20 -4.47
C SER A 29 4.88 2.78 -5.13
N PHE A 30 5.62 3.58 -4.36
CA PHE A 30 6.84 4.20 -4.86
C PHE A 30 8.08 3.47 -4.33
N LYS A 31 9.06 3.25 -5.20
CA LYS A 31 10.28 2.56 -4.83
C LYS A 31 11.11 3.42 -3.86
N GLY A 32 10.93 3.18 -2.56
CA GLY A 32 11.66 3.93 -1.57
C GLY A 32 10.76 4.85 -0.76
N CYS A 33 9.54 4.40 -0.49
CA CYS A 33 8.59 5.19 0.28
C CYS A 33 7.74 4.30 1.18
N THR A 34 7.66 4.67 2.45
CA THR A 34 6.88 3.90 3.41
C THR A 34 5.87 4.79 4.14
N ASP A 35 5.22 5.67 3.38
CA ASP A 35 4.23 6.57 3.96
C ASP A 35 2.82 6.19 3.53
N VAL A 36 1.86 6.38 4.41
CA VAL A 36 0.46 6.05 4.12
C VAL A 36 -0.45 7.25 4.37
N GLU A 37 -1.71 7.10 3.97
CA GLU A 37 -2.69 8.17 4.15
C GLU A 37 -4.10 7.62 4.32
N LEU A 38 -4.99 8.42 4.88
CA LEU A 38 -6.37 8.00 5.09
C LEU A 38 -7.01 7.56 3.78
N VAL A 39 -6.80 8.33 2.73
CA VAL A 39 -7.36 8.01 1.41
C VAL A 39 -6.36 7.24 0.56
N ALA A 40 -6.77 6.90 -0.66
CA ALA A 40 -5.90 6.15 -1.57
C ALA A 40 -5.74 6.88 -2.89
N VAL A 41 -4.67 7.67 -3.01
CA VAL A 41 -4.40 8.43 -4.23
C VAL A 41 -4.00 7.49 -5.37
N ILE A 42 -4.97 7.11 -6.17
CA ILE A 42 -4.72 6.22 -7.31
C ILE A 42 -4.44 7.02 -8.58
N CYS A 43 -3.48 6.55 -9.38
CA CYS A 43 -3.12 7.21 -10.62
C CYS A 43 -3.98 6.71 -11.78
N PRO A 44 -4.65 7.65 -12.46
CA PRO A 44 -5.52 7.34 -13.60
C PRO A 44 -4.74 6.86 -14.82
N TYR A 45 -3.43 6.70 -14.65
CA TYR A 45 -2.57 6.26 -15.73
C TYR A 45 -2.06 4.83 -15.48
N CYS A 46 -1.30 4.67 -14.40
CA CYS A 46 -0.76 3.37 -14.04
C CYS A 46 -1.70 2.62 -13.11
N GLU A 47 -2.70 3.33 -12.60
CA GLU A 47 -3.68 2.72 -11.69
C GLU A 47 -2.99 2.18 -10.44
N LYS A 48 -2.13 2.99 -9.85
CA LYS A 48 -1.41 2.59 -8.64
C LYS A 48 -1.65 3.58 -7.51
N ASN A 49 -1.55 3.10 -6.28
CA ASN A 49 -1.75 3.95 -5.11
C ASN A 49 -0.44 4.59 -4.66
N PHE A 50 -0.50 5.89 -4.39
CA PHE A 50 0.68 6.64 -3.96
C PHE A 50 0.32 7.65 -2.88
N CYS A 51 1.34 8.30 -2.33
CA CYS A 51 1.13 9.29 -1.28
C CYS A 51 1.02 10.69 -1.87
N LEU A 52 0.29 11.56 -1.19
CA LEU A 52 0.11 12.94 -1.65
C LEU A 52 1.40 13.48 -2.26
N ARG A 53 2.52 13.17 -1.63
CA ARG A 53 3.81 13.63 -2.12
C ARG A 53 4.12 13.06 -3.49
N HIS A 54 3.83 11.77 -3.68
CA HIS A 54 4.07 11.10 -4.95
C HIS A 54 2.76 10.84 -5.68
N ARG A 55 1.80 11.75 -5.51
CA ARG A 55 0.50 11.62 -6.15
C ARG A 55 0.58 11.99 -7.63
N HIS A 56 1.38 13.01 -7.93
CA HIS A 56 1.55 13.46 -9.30
C HIS A 56 1.99 12.31 -10.21
N GLN A 57 2.27 12.63 -11.47
CA GLN A 57 2.71 11.63 -12.44
C GLN A 57 4.23 11.59 -12.54
N SER A 58 4.83 12.77 -12.69
CA SER A 58 6.28 12.87 -12.80
C SER A 58 6.94 12.86 -11.42
N ASP A 59 6.37 12.09 -10.50
CA ASP A 59 6.89 12.00 -9.15
C ASP A 59 7.10 10.54 -8.75
N HIS A 60 6.28 9.65 -9.31
CA HIS A 60 6.36 8.24 -9.01
C HIS A 60 6.87 7.46 -10.22
N ASP A 61 7.60 8.14 -11.08
CA ASP A 61 8.15 7.51 -12.28
C ASP A 61 7.07 6.72 -13.02
N CYS A 62 5.91 7.34 -13.19
CA CYS A 62 4.79 6.70 -13.88
C CYS A 62 5.28 5.96 -15.12
N GLU A 63 5.17 4.64 -15.10
CA GLU A 63 5.59 3.81 -16.22
C GLU A 63 4.87 4.22 -17.51
N LYS A 64 3.63 4.66 -17.36
CA LYS A 64 2.82 5.09 -18.49
C LYS A 64 3.46 6.28 -19.20
N LEU A 65 3.91 7.25 -18.41
CA LEU A 65 4.55 8.44 -18.96
C LEU A 65 5.49 8.08 -20.10
N GLU A 66 5.88 9.08 -20.88
CA GLU A 66 6.78 8.87 -22.01
C GLU A 66 8.24 9.00 -21.58
N VAL A 67 8.56 8.46 -20.40
CA VAL A 67 9.91 8.52 -19.87
C VAL A 67 10.73 7.32 -20.32
N ALA A 68 12.01 7.55 -20.59
CA ALA A 68 12.91 6.49 -21.04
C ALA A 68 13.32 5.60 -19.87
N LYS A 69 13.38 4.30 -20.11
CA LYS A 69 13.76 3.34 -19.08
C LYS A 69 15.05 2.61 -19.46
N PRO A 70 15.91 2.37 -18.46
CA PRO A 70 17.19 1.68 -18.66
C PRO A 70 17.00 0.21 -19.00
N ARG A 71 16.83 -0.61 -17.97
CA ARG A 71 16.65 -2.05 -18.16
C ARG A 71 17.60 -2.58 -19.22
N MET A 72 18.84 -2.14 -19.18
CA MET A 72 19.85 -2.57 -20.13
C MET A 72 19.67 -4.04 -20.48
N ALA A 73 19.48 -4.86 -19.45
CA ALA A 73 19.29 -6.29 -19.65
C ALA A 73 18.09 -6.58 -20.54
N ALA A 74 18.36 -7.08 -21.75
CA ALA A 74 17.31 -7.39 -22.70
C ALA A 74 16.70 -8.76 -22.41
N THR A 75 15.42 -8.91 -22.75
CA THR A 75 14.72 -10.16 -22.53
C THR A 75 14.35 -10.84 -23.85
N GLN A 76 14.31 -12.16 -23.84
CA GLN A 76 13.98 -12.93 -25.04
C GLN A 76 12.53 -12.68 -25.45
N LYS A 77 12.22 -12.96 -26.71
CA LYS A 77 10.87 -12.77 -27.23
C LYS A 77 10.65 -13.64 -28.47
N LEU A 78 9.41 -14.09 -28.64
CA LEU A 78 9.05 -14.93 -29.78
C LEU A 78 9.25 -14.18 -31.09
N VAL A 79 10.37 -14.43 -31.75
CA VAL A 79 10.68 -13.77 -33.01
C VAL A 79 11.43 -14.71 -33.95
N ARG A 80 10.94 -14.82 -35.18
CA ARG A 80 11.58 -15.69 -36.18
C ARG A 80 11.09 -15.35 -37.58
N SER A 81 12.01 -14.94 -38.44
CA SER A 81 11.67 -14.58 -39.82
C SER A 81 11.56 -15.82 -40.69
N GLY A 82 12.65 -16.58 -40.78
CA GLY A 82 12.66 -17.78 -41.59
C GLY A 82 14.01 -18.05 -42.21
N PRO A 83 14.17 -19.26 -42.80
CA PRO A 83 15.41 -19.66 -43.44
C PRO A 83 15.69 -18.89 -44.73
N SER A 84 16.94 -18.47 -44.92
CA SER A 84 17.33 -17.72 -46.10
C SER A 84 18.84 -17.70 -46.26
N SER A 85 19.31 -17.89 -47.50
CA SER A 85 20.74 -17.90 -47.79
C SER A 85 21.06 -16.95 -48.95
N GLY A 86 22.20 -16.28 -48.85
CA GLY A 86 22.61 -15.36 -49.89
C GLY A 86 24.10 -15.10 -49.88
ZN ZN B . 5.24 7.96 -1.63
ZN ZN C . 1.07 6.78 -12.70
N GLY A 1 -13.75 -63.74 35.53
CA GLY A 1 -13.02 -62.76 34.76
C GLY A 1 -13.65 -61.39 34.81
N SER A 2 -13.10 -60.45 34.04
CA SER A 2 -13.63 -59.09 33.99
C SER A 2 -12.99 -58.31 32.85
N SER A 3 -13.60 -57.18 32.52
CA SER A 3 -13.10 -56.34 31.43
C SER A 3 -12.87 -54.91 31.92
N GLY A 4 -12.19 -54.11 31.10
CA GLY A 4 -11.92 -52.73 31.46
C GLY A 4 -12.15 -51.76 30.31
N SER A 5 -13.18 -50.93 30.44
CA SER A 5 -13.50 -49.96 29.39
C SER A 5 -12.31 -49.05 29.11
N SER A 6 -12.29 -48.47 27.91
CA SER A 6 -11.22 -47.58 27.50
C SER A 6 -11.67 -46.12 27.56
N GLY A 7 -12.79 -45.84 26.91
CA GLY A 7 -13.30 -44.48 26.90
C GLY A 7 -12.59 -43.60 25.89
N CYS A 8 -13.28 -42.56 25.43
CA CYS A 8 -12.69 -41.63 24.45
C CYS A 8 -13.17 -40.21 24.70
N SER A 9 -12.23 -39.32 24.99
CA SER A 9 -12.55 -37.92 25.26
C SER A 9 -11.72 -36.99 24.39
N GLU A 10 -12.38 -35.99 23.81
CA GLU A 10 -11.70 -35.03 22.95
C GLU A 10 -12.14 -33.60 23.28
N VAL A 11 -11.53 -32.64 22.59
CA VAL A 11 -11.85 -31.23 22.81
C VAL A 11 -11.17 -30.34 21.78
N ASN A 12 -11.93 -29.48 21.14
CA ASN A 12 -11.40 -28.58 20.12
C ASN A 12 -11.11 -27.20 20.73
N VAL A 13 -10.34 -26.40 19.99
CA VAL A 13 -10.00 -25.06 20.46
C VAL A 13 -10.43 -24.00 19.45
N VAL A 14 -11.39 -23.16 19.87
CA VAL A 14 -11.90 -22.11 19.00
C VAL A 14 -10.97 -20.90 19.00
N LYS A 15 -10.75 -20.34 17.81
CA LYS A 15 -9.88 -19.18 17.66
C LYS A 15 -10.46 -18.18 16.66
N GLU A 16 -10.27 -16.89 16.94
CA GLU A 16 -10.77 -15.84 16.07
C GLU A 16 -10.10 -14.51 16.38
N ARG A 17 -9.50 -13.90 15.36
CA ARG A 17 -8.82 -12.62 15.53
C ARG A 17 -8.96 -11.76 14.26
N PRO A 18 -9.50 -10.56 14.44
CA PRO A 18 -9.70 -9.62 13.32
C PRO A 18 -8.38 -9.06 12.79
N LYS A 19 -8.45 -8.38 11.65
CA LYS A 19 -7.26 -7.80 11.03
C LYS A 19 -6.94 -6.44 11.65
N THR A 20 -5.85 -5.84 11.19
CA THR A 20 -5.43 -4.54 11.70
C THR A 20 -6.64 -3.67 12.06
N ASP A 21 -6.85 -3.48 13.35
CA ASP A 21 -7.96 -2.67 13.83
C ASP A 21 -7.58 -1.19 13.90
N GLU A 22 -7.42 -0.57 12.74
CA GLU A 22 -7.05 0.84 12.67
C GLU A 22 -7.67 1.50 11.44
N HIS A 23 -7.47 2.81 11.33
CA HIS A 23 -8.01 3.57 10.21
C HIS A 23 -7.44 3.05 8.89
N LYS A 24 -8.14 3.34 7.80
CA LYS A 24 -7.70 2.91 6.48
C LYS A 24 -6.35 3.53 6.11
N SER A 25 -5.41 2.67 5.72
CA SER A 25 -4.08 3.13 5.34
C SER A 25 -3.62 2.48 4.04
N TYR A 26 -3.20 3.31 3.10
CA TYR A 26 -2.74 2.82 1.79
C TYR A 26 -1.25 3.06 1.63
N SER A 27 -0.51 1.98 1.43
CA SER A 27 0.94 2.06 1.25
C SER A 27 1.29 2.60 -0.14
N CYS A 28 2.22 3.54 -0.18
CA CYS A 28 2.65 4.15 -1.43
C CYS A 28 3.30 3.12 -2.34
N SER A 29 2.90 3.10 -3.61
CA SER A 29 3.44 2.16 -4.57
C SER A 29 4.61 2.78 -5.33
N PHE A 30 5.40 3.60 -4.64
CA PHE A 30 6.54 4.26 -5.25
C PHE A 30 7.84 3.59 -4.81
N LYS A 31 8.87 3.67 -5.66
CA LYS A 31 10.16 3.09 -5.36
C LYS A 31 10.88 3.87 -4.26
N GLY A 32 10.82 3.36 -3.03
CA GLY A 32 11.46 4.04 -1.92
C GLY A 32 10.49 4.84 -1.09
N CYS A 33 9.31 4.27 -0.84
CA CYS A 33 8.28 4.94 -0.05
C CYS A 33 7.27 3.94 0.49
N THR A 34 7.03 4.01 1.80
CA THR A 34 6.08 3.11 2.45
C THR A 34 5.01 3.88 3.20
N ASP A 35 5.21 5.19 3.32
CA ASP A 35 4.26 6.05 4.02
C ASP A 35 2.83 5.76 3.57
N VAL A 36 1.87 6.00 4.46
CA VAL A 36 0.47 5.76 4.15
C VAL A 36 -0.36 7.02 4.39
N GLU A 37 -1.63 6.98 3.97
CA GLU A 37 -2.52 8.12 4.14
C GLU A 37 -3.96 7.65 4.38
N LEU A 38 -4.76 8.49 5.00
CA LEU A 38 -6.15 8.16 5.29
C LEU A 38 -6.88 7.76 4.01
N VAL A 39 -6.65 8.49 2.93
CA VAL A 39 -7.28 8.20 1.65
C VAL A 39 -6.32 7.46 0.72
N ALA A 40 -6.81 7.11 -0.45
CA ALA A 40 -6.00 6.39 -1.44
C ALA A 40 -5.90 7.18 -2.74
N VAL A 41 -4.70 7.66 -3.06
CA VAL A 41 -4.48 8.43 -4.27
C VAL A 41 -4.10 7.52 -5.43
N ILE A 42 -5.09 7.09 -6.19
CA ILE A 42 -4.86 6.21 -7.33
C ILE A 42 -4.54 7.01 -8.58
N CYS A 43 -3.66 6.48 -9.42
CA CYS A 43 -3.27 7.14 -10.65
C CYS A 43 -4.07 6.60 -11.84
N PRO A 44 -4.71 7.53 -12.58
CA PRO A 44 -5.52 7.17 -13.75
C PRO A 44 -4.67 6.67 -14.91
N TYR A 45 -3.37 6.53 -14.68
CA TYR A 45 -2.45 6.07 -15.71
C TYR A 45 -1.95 4.66 -15.40
N CYS A 46 -1.22 4.52 -14.30
CA CYS A 46 -0.68 3.23 -13.90
C CYS A 46 -1.67 2.48 -13.02
N GLU A 47 -2.69 3.19 -12.54
CA GLU A 47 -3.71 2.59 -11.69
C GLU A 47 -3.11 2.08 -10.39
N LYS A 48 -2.29 2.91 -9.76
CA LYS A 48 -1.64 2.55 -8.50
C LYS A 48 -1.87 3.62 -7.44
N ASN A 49 -1.81 3.22 -6.18
CA ASN A 49 -2.01 4.14 -5.07
C ASN A 49 -0.68 4.72 -4.60
N PHE A 50 -0.63 6.03 -4.43
CA PHE A 50 0.58 6.70 -3.98
C PHE A 50 0.27 7.74 -2.90
N CYS A 51 1.32 8.26 -2.26
CA CYS A 51 1.15 9.25 -1.22
C CYS A 51 1.07 10.65 -1.80
N LEU A 52 0.27 11.52 -1.16
CA LEU A 52 0.11 12.89 -1.61
C LEU A 52 1.42 13.44 -2.18
N ARG A 53 2.52 13.15 -1.49
CA ARG A 53 3.84 13.61 -1.92
C ARG A 53 4.18 13.07 -3.30
N HIS A 54 3.88 11.80 -3.52
CA HIS A 54 4.15 11.15 -4.79
C HIS A 54 2.86 10.83 -5.53
N ARG A 55 1.91 11.74 -5.47
CA ARG A 55 0.62 11.57 -6.13
C ARG A 55 0.73 11.84 -7.63
N HIS A 56 1.45 12.90 -7.98
CA HIS A 56 1.65 13.27 -9.37
C HIS A 56 2.28 12.13 -10.17
N GLN A 57 2.19 12.21 -11.49
CA GLN A 57 2.74 11.17 -12.36
C GLN A 57 4.26 11.14 -12.25
N SER A 58 4.91 12.14 -12.85
CA SER A 58 6.37 12.22 -12.82
C SER A 58 6.90 11.96 -11.41
N ASP A 59 6.21 12.49 -10.41
CA ASP A 59 6.62 12.31 -9.03
C ASP A 59 6.94 10.84 -8.74
N HIS A 60 6.05 9.95 -9.16
CA HIS A 60 6.24 8.52 -8.95
C HIS A 60 6.77 7.85 -10.21
N ASP A 61 7.59 8.57 -10.96
CA ASP A 61 8.17 8.06 -12.20
C ASP A 61 7.16 7.19 -12.94
N CYS A 62 5.96 7.72 -13.12
CA CYS A 62 4.90 7.00 -13.82
C CYS A 62 5.45 6.29 -15.06
N GLU A 63 5.37 4.96 -15.06
CA GLU A 63 5.86 4.18 -16.19
C GLU A 63 5.08 4.49 -17.46
N LYS A 64 3.78 4.72 -17.30
CA LYS A 64 2.92 5.04 -18.44
C LYS A 64 3.49 6.19 -19.26
N LEU A 65 4.07 7.17 -18.57
CA LEU A 65 4.66 8.33 -19.22
C LEU A 65 5.57 7.90 -20.37
N GLU A 66 6.14 8.87 -21.07
CA GLU A 66 7.03 8.59 -22.18
C GLU A 66 8.41 8.16 -21.69
N VAL A 67 8.42 7.24 -20.72
CA VAL A 67 9.66 6.74 -20.16
C VAL A 67 10.07 5.41 -20.80
N ALA A 68 11.36 5.12 -20.76
CA ALA A 68 11.88 3.88 -21.34
C ALA A 68 13.07 3.35 -20.54
N LYS A 69 12.87 2.21 -19.89
CA LYS A 69 13.93 1.60 -19.08
C LYS A 69 13.88 0.08 -19.18
N PRO A 70 14.89 -0.50 -19.85
CA PRO A 70 14.98 -1.95 -20.04
C PRO A 70 15.29 -2.68 -18.74
N ARG A 71 15.18 -1.97 -17.62
CA ARG A 71 15.45 -2.55 -16.31
C ARG A 71 14.98 -4.00 -16.25
N MET A 72 15.90 -4.91 -15.95
CA MET A 72 15.58 -6.32 -15.86
C MET A 72 15.55 -6.78 -14.41
N ALA A 73 15.23 -8.06 -14.20
CA ALA A 73 15.17 -8.62 -12.85
C ALA A 73 14.27 -7.79 -11.95
N ALA A 74 13.12 -7.38 -12.48
CA ALA A 74 12.17 -6.59 -11.73
C ALA A 74 11.34 -7.47 -10.79
N THR A 75 11.02 -6.94 -9.61
CA THR A 75 10.22 -7.68 -8.63
C THR A 75 8.99 -8.30 -9.27
N GLN A 76 8.38 -9.25 -8.56
CA GLN A 76 7.18 -9.91 -9.05
C GLN A 76 5.98 -8.98 -9.02
N LYS A 77 5.03 -9.20 -9.93
CA LYS A 77 3.83 -8.38 -10.00
C LYS A 77 3.34 -8.02 -8.61
N LEU A 78 2.64 -6.90 -8.50
CA LEU A 78 2.11 -6.43 -7.22
C LEU A 78 0.65 -6.83 -7.06
N VAL A 79 0.27 -7.18 -5.84
CA VAL A 79 -1.11 -7.57 -5.55
C VAL A 79 -2.05 -6.38 -5.64
N ARG A 80 -1.70 -5.30 -4.97
CA ARG A 80 -2.51 -4.09 -4.97
C ARG A 80 -2.80 -3.63 -6.39
N SER A 81 -3.95 -4.05 -6.92
CA SER A 81 -4.33 -3.67 -8.28
C SER A 81 -5.81 -3.31 -8.34
N GLY A 82 -6.21 -2.66 -9.43
CA GLY A 82 -7.60 -2.26 -9.60
C GLY A 82 -7.85 -1.53 -10.90
N PRO A 83 -9.13 -1.31 -11.23
CA PRO A 83 -9.52 -0.61 -12.45
C PRO A 83 -9.18 0.88 -12.42
N SER A 84 -9.55 1.59 -13.46
CA SER A 84 -9.27 3.02 -13.56
C SER A 84 -10.44 3.83 -12.99
N SER A 85 -10.12 4.80 -12.14
CA SER A 85 -11.15 5.65 -11.53
C SER A 85 -11.48 6.83 -12.44
N GLY A 86 -12.54 7.56 -12.09
CA GLY A 86 -12.94 8.71 -12.87
C GLY A 86 -12.04 9.91 -12.67
ZN ZN B . 5.18 8.09 -1.73
ZN ZN C . 1.01 6.83 -12.56
N GLY A 1 -64.34 -31.22 19.77
CA GLY A 1 -62.93 -31.37 20.03
C GLY A 1 -62.09 -31.20 18.78
N SER A 2 -60.78 -31.12 18.95
CA SER A 2 -59.87 -30.96 17.82
C SER A 2 -58.47 -31.45 18.17
N SER A 3 -57.77 -31.99 17.18
CA SER A 3 -56.42 -32.50 17.37
C SER A 3 -55.38 -31.38 17.27
N GLY A 4 -54.13 -31.73 17.49
CA GLY A 4 -53.06 -30.74 17.41
C GLY A 4 -51.95 -31.17 16.47
N SER A 5 -51.55 -30.25 15.58
CA SER A 5 -50.50 -30.54 14.62
C SER A 5 -49.26 -29.70 14.92
N SER A 6 -48.19 -29.96 14.16
CA SER A 6 -46.94 -29.24 14.34
C SER A 6 -46.30 -28.89 12.99
N GLY A 7 -45.57 -27.79 12.96
CA GLY A 7 -44.93 -27.37 11.73
C GLY A 7 -44.62 -25.88 11.71
N CYS A 8 -43.73 -25.47 10.80
CA CYS A 8 -43.34 -24.08 10.70
C CYS A 8 -42.72 -23.78 9.34
N SER A 9 -43.28 -22.83 8.62
CA SER A 9 -42.78 -22.47 7.30
C SER A 9 -42.38 -20.99 7.26
N GLU A 10 -41.17 -20.70 7.74
CA GLU A 10 -40.67 -19.34 7.76
C GLU A 10 -39.19 -19.31 8.13
N VAL A 11 -38.56 -18.16 7.96
CA VAL A 11 -37.15 -17.99 8.28
C VAL A 11 -36.77 -16.52 8.41
N ASN A 12 -35.86 -16.22 9.33
CA ASN A 12 -35.41 -14.85 9.54
C ASN A 12 -33.93 -14.69 9.19
N VAL A 13 -33.47 -13.45 9.11
CA VAL A 13 -32.08 -13.16 8.79
C VAL A 13 -31.58 -11.95 9.56
N VAL A 14 -30.31 -11.98 9.95
CA VAL A 14 -29.71 -10.87 10.69
C VAL A 14 -28.97 -9.93 9.74
N LYS A 15 -29.37 -8.66 9.74
CA LYS A 15 -28.74 -7.65 8.90
C LYS A 15 -28.39 -6.40 9.70
N GLU A 16 -27.26 -6.47 10.40
CA GLU A 16 -26.80 -5.35 11.21
C GLU A 16 -26.29 -4.21 10.33
N ARG A 17 -26.95 -3.07 10.39
CA ARG A 17 -26.58 -1.91 9.60
C ARG A 17 -25.05 -1.81 9.48
N PRO A 18 -24.59 -1.21 8.38
CA PRO A 18 -23.15 -1.04 8.12
C PRO A 18 -22.51 -0.03 9.06
N LYS A 19 -21.44 -0.45 9.72
CA LYS A 19 -20.73 0.41 10.66
C LYS A 19 -19.36 0.80 10.10
N THR A 20 -19.32 1.86 9.32
CA THR A 20 -18.07 2.34 8.73
C THR A 20 -17.75 3.76 9.17
N ASP A 21 -16.99 3.88 10.25
CA ASP A 21 -16.60 5.19 10.78
C ASP A 21 -15.12 5.24 11.11
N GLU A 22 -14.31 4.67 10.22
CA GLU A 22 -12.86 4.64 10.41
C GLU A 22 -12.14 5.15 9.17
N HIS A 23 -10.83 5.33 9.28
CA HIS A 23 -10.01 5.81 8.18
C HIS A 23 -9.13 4.69 7.62
N LYS A 24 -9.19 4.48 6.32
CA LYS A 24 -8.39 3.44 5.67
C LYS A 24 -6.95 3.88 5.53
N SER A 25 -6.07 2.94 5.21
CA SER A 25 -4.65 3.23 5.05
C SER A 25 -4.09 2.52 3.83
N TYR A 26 -3.41 3.28 2.97
CA TYR A 26 -2.82 2.72 1.76
C TYR A 26 -1.33 3.05 1.68
N SER A 27 -0.53 2.06 1.31
CA SER A 27 0.91 2.24 1.20
C SER A 27 1.29 2.79 -0.16
N CYS A 28 2.29 3.67 -0.19
CA CYS A 28 2.75 4.27 -1.44
C CYS A 28 3.31 3.22 -2.39
N SER A 29 3.06 3.40 -3.68
CA SER A 29 3.53 2.46 -4.70
C SER A 29 4.73 3.03 -5.44
N PHE A 30 5.55 3.80 -4.73
CA PHE A 30 6.74 4.40 -5.32
C PHE A 30 7.99 3.62 -4.94
N LYS A 31 9.06 3.84 -5.70
CA LYS A 31 10.33 3.16 -5.44
C LYS A 31 11.16 3.92 -4.41
N GLY A 32 10.97 3.57 -3.14
CA GLY A 32 11.72 4.23 -2.07
C GLY A 32 10.81 5.05 -1.17
N CYS A 33 9.62 4.53 -0.90
CA CYS A 33 8.66 5.22 -0.04
C CYS A 33 7.79 4.22 0.72
N THR A 34 7.68 4.43 2.03
CA THR A 34 6.88 3.55 2.87
C THR A 34 5.88 4.34 3.70
N ASP A 35 5.35 5.40 3.12
CA ASP A 35 4.37 6.24 3.81
C ASP A 35 2.95 5.91 3.35
N VAL A 36 1.97 6.17 4.23
CA VAL A 36 0.58 5.90 3.91
C VAL A 36 -0.27 7.15 4.11
N GLU A 37 -1.58 7.00 3.92
CA GLU A 37 -2.50 8.12 4.07
C GLU A 37 -3.92 7.62 4.32
N LEU A 38 -4.76 8.50 4.86
CA LEU A 38 -6.14 8.15 5.16
C LEU A 38 -6.86 7.65 3.91
N VAL A 39 -6.72 8.38 2.81
CA VAL A 39 -7.35 8.00 1.56
C VAL A 39 -6.35 7.30 0.63
N ALA A 40 -6.85 6.82 -0.51
CA ALA A 40 -6.01 6.12 -1.47
C ALA A 40 -5.92 6.89 -2.79
N VAL A 41 -4.78 7.54 -3.00
CA VAL A 41 -4.57 8.32 -4.21
C VAL A 41 -4.18 7.42 -5.38
N ILE A 42 -5.17 7.04 -6.18
CA ILE A 42 -4.94 6.19 -7.34
C ILE A 42 -4.61 7.01 -8.58
N CYS A 43 -3.64 6.54 -9.35
CA CYS A 43 -3.22 7.22 -10.57
C CYS A 43 -4.05 6.75 -11.77
N PRO A 44 -4.66 7.71 -12.48
CA PRO A 44 -5.47 7.42 -13.66
C PRO A 44 -4.65 6.93 -14.84
N TYR A 45 -3.36 6.74 -14.61
CA TYR A 45 -2.45 6.27 -15.65
C TYR A 45 -1.98 4.86 -15.38
N CYS A 46 -1.25 4.68 -14.27
CA CYS A 46 -0.73 3.37 -13.89
C CYS A 46 -1.73 2.64 -13.00
N GLU A 47 -2.78 3.34 -12.60
CA GLU A 47 -3.81 2.75 -11.74
C GLU A 47 -3.19 2.19 -10.46
N LYS A 48 -2.27 2.96 -9.87
CA LYS A 48 -1.61 2.53 -8.64
C LYS A 48 -1.86 3.54 -7.52
N ASN A 49 -1.68 3.10 -6.28
CA ASN A 49 -1.88 3.95 -5.12
C ASN A 49 -0.58 4.59 -4.67
N PHE A 50 -0.60 5.89 -4.44
CA PHE A 50 0.59 6.62 -4.01
C PHE A 50 0.25 7.61 -2.90
N CYS A 51 1.27 8.29 -2.39
CA CYS A 51 1.07 9.27 -1.33
C CYS A 51 1.02 10.69 -1.89
N LEU A 52 0.23 11.55 -1.26
CA LEU A 52 0.09 12.93 -1.70
C LEU A 52 1.42 13.48 -2.19
N ARG A 53 2.50 13.14 -1.48
CA ARG A 53 3.83 13.61 -1.84
C ARG A 53 4.23 13.09 -3.21
N HIS A 54 3.90 11.82 -3.48
CA HIS A 54 4.23 11.20 -4.76
C HIS A 54 2.96 10.87 -5.55
N ARG A 55 1.98 11.75 -5.46
CA ARG A 55 0.71 11.55 -6.16
C ARG A 55 0.87 11.81 -7.66
N HIS A 56 1.51 12.93 -7.99
CA HIS A 56 1.73 13.29 -9.39
C HIS A 56 2.36 12.14 -10.16
N GLN A 57 2.26 12.20 -11.48
CA GLN A 57 2.82 11.16 -12.33
C GLN A 57 4.34 11.12 -12.21
N SER A 58 5.01 12.10 -12.81
CA SER A 58 6.45 12.19 -12.78
C SER A 58 6.99 11.92 -11.37
N ASP A 59 6.29 12.46 -10.38
CA ASP A 59 6.69 12.28 -8.99
C ASP A 59 7.00 10.81 -8.69
N HIS A 60 6.06 9.94 -9.04
CA HIS A 60 6.24 8.50 -8.81
C HIS A 60 6.79 7.82 -10.06
N ASP A 61 7.48 8.58 -10.89
CA ASP A 61 8.06 8.06 -12.12
C ASP A 61 7.06 7.16 -12.85
N CYS A 62 5.85 7.67 -13.07
CA CYS A 62 4.81 6.92 -13.75
C CYS A 62 5.37 6.19 -14.97
N GLU A 63 5.39 4.87 -14.90
CA GLU A 63 5.90 4.06 -16.00
C GLU A 63 5.09 4.29 -17.27
N LYS A 64 3.79 4.53 -17.10
CA LYS A 64 2.91 4.77 -18.24
C LYS A 64 3.45 5.89 -19.11
N LEU A 65 3.90 6.96 -18.48
CA LEU A 65 4.44 8.12 -19.21
C LEU A 65 5.28 7.66 -20.39
N GLU A 66 5.48 8.56 -21.35
CA GLU A 66 6.26 8.25 -22.53
C GLU A 66 7.44 9.21 -22.67
N VAL A 67 8.45 9.04 -21.82
CA VAL A 67 9.63 9.89 -21.85
C VAL A 67 10.83 9.14 -22.41
N ALA A 68 11.56 9.80 -23.31
CA ALA A 68 12.74 9.20 -23.92
C ALA A 68 13.49 8.32 -22.94
N LYS A 69 13.34 7.00 -23.09
CA LYS A 69 14.01 6.05 -22.21
C LYS A 69 15.01 5.20 -22.98
N PRO A 70 15.96 4.59 -22.25
CA PRO A 70 17.00 3.74 -22.85
C PRO A 70 16.43 2.43 -23.40
N ARG A 71 15.11 2.35 -23.48
CA ARG A 71 14.45 1.16 -23.99
C ARG A 71 15.17 0.62 -25.22
N MET A 72 14.82 -0.60 -25.62
CA MET A 72 15.43 -1.24 -26.78
C MET A 72 15.54 -0.25 -27.93
N ALA A 73 16.31 -0.62 -28.96
CA ALA A 73 16.49 0.22 -30.12
C ALA A 73 16.23 -0.55 -31.42
N ALA A 74 15.83 0.17 -32.45
CA ALA A 74 15.54 -0.45 -33.75
C ALA A 74 14.30 -1.33 -33.66
N THR A 75 13.27 -0.86 -32.97
CA THR A 75 12.04 -1.61 -32.82
C THR A 75 11.45 -1.99 -34.18
N GLN A 76 11.31 -3.29 -34.40
CA GLN A 76 10.76 -3.78 -35.67
C GLN A 76 9.36 -3.21 -35.91
N LYS A 77 9.24 -2.42 -36.96
CA LYS A 77 7.96 -1.81 -37.31
C LYS A 77 8.01 -1.16 -38.68
N LEU A 78 6.89 -1.17 -39.40
CA LEU A 78 6.82 -0.57 -40.72
C LEU A 78 7.19 0.91 -40.68
N VAL A 79 8.35 1.24 -41.23
CA VAL A 79 8.83 2.61 -41.25
C VAL A 79 9.63 2.90 -42.52
N ARG A 80 9.30 4.00 -43.17
CA ARG A 80 9.99 4.38 -44.41
C ARG A 80 9.82 5.89 -44.68
N SER A 81 10.94 6.55 -44.95
CA SER A 81 10.91 7.98 -45.23
C SER A 81 10.95 8.26 -46.73
N GLY A 82 10.90 9.54 -47.10
CA GLY A 82 10.93 9.91 -48.50
C GLY A 82 12.34 9.92 -49.06
N PRO A 83 12.49 10.52 -50.25
CA PRO A 83 13.79 10.62 -50.93
C PRO A 83 14.74 11.57 -50.21
N SER A 84 15.94 11.10 -49.92
CA SER A 84 16.94 11.90 -49.24
C SER A 84 17.97 12.45 -50.22
N SER A 85 18.88 13.27 -49.73
CA SER A 85 19.92 13.87 -50.57
C SER A 85 21.28 13.23 -50.27
N GLY A 86 22.15 13.23 -51.28
CA GLY A 86 23.48 12.65 -51.11
C GLY A 86 24.21 12.50 -52.43
ZN ZN B . 5.32 8.17 -1.62
ZN ZN C . 1.03 6.80 -12.52
N GLY A 1 -38.94 -18.06 64.33
CA GLY A 1 -38.20 -18.99 63.48
C GLY A 1 -36.74 -18.63 63.37
N SER A 2 -35.92 -19.60 62.97
CA SER A 2 -34.48 -19.38 62.84
C SER A 2 -33.93 -20.17 61.65
N SER A 3 -32.69 -19.86 61.28
CA SER A 3 -32.05 -20.54 60.15
C SER A 3 -30.69 -21.12 60.56
N GLY A 4 -30.04 -21.80 59.63
CA GLY A 4 -28.76 -22.40 59.92
C GLY A 4 -27.84 -22.42 58.71
N SER A 5 -27.31 -21.25 58.35
CA SER A 5 -26.42 -21.13 57.19
C SER A 5 -25.67 -19.80 57.21
N SER A 6 -24.48 -19.80 56.64
CA SER A 6 -23.66 -18.59 56.59
C SER A 6 -24.19 -17.62 55.54
N GLY A 7 -23.73 -16.38 55.61
CA GLY A 7 -24.17 -15.37 54.66
C GLY A 7 -23.43 -15.46 53.34
N CYS A 8 -23.95 -14.76 52.33
CA CYS A 8 -23.34 -14.77 51.01
C CYS A 8 -23.28 -13.36 50.43
N SER A 9 -22.26 -13.11 49.61
CA SER A 9 -22.08 -11.80 49.00
C SER A 9 -21.95 -11.92 47.49
N GLU A 10 -22.67 -11.06 46.77
CA GLU A 10 -22.64 -11.07 45.31
C GLU A 10 -21.59 -10.11 44.77
N VAL A 11 -21.24 -10.26 43.50
CA VAL A 11 -20.26 -9.39 42.87
C VAL A 11 -20.37 -9.44 41.35
N ASN A 12 -20.50 -8.28 40.73
CA ASN A 12 -20.61 -8.19 39.29
C ASN A 12 -20.51 -6.74 38.82
N VAL A 13 -20.02 -6.55 37.60
CA VAL A 13 -19.88 -5.21 37.02
C VAL A 13 -19.44 -5.28 35.57
N VAL A 14 -19.97 -4.38 34.76
CA VAL A 14 -19.64 -4.33 33.34
C VAL A 14 -18.30 -3.63 33.11
N LYS A 15 -17.57 -4.07 32.10
CA LYS A 15 -16.28 -3.49 31.76
C LYS A 15 -16.43 -2.36 30.74
N GLU A 16 -15.70 -1.27 30.96
CA GLU A 16 -15.75 -0.13 30.05
C GLU A 16 -15.35 -0.53 28.64
N ARG A 17 -16.20 -0.18 27.67
CA ARG A 17 -15.93 -0.52 26.28
C ARG A 17 -15.04 0.54 25.63
N PRO A 18 -13.88 0.11 25.11
CA PRO A 18 -12.93 1.01 24.46
C PRO A 18 -13.44 1.52 23.12
N LYS A 19 -13.58 2.84 23.01
CA LYS A 19 -14.05 3.46 21.77
C LYS A 19 -12.97 3.47 20.71
N THR A 20 -13.19 2.73 19.63
CA THR A 20 -12.22 2.67 18.54
C THR A 20 -12.62 3.57 17.39
N ASP A 21 -11.74 3.70 16.40
CA ASP A 21 -12.00 4.54 15.24
C ASP A 21 -11.73 3.77 13.95
N GLU A 22 -12.34 4.23 12.86
CA GLU A 22 -12.18 3.59 11.56
C GLU A 22 -11.34 4.45 10.63
N HIS A 23 -10.05 4.10 10.51
CA HIS A 23 -9.14 4.84 9.64
C HIS A 23 -8.36 3.90 8.73
N LYS A 24 -8.55 4.07 7.43
CA LYS A 24 -7.87 3.24 6.44
C LYS A 24 -6.48 3.79 6.13
N SER A 25 -5.56 2.90 5.76
CA SER A 25 -4.20 3.30 5.43
C SER A 25 -3.70 2.56 4.19
N TYR A 26 -3.23 3.31 3.21
CA TYR A 26 -2.72 2.73 1.97
C TYR A 26 -1.21 2.94 1.84
N SER A 27 -0.52 1.93 1.34
CA SER A 27 0.93 2.00 1.16
C SER A 27 1.28 2.55 -0.22
N CYS A 28 2.17 3.54 -0.25
CA CYS A 28 2.60 4.15 -1.49
C CYS A 28 3.15 3.10 -2.45
N SER A 29 2.93 3.30 -3.75
CA SER A 29 3.40 2.37 -4.76
C SER A 29 4.59 2.94 -5.51
N PHE A 30 5.45 3.67 -4.79
CA PHE A 30 6.63 4.28 -5.38
C PHE A 30 7.89 3.53 -4.97
N LYS A 31 8.91 3.58 -5.83
CA LYS A 31 10.17 2.91 -5.56
C LYS A 31 11.00 3.70 -4.56
N GLY A 32 10.92 3.32 -3.28
CA GLY A 32 11.67 4.01 -2.25
C GLY A 32 10.79 4.88 -1.38
N CYS A 33 9.62 4.36 -1.02
CA CYS A 33 8.68 5.10 -0.18
C CYS A 33 7.92 4.15 0.74
N THR A 34 7.93 4.46 2.04
CA THR A 34 7.24 3.62 3.03
C THR A 34 6.28 4.46 3.86
N ASP A 35 5.58 5.38 3.20
CA ASP A 35 4.62 6.24 3.88
C ASP A 35 3.19 5.86 3.49
N VAL A 36 2.26 6.10 4.41
CA VAL A 36 0.86 5.78 4.17
C VAL A 36 -0.02 7.03 4.34
N GLU A 37 -1.26 6.93 3.87
CA GLU A 37 -2.20 8.04 3.97
C GLU A 37 -3.62 7.54 4.18
N LEU A 38 -4.44 8.36 4.85
CA LEU A 38 -5.82 7.98 5.13
C LEU A 38 -6.55 7.61 3.84
N VAL A 39 -6.40 8.44 2.82
CA VAL A 39 -7.05 8.20 1.53
C VAL A 39 -6.15 7.37 0.62
N ALA A 40 -6.67 7.04 -0.56
CA ALA A 40 -5.91 6.25 -1.53
C ALA A 40 -5.82 6.99 -2.86
N VAL A 41 -4.70 7.68 -3.08
CA VAL A 41 -4.49 8.42 -4.31
C VAL A 41 -4.11 7.49 -5.46
N ILE A 42 -5.08 7.17 -6.30
CA ILE A 42 -4.85 6.29 -7.44
C ILE A 42 -4.53 7.08 -8.70
N CYS A 43 -3.63 6.54 -9.51
CA CYS A 43 -3.23 7.20 -10.75
C CYS A 43 -4.06 6.69 -11.92
N PRO A 44 -4.68 7.63 -12.66
CA PRO A 44 -5.52 7.30 -13.83
C PRO A 44 -4.68 6.78 -15.00
N TYR A 45 -3.39 6.59 -14.77
CA TYR A 45 -2.49 6.09 -15.80
C TYR A 45 -2.00 4.69 -15.48
N CYS A 46 -1.27 4.57 -14.37
CA CYS A 46 -0.73 3.28 -13.94
C CYS A 46 -1.71 2.56 -13.01
N GLU A 47 -2.77 3.28 -12.62
CA GLU A 47 -3.77 2.71 -11.72
C GLU A 47 -3.13 2.17 -10.45
N LYS A 48 -2.24 2.96 -9.86
CA LYS A 48 -1.55 2.57 -8.64
C LYS A 48 -1.78 3.59 -7.52
N ASN A 49 -1.71 3.12 -6.29
CA ASN A 49 -1.91 3.99 -5.13
C ASN A 49 -0.59 4.61 -4.68
N PHE A 50 -0.58 5.93 -4.50
CA PHE A 50 0.62 6.63 -4.07
C PHE A 50 0.29 7.61 -2.95
N CYS A 51 1.33 8.25 -2.41
CA CYS A 51 1.16 9.22 -1.33
C CYS A 51 1.07 10.63 -1.87
N LEU A 52 0.29 11.47 -1.21
CA LEU A 52 0.12 12.86 -1.63
C LEU A 52 1.42 13.41 -2.20
N ARG A 53 2.53 13.11 -1.55
CA ARG A 53 3.84 13.57 -1.99
C ARG A 53 4.16 13.05 -3.39
N HIS A 54 3.89 11.77 -3.61
CA HIS A 54 4.16 11.15 -4.91
C HIS A 54 2.84 10.88 -5.65
N ARG A 55 1.88 11.78 -5.49
CA ARG A 55 0.59 11.64 -6.14
C ARG A 55 0.67 12.03 -7.62
N HIS A 56 1.38 13.12 -7.89
CA HIS A 56 1.54 13.60 -9.26
C HIS A 56 2.17 12.52 -10.15
N GLN A 57 1.96 12.63 -11.46
CA GLN A 57 2.51 11.67 -12.40
C GLN A 57 4.03 11.72 -12.40
N SER A 58 4.58 12.92 -12.58
CA SER A 58 6.03 13.11 -12.61
C SER A 58 6.60 13.19 -11.20
N ASP A 59 6.07 12.36 -10.31
CA ASP A 59 6.52 12.33 -8.93
C ASP A 59 6.73 10.90 -8.45
N HIS A 60 5.88 9.99 -8.92
CA HIS A 60 5.97 8.59 -8.54
C HIS A 60 6.58 7.76 -9.67
N ASP A 61 7.33 8.42 -10.54
CA ASP A 61 7.97 7.75 -11.66
C ASP A 61 6.97 6.92 -12.46
N CYS A 62 5.84 7.55 -12.80
CA CYS A 62 4.80 6.88 -13.55
C CYS A 62 5.40 6.06 -14.71
N GLU A 63 5.20 4.75 -14.66
CA GLU A 63 5.72 3.87 -15.69
C GLU A 63 5.02 4.12 -17.02
N LYS A 64 3.76 4.53 -16.96
CA LYS A 64 2.97 4.81 -18.16
C LYS A 64 3.61 5.94 -18.97
N LEU A 65 4.05 6.99 -18.28
CA LEU A 65 4.67 8.13 -18.95
C LEU A 65 5.62 7.67 -20.04
N GLU A 66 5.93 8.56 -20.96
CA GLU A 66 6.84 8.24 -22.06
C GLU A 66 8.29 8.31 -21.61
N VAL A 67 8.57 7.72 -20.46
CA VAL A 67 9.93 7.71 -19.92
C VAL A 67 10.50 6.30 -19.89
N ALA A 68 10.93 5.82 -21.05
CA ALA A 68 11.52 4.49 -21.17
C ALA A 68 12.92 4.53 -21.75
N LYS A 69 13.91 4.51 -20.88
CA LYS A 69 15.31 4.55 -21.30
C LYS A 69 15.77 3.19 -21.82
N PRO A 70 16.33 3.17 -23.03
CA PRO A 70 16.83 1.94 -23.66
C PRO A 70 18.06 1.40 -22.96
N ARG A 71 18.45 2.02 -21.85
CA ARG A 71 19.61 1.59 -21.10
C ARG A 71 19.22 0.64 -19.97
N MET A 72 20.13 -0.26 -19.61
CA MET A 72 19.89 -1.22 -18.56
C MET A 72 19.08 -0.60 -17.43
N ALA A 73 18.22 -1.40 -16.81
CA ALA A 73 17.39 -0.93 -15.70
C ALA A 73 17.44 -1.89 -14.52
N ALA A 74 17.35 -1.34 -13.31
CA ALA A 74 17.39 -2.15 -12.10
C ALA A 74 16.01 -2.21 -11.44
N THR A 75 15.20 -3.16 -11.87
CA THR A 75 13.87 -3.33 -11.32
C THR A 75 13.69 -4.72 -10.70
N GLN A 76 13.79 -4.78 -9.39
CA GLN A 76 13.64 -6.05 -8.68
C GLN A 76 12.43 -6.01 -7.74
N LYS A 77 11.74 -7.13 -7.63
CA LYS A 77 10.57 -7.23 -6.77
C LYS A 77 10.98 -7.26 -5.30
N LEU A 78 10.24 -6.53 -4.47
CA LEU A 78 10.53 -6.48 -3.04
C LEU A 78 10.55 -7.88 -2.44
N VAL A 79 11.75 -8.39 -2.20
CA VAL A 79 11.92 -9.72 -1.61
C VAL A 79 11.01 -9.90 -0.40
N ARG A 80 10.94 -8.87 0.45
CA ARG A 80 10.11 -8.92 1.64
C ARG A 80 8.72 -8.35 1.37
N SER A 81 7.72 -9.21 1.38
CA SER A 81 6.35 -8.79 1.14
C SER A 81 5.38 -9.95 1.36
N GLY A 82 4.31 -9.68 2.12
CA GLY A 82 3.33 -10.71 2.40
C GLY A 82 3.09 -10.89 3.88
N PRO A 83 2.40 -9.91 4.51
CA PRO A 83 2.10 -9.94 5.94
C PRO A 83 1.07 -11.03 6.29
N SER A 84 0.58 -10.99 7.52
CA SER A 84 -0.41 -11.97 7.98
C SER A 84 -1.57 -12.05 7.00
N SER A 85 -1.61 -13.12 6.22
CA SER A 85 -2.67 -13.33 5.24
C SER A 85 -2.92 -12.05 4.44
N GLY A 86 -1.85 -11.45 3.94
CA GLY A 86 -1.98 -10.23 3.17
C GLY A 86 -2.11 -10.50 1.68
ZN ZN B . 5.29 7.97 -1.78
ZN ZN C . 1.06 6.90 -12.63
#